data_2O1N
# 
_entry.id   2O1N 
# 
_audit_conform.dict_name       mmcif_pdbx.dic 
_audit_conform.dict_version    5.397 
_audit_conform.dict_location   http://mmcif.pdb.org/dictionaries/ascii/mmcif_pdbx.dic 
# 
loop_
_database_2.database_id 
_database_2.database_code 
_database_2.pdbx_database_accession 
_database_2.pdbx_DOI 
PDB   2O1N         pdb_00002o1n 10.2210/pdb2o1n/pdb 
RCSB  RCSB040573   ?            ?                   
WWPDB D_1000040573 ?            ?                   
# 
loop_
_pdbx_audit_revision_history.ordinal 
_pdbx_audit_revision_history.data_content_type 
_pdbx_audit_revision_history.major_revision 
_pdbx_audit_revision_history.minor_revision 
_pdbx_audit_revision_history.revision_date 
1 'Structure model' 1 0 2006-12-19 
2 'Structure model' 1 1 2008-05-01 
3 'Structure model' 1 2 2011-07-13 
4 'Structure model' 1 3 2017-10-18 
5 'Structure model' 1 4 2023-08-30 
6 'Structure model' 1 5 2024-10-09 
# 
_pdbx_audit_revision_details.ordinal             1 
_pdbx_audit_revision_details.revision_ordinal    1 
_pdbx_audit_revision_details.data_content_type   'Structure model' 
_pdbx_audit_revision_details.provider            repository 
_pdbx_audit_revision_details.type                'Initial release' 
_pdbx_audit_revision_details.description         ? 
_pdbx_audit_revision_details.details             ? 
# 
loop_
_pdbx_audit_revision_group.ordinal 
_pdbx_audit_revision_group.revision_ordinal 
_pdbx_audit_revision_group.data_content_type 
_pdbx_audit_revision_group.group 
1 2 'Structure model' 'Version format compliance' 
2 3 'Structure model' 'Version format compliance' 
3 4 'Structure model' 'Refinement description'    
4 5 'Structure model' 'Data collection'           
5 5 'Structure model' 'Database references'       
6 5 'Structure model' 'Refinement description'    
7 6 'Structure model' 'Structure summary'         
# 
loop_
_pdbx_audit_revision_category.ordinal 
_pdbx_audit_revision_category.revision_ordinal 
_pdbx_audit_revision_category.data_content_type 
_pdbx_audit_revision_category.category 
1 4 'Structure model' software                      
2 5 'Structure model' chem_comp_atom                
3 5 'Structure model' chem_comp_bond                
4 5 'Structure model' database_2                    
5 5 'Structure model' pdbx_initial_refinement_model 
6 6 'Structure model' pdbx_entry_details            
7 6 'Structure model' pdbx_modification_feature     
# 
loop_
_pdbx_audit_revision_item.ordinal 
_pdbx_audit_revision_item.revision_ordinal 
_pdbx_audit_revision_item.data_content_type 
_pdbx_audit_revision_item.item 
1 4 'Structure model' '_software.name'                      
2 5 'Structure model' '_database_2.pdbx_DOI'                
3 5 'Structure model' '_database_2.pdbx_database_accession' 
# 
_pdbx_database_status.status_code                     REL 
_pdbx_database_status.entry_id                        2O1N 
_pdbx_database_status.recvd_initial_deposition_date   2006-11-29 
_pdbx_database_status.deposit_site                    RCSB 
_pdbx_database_status.process_site                    RCSB 
_pdbx_database_status.status_code_sf                  ? 
_pdbx_database_status.status_code_mr                  ? 
_pdbx_database_status.SG_entry                        ? 
_pdbx_database_status.pdb_format_compatible           Y 
_pdbx_database_status.status_code_cs                  ? 
_pdbx_database_status.methods_development_category    ? 
_pdbx_database_status.status_code_nmr_data            ? 
# 
loop_
_pdbx_database_related.db_name 
_pdbx_database_related.db_id 
_pdbx_database_related.details 
_pdbx_database_related.content_type 
PDB 1ZR8 
'Crystal Structure of the complex formed between group II phospholipase A2 and a plant alkaloid ajmaline at 2.0A resolution' 
unspecified 
PDB 1ZWP 
'The atomic resolution Crystal structure of the Phospholipase A2 (PLA2) complex with Nimesulide reveals its weaker binding to PLA2' 
unspecified 
# 
loop_
_audit_author.name 
_audit_author.pdbx_ordinal 
'Kumar, S.'   1 
'Singh, N.'   2 
'Sharma, S.'  3 
'Kaur, P.'    4 
'Singh, T.P.' 5 
# 
_citation.id                        primary 
_citation.title                     
'Crystal structure of a complex of phospholipase A2 with a peptide Ala-Ile-Ala-Ser at 2.8 A resolution' 
_citation.journal_abbrev            'To be Published' 
_citation.journal_volume            ? 
_citation.page_first                ? 
_citation.page_last                 ? 
_citation.year                      ? 
_citation.journal_id_ASTM           ? 
_citation.country                   ? 
_citation.journal_id_ISSN           ? 
_citation.journal_id_CSD            0353 
_citation.book_publisher            ? 
_citation.pdbx_database_id_PubMed   ? 
_citation.pdbx_database_id_DOI      ? 
# 
loop_
_citation_author.citation_id 
_citation_author.name 
_citation_author.ordinal 
_citation_author.identifier_ORCID 
primary 'Kumar, S.'   1 ? 
primary 'Singh, N.'   2 ? 
primary 'Sharma, S.'  3 ? 
primary 'Kaur, P.'    4 ? 
primary 'Singh, T.P.' 5 ? 
# 
loop_
_entity.id 
_entity.type 
_entity.src_method 
_entity.pdbx_description 
_entity.formula_weight 
_entity.pdbx_number_of_molecules 
_entity.pdbx_ec 
_entity.pdbx_mutation 
_entity.pdbx_fragment 
_entity.details 
1 polymer nat 'Phospholipase A2 VRV-PL-VIIIa' 13629.767 1  3.1.1.4 ? ? ? 
2 polymer syn 'Ala-Ile-Ala-Ser peptide'       360.406   1  ?       ? ? ? 
3 water   nat water                           18.015    50 ?       ? ? ? 
# 
_entity_name_com.entity_id   1 
_entity_name_com.name        'Phosphatidylcholine 2-acylhydrolase, DPLA2' 
# 
loop_
_entity_poly.entity_id 
_entity_poly.type 
_entity_poly.nstd_linkage 
_entity_poly.nstd_monomer 
_entity_poly.pdbx_seq_one_letter_code 
_entity_poly.pdbx_seq_one_letter_code_can 
_entity_poly.pdbx_strand_id 
_entity_poly.pdbx_target_identifier 
1 'polypeptide(L)' no no 
;SLLEFGKMILEETGKLAIPSYSSYGCYCGWGGKGTPKDATDRCCFVHDCCYGNLPDCNPKSDRYKYKRVNGAIVCEKGTS
CENRICECDKAAAICFRQNLNTYSKKYMLYPDFLCKGELKC
;
;SLLEFGKMILEETGKLAIPSYSSYGCYCGWGGKGTPKDATDRCCFVHDCCYGNLPDCNPKSDRYKYKRVNGAIVCEKGTS
CENRICECDKAAAICFRQNLNTYSKKYMLYPDFLCKGELKC
;
A ? 
2 'polypeptide(L)' no no AIAS AIAS P ? 
# 
_pdbx_entity_nonpoly.entity_id   3 
_pdbx_entity_nonpoly.name        water 
_pdbx_entity_nonpoly.comp_id     HOH 
# 
loop_
_entity_poly_seq.entity_id 
_entity_poly_seq.num 
_entity_poly_seq.mon_id 
_entity_poly_seq.hetero 
1 1   SER n 
1 2   LEU n 
1 3   LEU n 
1 4   GLU n 
1 5   PHE n 
1 6   GLY n 
1 7   LYS n 
1 8   MET n 
1 9   ILE n 
1 10  LEU n 
1 11  GLU n 
1 12  GLU n 
1 13  THR n 
1 14  GLY n 
1 15  LYS n 
1 16  LEU n 
1 17  ALA n 
1 18  ILE n 
1 19  PRO n 
1 20  SER n 
1 21  TYR n 
1 22  SER n 
1 23  SER n 
1 24  TYR n 
1 25  GLY n 
1 26  CYS n 
1 27  TYR n 
1 28  CYS n 
1 29  GLY n 
1 30  TRP n 
1 31  GLY n 
1 32  GLY n 
1 33  LYS n 
1 34  GLY n 
1 35  THR n 
1 36  PRO n 
1 37  LYS n 
1 38  ASP n 
1 39  ALA n 
1 40  THR n 
1 41  ASP n 
1 42  ARG n 
1 43  CYS n 
1 44  CYS n 
1 45  PHE n 
1 46  VAL n 
1 47  HIS n 
1 48  ASP n 
1 49  CYS n 
1 50  CYS n 
1 51  TYR n 
1 52  GLY n 
1 53  ASN n 
1 54  LEU n 
1 55  PRO n 
1 56  ASP n 
1 57  CYS n 
1 58  ASN n 
1 59  PRO n 
1 60  LYS n 
1 61  SER n 
1 62  ASP n 
1 63  ARG n 
1 64  TYR n 
1 65  LYS n 
1 66  TYR n 
1 67  LYS n 
1 68  ARG n 
1 69  VAL n 
1 70  ASN n 
1 71  GLY n 
1 72  ALA n 
1 73  ILE n 
1 74  VAL n 
1 75  CYS n 
1 76  GLU n 
1 77  LYS n 
1 78  GLY n 
1 79  THR n 
1 80  SER n 
1 81  CYS n 
1 82  GLU n 
1 83  ASN n 
1 84  ARG n 
1 85  ILE n 
1 86  CYS n 
1 87  GLU n 
1 88  CYS n 
1 89  ASP n 
1 90  LYS n 
1 91  ALA n 
1 92  ALA n 
1 93  ALA n 
1 94  ILE n 
1 95  CYS n 
1 96  PHE n 
1 97  ARG n 
1 98  GLN n 
1 99  ASN n 
1 100 LEU n 
1 101 ASN n 
1 102 THR n 
1 103 TYR n 
1 104 SER n 
1 105 LYS n 
1 106 LYS n 
1 107 TYR n 
1 108 MET n 
1 109 LEU n 
1 110 TYR n 
1 111 PRO n 
1 112 ASP n 
1 113 PHE n 
1 114 LEU n 
1 115 CYS n 
1 116 LYS n 
1 117 GLY n 
1 118 GLU n 
1 119 LEU n 
1 120 LYS n 
1 121 CYS n 
2 1   ALA n 
2 2   ILE n 
2 3   ALA n 
2 4   SER n 
# 
_entity_src_nat.entity_id                  1 
_entity_src_nat.pdbx_src_id                1 
_entity_src_nat.pdbx_alt_source_flag       sample 
_entity_src_nat.pdbx_beg_seq_num           ? 
_entity_src_nat.pdbx_end_seq_num           ? 
_entity_src_nat.common_name                ? 
_entity_src_nat.pdbx_organism_scientific   'Daboia russellii pulchella' 
_entity_src_nat.pdbx_ncbi_taxonomy_id      97228 
_entity_src_nat.genus                      Daboia 
_entity_src_nat.species                    'Daboia russellii' 
_entity_src_nat.strain                     pulchella 
_entity_src_nat.tissue                     ? 
_entity_src_nat.tissue_fraction            ? 
_entity_src_nat.pdbx_secretion             ? 
_entity_src_nat.pdbx_fragment              ? 
_entity_src_nat.pdbx_variant               ? 
_entity_src_nat.pdbx_cell_line             ? 
_entity_src_nat.pdbx_atcc                  ? 
_entity_src_nat.pdbx_cellular_location     ? 
_entity_src_nat.pdbx_organ                 ? 
_entity_src_nat.pdbx_organelle             ? 
_entity_src_nat.pdbx_cell                  ? 
_entity_src_nat.pdbx_plasmid_name          ? 
_entity_src_nat.pdbx_plasmid_details       ? 
_entity_src_nat.details                    ? 
# 
loop_
_chem_comp.id 
_chem_comp.type 
_chem_comp.mon_nstd_flag 
_chem_comp.name 
_chem_comp.pdbx_synonyms 
_chem_comp.formula 
_chem_comp.formula_weight 
ALA 'L-peptide linking' y ALANINE         ? 'C3 H7 N O2'     89.093  
ARG 'L-peptide linking' y ARGININE        ? 'C6 H15 N4 O2 1' 175.209 
ASN 'L-peptide linking' y ASPARAGINE      ? 'C4 H8 N2 O3'    132.118 
ASP 'L-peptide linking' y 'ASPARTIC ACID' ? 'C4 H7 N O4'     133.103 
CYS 'L-peptide linking' y CYSTEINE        ? 'C3 H7 N O2 S'   121.158 
GLN 'L-peptide linking' y GLUTAMINE       ? 'C5 H10 N2 O3'   146.144 
GLU 'L-peptide linking' y 'GLUTAMIC ACID' ? 'C5 H9 N O4'     147.129 
GLY 'peptide linking'   y GLYCINE         ? 'C2 H5 N O2'     75.067  
HIS 'L-peptide linking' y HISTIDINE       ? 'C6 H10 N3 O2 1' 156.162 
HOH non-polymer         . WATER           ? 'H2 O'           18.015  
ILE 'L-peptide linking' y ISOLEUCINE      ? 'C6 H13 N O2'    131.173 
LEU 'L-peptide linking' y LEUCINE         ? 'C6 H13 N O2'    131.173 
LYS 'L-peptide linking' y LYSINE          ? 'C6 H15 N2 O2 1' 147.195 
MET 'L-peptide linking' y METHIONINE      ? 'C5 H11 N O2 S'  149.211 
PHE 'L-peptide linking' y PHENYLALANINE   ? 'C9 H11 N O2'    165.189 
PRO 'L-peptide linking' y PROLINE         ? 'C5 H9 N O2'     115.130 
SER 'L-peptide linking' y SERINE          ? 'C3 H7 N O3'     105.093 
THR 'L-peptide linking' y THREONINE       ? 'C4 H9 N O3'     119.119 
TRP 'L-peptide linking' y TRYPTOPHAN      ? 'C11 H12 N2 O2'  204.225 
TYR 'L-peptide linking' y TYROSINE        ? 'C9 H11 N O3'    181.189 
VAL 'L-peptide linking' y VALINE          ? 'C5 H11 N O2'    117.146 
# 
loop_
_pdbx_poly_seq_scheme.asym_id 
_pdbx_poly_seq_scheme.entity_id 
_pdbx_poly_seq_scheme.seq_id 
_pdbx_poly_seq_scheme.mon_id 
_pdbx_poly_seq_scheme.ndb_seq_num 
_pdbx_poly_seq_scheme.pdb_seq_num 
_pdbx_poly_seq_scheme.auth_seq_num 
_pdbx_poly_seq_scheme.pdb_mon_id 
_pdbx_poly_seq_scheme.auth_mon_id 
_pdbx_poly_seq_scheme.pdb_strand_id 
_pdbx_poly_seq_scheme.pdb_ins_code 
_pdbx_poly_seq_scheme.hetero 
A 1 1   SER 1   1   1   SER SER A . n 
A 1 2   LEU 2   2   2   LEU LEU A . n 
A 1 3   LEU 3   3   3   LEU LEU A . n 
A 1 4   GLU 4   4   4   GLU GLU A . n 
A 1 5   PHE 5   5   5   PHE PHE A . n 
A 1 6   GLY 6   6   6   GLY GLY A . n 
A 1 7   LYS 7   7   7   LYS LYS A . n 
A 1 8   MET 8   8   8   MET MET A . n 
A 1 9   ILE 9   9   9   ILE ILE A . n 
A 1 10  LEU 10  10  10  LEU LEU A . n 
A 1 11  GLU 11  11  11  GLU GLU A . n 
A 1 12  GLU 12  12  12  GLU GLU A . n 
A 1 13  THR 13  13  13  THR THR A . n 
A 1 14  GLY 14  14  14  GLY GLY A . n 
A 1 15  LYS 15  16  16  LYS LYS A . n 
A 1 16  LEU 16  17  17  LEU LEU A . n 
A 1 17  ALA 17  18  18  ALA ALA A . n 
A 1 18  ILE 18  19  19  ILE ILE A . n 
A 1 19  PRO 19  20  20  PRO PRO A . n 
A 1 20  SER 20  21  21  SER SER A . n 
A 1 21  TYR 21  22  22  TYR TYR A . n 
A 1 22  SER 22  23  23  SER SER A . n 
A 1 23  SER 23  24  24  SER SER A . n 
A 1 24  TYR 24  25  25  TYR TYR A . n 
A 1 25  GLY 25  26  26  GLY GLY A . n 
A 1 26  CYS 26  27  27  CYS CYS A . n 
A 1 27  TYR 27  28  28  TYR TYR A . n 
A 1 28  CYS 28  29  29  CYS CYS A . n 
A 1 29  GLY 29  30  30  GLY GLY A . n 
A 1 30  TRP 30  31  31  TRP TRP A . n 
A 1 31  GLY 31  32  32  GLY GLY A . n 
A 1 32  GLY 32  33  33  GLY GLY A . n 
A 1 33  LYS 33  34  34  LYS LYS A . n 
A 1 34  GLY 34  35  35  GLY GLY A . n 
A 1 35  THR 35  36  36  THR THR A . n 
A 1 36  PRO 36  37  37  PRO PRO A . n 
A 1 37  LYS 37  38  38  LYS LYS A . n 
A 1 38  ASP 38  39  39  ASP ASP A . n 
A 1 39  ALA 39  40  40  ALA ALA A . n 
A 1 40  THR 40  41  41  THR THR A . n 
A 1 41  ASP 41  42  42  ASP ASP A . n 
A 1 42  ARG 42  43  43  ARG ARG A . n 
A 1 43  CYS 43  44  44  CYS CYS A . n 
A 1 44  CYS 44  45  45  CYS CYS A . n 
A 1 45  PHE 45  46  46  PHE PHE A . n 
A 1 46  VAL 46  47  47  VAL VAL A . n 
A 1 47  HIS 47  48  48  HIS HIS A . n 
A 1 48  ASP 48  49  49  ASP ASP A . n 
A 1 49  CYS 49  50  50  CYS CYS A . n 
A 1 50  CYS 50  51  51  CYS CYS A . n 
A 1 51  TYR 51  52  52  TYR TYR A . n 
A 1 52  GLY 52  53  53  GLY GLY A . n 
A 1 53  ASN 53  54  54  ASN ASN A . n 
A 1 54  LEU 54  55  55  LEU LEU A . n 
A 1 55  PRO 55  56  56  PRO PRO A . n 
A 1 56  ASP 56  59  59  ASP ASP A . n 
A 1 57  CYS 57  61  61  CYS CYS A . n 
A 1 58  ASN 58  67  67  ASN ASN A . n 
A 1 59  PRO 59  68  68  PRO PRO A . n 
A 1 60  LYS 60  69  69  LYS LYS A . n 
A 1 61  SER 61  70  70  SER SER A . n 
A 1 62  ASP 62  71  71  ASP ASP A . n 
A 1 63  ARG 63  72  72  ARG ARG A . n 
A 1 64  TYR 64  73  73  TYR TYR A . n 
A 1 65  LYS 65  74  74  LYS LYS A . n 
A 1 66  TYR 66  75  75  TYR TYR A . n 
A 1 67  LYS 67  76  76  LYS LYS A . n 
A 1 68  ARG 68  77  77  ARG ARG A . n 
A 1 69  VAL 69  78  78  VAL VAL A . n 
A 1 70  ASN 70  79  79  ASN ASN A . n 
A 1 71  GLY 71  80  80  GLY GLY A . n 
A 1 72  ALA 72  81  81  ALA ALA A . n 
A 1 73  ILE 73  82  82  ILE ILE A . n 
A 1 74  VAL 74  83  83  VAL VAL A . n 
A 1 75  CYS 75  84  84  CYS CYS A . n 
A 1 76  GLU 76  85  85  GLU GLU A . n 
A 1 77  LYS 77  86  86  LYS LYS A . n 
A 1 78  GLY 78  88  88  GLY GLY A . n 
A 1 79  THR 79  89  89  THR THR A . n 
A 1 80  SER 80  90  90  SER SER A . n 
A 1 81  CYS 81  91  91  CYS CYS A . n 
A 1 82  GLU 82  92  92  GLU GLU A . n 
A 1 83  ASN 83  93  93  ASN ASN A . n 
A 1 84  ARG 84  94  94  ARG ARG A . n 
A 1 85  ILE 85  95  95  ILE ILE A . n 
A 1 86  CYS 86  96  96  CYS CYS A . n 
A 1 87  GLU 87  97  97  GLU GLU A . n 
A 1 88  CYS 88  98  98  CYS CYS A . n 
A 1 89  ASP 89  99  99  ASP ASP A . n 
A 1 90  LYS 90  100 100 LYS LYS A . n 
A 1 91  ALA 91  101 101 ALA ALA A . n 
A 1 92  ALA 92  102 102 ALA ALA A . n 
A 1 93  ALA 93  103 103 ALA ALA A . n 
A 1 94  ILE 94  104 104 ILE ILE A . n 
A 1 95  CYS 95  105 105 CYS CYS A . n 
A 1 96  PHE 96  106 106 PHE PHE A . n 
A 1 97  ARG 97  107 107 ARG ARG A . n 
A 1 98  GLN 98  108 108 GLN GLN A . n 
A 1 99  ASN 99  109 109 ASN ASN A . n 
A 1 100 LEU 100 110 110 LEU LEU A . n 
A 1 101 ASN 101 111 111 ASN ASN A . n 
A 1 102 THR 102 112 112 THR THR A . n 
A 1 103 TYR 103 113 113 TYR TYR A . n 
A 1 104 SER 104 114 114 SER SER A . n 
A 1 105 LYS 105 115 115 LYS LYS A . n 
A 1 106 LYS 106 116 116 LYS LYS A . n 
A 1 107 TYR 107 117 117 TYR TYR A . n 
A 1 108 MET 108 118 118 MET MET A . n 
A 1 109 LEU 109 119 119 LEU LEU A . n 
A 1 110 TYR 110 120 120 TYR TYR A . n 
A 1 111 PRO 111 121 121 PRO PRO A . n 
A 1 112 ASP 112 122 122 ASP ASP A . n 
A 1 113 PHE 113 124 124 PHE PHE A . n 
A 1 114 LEU 114 125 125 LEU LEU A . n 
A 1 115 CYS 115 126 126 CYS CYS A . n 
A 1 116 LYS 116 127 127 LYS LYS A . n 
A 1 117 GLY 117 128 128 GLY GLY A . n 
A 1 118 GLU 118 129 129 GLU GLU A . n 
A 1 119 LEU 119 130 130 LEU LEU A . n 
A 1 120 LYS 120 131 131 LYS LYS A . n 
A 1 121 CYS 121 133 133 CYS CYS A . n 
B 2 1   ALA 1   1   1   ALA ALA P . n 
B 2 2   ILE 2   2   2   ILE ILE P . n 
B 2 3   ALA 3   3   3   ALA ALA P . n 
B 2 4   SER 4   4   4   SER SER P . n 
# 
loop_
_pdbx_nonpoly_scheme.asym_id 
_pdbx_nonpoly_scheme.entity_id 
_pdbx_nonpoly_scheme.mon_id 
_pdbx_nonpoly_scheme.ndb_seq_num 
_pdbx_nonpoly_scheme.pdb_seq_num 
_pdbx_nonpoly_scheme.auth_seq_num 
_pdbx_nonpoly_scheme.pdb_mon_id 
_pdbx_nonpoly_scheme.auth_mon_id 
_pdbx_nonpoly_scheme.pdb_strand_id 
_pdbx_nonpoly_scheme.pdb_ins_code 
C 3 HOH 1  134 1  HOH HOH A . 
C 3 HOH 2  135 2  HOH HOH A . 
C 3 HOH 3  136 3  HOH HOH A . 
C 3 HOH 4  137 4  HOH HOH A . 
C 3 HOH 5  138 5  HOH HOH A . 
C 3 HOH 6  139 6  HOH HOH A . 
C 3 HOH 7  140 7  HOH HOH A . 
C 3 HOH 8  141 8  HOH HOH A . 
C 3 HOH 9  142 9  HOH HOH A . 
C 3 HOH 10 143 10 HOH HOH A . 
C 3 HOH 11 144 11 HOH HOH A . 
C 3 HOH 12 145 12 HOH HOH A . 
C 3 HOH 13 146 13 HOH HOH A . 
C 3 HOH 14 147 14 HOH HOH A . 
C 3 HOH 15 148 15 HOH HOH A . 
C 3 HOH 16 149 16 HOH HOH A . 
C 3 HOH 17 150 17 HOH HOH A . 
C 3 HOH 18 151 18 HOH HOH A . 
C 3 HOH 19 152 19 HOH HOH A . 
C 3 HOH 20 153 20 HOH HOH A . 
C 3 HOH 21 154 21 HOH HOH A . 
C 3 HOH 22 155 22 HOH HOH A . 
C 3 HOH 23 156 23 HOH HOH A . 
C 3 HOH 24 157 24 HOH HOH A . 
C 3 HOH 25 158 25 HOH HOH A . 
C 3 HOH 26 159 26 HOH HOH A . 
C 3 HOH 27 160 27 HOH HOH A . 
C 3 HOH 28 161 28 HOH HOH A . 
C 3 HOH 29 162 29 HOH HOH A . 
C 3 HOH 30 163 30 HOH HOH A . 
C 3 HOH 31 164 31 HOH HOH A . 
C 3 HOH 32 165 32 HOH HOH A . 
C 3 HOH 33 166 33 HOH HOH A . 
C 3 HOH 34 167 34 HOH HOH A . 
C 3 HOH 35 168 35 HOH HOH A . 
C 3 HOH 36 169 36 HOH HOH A . 
C 3 HOH 37 170 37 HOH HOH A . 
C 3 HOH 38 171 38 HOH HOH A . 
C 3 HOH 39 172 39 HOH HOH A . 
C 3 HOH 40 173 40 HOH HOH A . 
C 3 HOH 41 174 41 HOH HOH A . 
C 3 HOH 42 175 42 HOH HOH A . 
C 3 HOH 43 176 43 HOH HOH A . 
C 3 HOH 44 177 44 HOH HOH A . 
C 3 HOH 45 178 45 HOH HOH A . 
C 3 HOH 46 179 46 HOH HOH A . 
C 3 HOH 47 180 47 HOH HOH A . 
C 3 HOH 48 181 48 HOH HOH A . 
C 3 HOH 49 182 49 HOH HOH A . 
C 3 HOH 50 183 50 HOH HOH A . 
# 
loop_
_pdbx_unobs_or_zero_occ_atoms.id 
_pdbx_unobs_or_zero_occ_atoms.PDB_model_num 
_pdbx_unobs_or_zero_occ_atoms.polymer_flag 
_pdbx_unobs_or_zero_occ_atoms.occupancy_flag 
_pdbx_unobs_or_zero_occ_atoms.auth_asym_id 
_pdbx_unobs_or_zero_occ_atoms.auth_comp_id 
_pdbx_unobs_or_zero_occ_atoms.auth_seq_id 
_pdbx_unobs_or_zero_occ_atoms.PDB_ins_code 
_pdbx_unobs_or_zero_occ_atoms.auth_atom_id 
_pdbx_unobs_or_zero_occ_atoms.label_alt_id 
_pdbx_unobs_or_zero_occ_atoms.label_asym_id 
_pdbx_unobs_or_zero_occ_atoms.label_comp_id 
_pdbx_unobs_or_zero_occ_atoms.label_seq_id 
_pdbx_unobs_or_zero_occ_atoms.label_atom_id 
1 1 Y 1 A LYS 115 ? CB ? A LYS 105 CB 
2 1 Y 1 A LYS 115 ? CG ? A LYS 105 CG 
3 1 Y 1 A LYS 115 ? CD ? A LYS 105 CD 
4 1 Y 1 A LYS 115 ? CE ? A LYS 105 CE 
5 1 Y 1 A LYS 115 ? NZ ? A LYS 105 NZ 
# 
loop_
_software.name 
_software.classification 
_software.version 
_software.citation_id 
_software.pdbx_ordinal 
CNS       refinement        0.9    ? 1 
MAR345    'data collection' 345DTB ? 2 
AUTOMAR   'data reduction'  .      ? 3 
SCALEPACK 'data scaling'    .      ? 4 
AMoRE     phasing           .      ? 5 
# 
_cell.entry_id           2O1N 
_cell.length_a           52.960 
_cell.length_b           52.960 
_cell.length_c           48.630 
_cell.angle_alpha        90.00 
_cell.angle_beta         90.00 
_cell.angle_gamma        90.00 
_cell.Z_PDB              4 
_cell.pdbx_unique_axis   ? 
_cell.length_a_esd       ? 
_cell.length_b_esd       ? 
_cell.length_c_esd       ? 
_cell.angle_alpha_esd    ? 
_cell.angle_beta_esd     ? 
_cell.angle_gamma_esd    ? 
# 
_symmetry.entry_id                         2O1N 
_symmetry.space_group_name_H-M             'P 43' 
_symmetry.pdbx_full_space_group_name_H-M   ? 
_symmetry.cell_setting                     ? 
_symmetry.Int_Tables_number                78 
_symmetry.space_group_name_Hall            ? 
# 
_exptl.entry_id          2O1N 
_exptl.method            'X-RAY DIFFRACTION' 
_exptl.crystals_number   1 
# 
_exptl_crystal.id                    1 
_exptl_crystal.density_meas          ? 
_exptl_crystal.density_Matthews      2.43 
_exptl_crystal.density_percent_sol   49.42 
_exptl_crystal.description           ? 
_exptl_crystal.F_000                 ? 
_exptl_crystal.preparation           ? 
# 
_exptl_crystal_grow.crystal_id      1 
_exptl_crystal_grow.method          'VAPOR DIFFUSION, HANGING DROP' 
_exptl_crystal_grow.temp            298 
_exptl_crystal_grow.temp_details    ? 
_exptl_crystal_grow.pH              4.6 
_exptl_crystal_grow.pdbx_details    
'PEG 4000, 0.2 M Ammonium Sulphate, sodium acetate, pH 4.6, VAPOR DIFFUSION, HANGING DROP, temperature 298K' 
_exptl_crystal_grow.pdbx_pH_range   . 
# 
_diffrn.id                     1 
_diffrn.ambient_temp           292 
_diffrn.ambient_temp_details   ? 
_diffrn.crystal_id             1 
# 
_diffrn_detector.diffrn_id              1 
_diffrn_detector.detector               'IMAGE PLATE' 
_diffrn_detector.type                   'MAR scanner 345 mm plate' 
_diffrn_detector.pdbx_collection_date   2006-11-26 
_diffrn_detector.details                Mirror 
# 
_diffrn_radiation.diffrn_id                        1 
_diffrn_radiation.wavelength_id                    1 
_diffrn_radiation.pdbx_monochromatic_or_laue_m_l   M 
_diffrn_radiation.monochromator                    graphite 
_diffrn_radiation.pdbx_diffrn_protocol             'SINGLE WAVELENGTH' 
_diffrn_radiation.pdbx_scattering_type             x-ray 
# 
_diffrn_radiation_wavelength.id           1 
_diffrn_radiation_wavelength.wavelength   1.54132 
_diffrn_radiation_wavelength.wt           1.0 
# 
_diffrn_source.diffrn_id                   1 
_diffrn_source.source                      'ROTATING ANODE' 
_diffrn_source.type                        'RIGAKU RU300' 
_diffrn_source.pdbx_synchrotron_site       ? 
_diffrn_source.pdbx_synchrotron_beamline   ? 
_diffrn_source.pdbx_wavelength             1.54132 
_diffrn_source.pdbx_wavelength_list        ? 
# 
_reflns.entry_id                     2O1N 
_reflns.observed_criterion_sigma_I   0 
_reflns.observed_criterion_sigma_F   0 
_reflns.d_resolution_low             20 
_reflns.d_resolution_high            2.8 
_reflns.number_obs                   3224 
_reflns.number_all                   3231 
_reflns.percent_possible_obs         94.7 
_reflns.pdbx_Rmerge_I_obs            ? 
_reflns.pdbx_Rsym_value              ? 
_reflns.pdbx_netI_over_sigmaI        ? 
_reflns.B_iso_Wilson_estimate        46.5 
_reflns.pdbx_redundancy              ? 
_reflns.R_free_details               ? 
_reflns.limit_h_max                  ? 
_reflns.limit_h_min                  ? 
_reflns.limit_k_max                  ? 
_reflns.limit_k_min                  ? 
_reflns.limit_l_max                  ? 
_reflns.limit_l_min                  ? 
_reflns.observed_criterion_F_max     ? 
_reflns.observed_criterion_F_min     ? 
_reflns.pdbx_chi_squared             ? 
_reflns.pdbx_scaling_rejects         ? 
_reflns.pdbx_diffrn_id               1 
_reflns.pdbx_ordinal                 1 
# 
_reflns_shell.d_res_high             2.8 
_reflns_shell.d_res_low              2.84 
_reflns_shell.percent_possible_all   82.1 
_reflns_shell.Rmerge_I_obs           ? 
_reflns_shell.pdbx_Rsym_value        ? 
_reflns_shell.meanI_over_sigI_obs    ? 
_reflns_shell.pdbx_redundancy        ? 
_reflns_shell.percent_possible_obs   ? 
_reflns_shell.number_unique_all      ? 
_reflns_shell.number_measured_all    ? 
_reflns_shell.number_measured_obs    ? 
_reflns_shell.number_unique_obs      ? 
_reflns_shell.pdbx_chi_squared       ? 
_reflns_shell.pdbx_diffrn_id         ? 
_reflns_shell.pdbx_ordinal           1 
# 
_refine.entry_id                                 2O1N 
_refine.ls_number_reflns_obs                     3224 
_refine.ls_number_reflns_all                     3231 
_refine.pdbx_ls_sigma_I                          0 
_refine.pdbx_ls_sigma_F                          0.0 
_refine.pdbx_data_cutoff_high_absF               63246.63 
_refine.pdbx_data_cutoff_low_absF                0.000000 
_refine.pdbx_data_cutoff_high_rms_absF           ? 
_refine.ls_d_res_low                             18.73 
_refine.ls_d_res_high                            2.80 
_refine.ls_percent_reflns_obs                    95.0 
_refine.ls_R_factor_obs                          0.188 
_refine.ls_R_factor_all                          0.201 
_refine.ls_R_factor_R_work                       0.188 
_refine.ls_R_factor_R_free                       0.227 
_refine.ls_R_factor_R_free_error                 0.017 
_refine.ls_R_factor_R_free_error_details         ? 
_refine.ls_percent_reflns_R_free                 5.3 
_refine.ls_number_reflns_R_free                  172 
_refine.ls_number_parameters                     ? 
_refine.ls_number_restraints                     ? 
_refine.occupancy_min                            ? 
_refine.occupancy_max                            ? 
_refine.correlation_coeff_Fo_to_Fc               ? 
_refine.correlation_coeff_Fo_to_Fc_free          ? 
_refine.B_iso_mean                               32.8 
_refine.aniso_B[1][1]                            2.32 
_refine.aniso_B[2][2]                            2.32 
_refine.aniso_B[3][3]                            -4.64 
_refine.aniso_B[1][2]                            0.00 
_refine.aniso_B[1][3]                            0.00 
_refine.aniso_B[2][3]                            0.00 
_refine.solvent_model_details                    'FLAT MODEL' 
_refine.solvent_model_param_ksol                 0.319625 
_refine.solvent_model_param_bsol                 38.8436 
_refine.pdbx_solvent_vdw_probe_radii             ? 
_refine.pdbx_solvent_ion_probe_radii             ? 
_refine.pdbx_solvent_shrinkage_radii             ? 
_refine.pdbx_ls_cross_valid_method               THROUGHOUT 
_refine.details                                  ? 
_refine.pdbx_starting_model                      'pdb entry 1SV3' 
_refine.pdbx_method_to_determine_struct          'MOLECULAR REPLACEMENT' 
_refine.pdbx_isotropic_thermal_model             RESTRAINED 
_refine.pdbx_stereochemistry_target_values       'Engh & Huber' 
_refine.pdbx_stereochem_target_val_spec_case     ? 
_refine.pdbx_R_Free_selection_details            RANDOM 
_refine.pdbx_overall_ESU_R                       ? 
_refine.pdbx_overall_ESU_R_Free                  ? 
_refine.overall_SU_ML                            ? 
_refine.overall_SU_B                             ? 
_refine.ls_redundancy_reflns_obs                 ? 
_refine.B_iso_min                                ? 
_refine.B_iso_max                                ? 
_refine.overall_SU_R_Cruickshank_DPI             ? 
_refine.overall_SU_R_free                        ? 
_refine.ls_wR_factor_R_free                      ? 
_refine.ls_wR_factor_R_work                      ? 
_refine.overall_FOM_free_R_set                   ? 
_refine.overall_FOM_work_R_set                   ? 
_refine.pdbx_refine_id                           'X-RAY DIFFRACTION' 
_refine.pdbx_diffrn_id                           1 
_refine.pdbx_TLS_residual_ADP_flag               ? 
_refine.pdbx_overall_phase_error                 ? 
_refine.pdbx_overall_SU_R_free_Cruickshank_DPI   ? 
_refine.pdbx_overall_SU_R_Blow_DPI               ? 
_refine.pdbx_overall_SU_R_free_Blow_DPI          ? 
# 
_refine_analyze.entry_id                        2O1N 
_refine_analyze.Luzzati_coordinate_error_obs    0.28 
_refine_analyze.Luzzati_sigma_a_obs             0.32 
_refine_analyze.Luzzati_d_res_low_obs           5.00 
_refine_analyze.Luzzati_coordinate_error_free   0.32 
_refine_analyze.Luzzati_sigma_a_free            0.35 
_refine_analyze.Luzzati_d_res_low_free          ? 
_refine_analyze.number_disordered_residues      ? 
_refine_analyze.occupancy_sum_hydrogen          ? 
_refine_analyze.occupancy_sum_non_hydrogen      ? 
_refine_analyze.pdbx_Luzzati_d_res_high_obs     ? 
_refine_analyze.pdbx_refine_id                  'X-RAY DIFFRACTION' 
# 
_refine_hist.pdbx_refine_id                   'X-RAY DIFFRACTION' 
_refine_hist.cycle_id                         LAST 
_refine_hist.pdbx_number_atoms_protein        963 
_refine_hist.pdbx_number_atoms_nucleic_acid   0 
_refine_hist.pdbx_number_atoms_ligand         0 
_refine_hist.number_atoms_solvent             50 
_refine_hist.number_atoms_total               1013 
_refine_hist.d_res_high                       2.80 
_refine_hist.d_res_low                        18.73 
# 
loop_
_refine_ls_restr.type 
_refine_ls_restr.dev_ideal 
_refine_ls_restr.dev_ideal_target 
_refine_ls_restr.weight 
_refine_ls_restr.number 
_refine_ls_restr.pdbx_refine_id 
_refine_ls_restr.pdbx_restraint_function 
c_bond_d                0.009 ?    ? ? 'X-RAY DIFFRACTION' ? 
c_bond_d_na             ?     ?    ? ? 'X-RAY DIFFRACTION' ? 
c_bond_d_prot           ?     ?    ? ? 'X-RAY DIFFRACTION' ? 
c_angle_d               ?     ?    ? ? 'X-RAY DIFFRACTION' ? 
c_angle_d_na            ?     ?    ? ? 'X-RAY DIFFRACTION' ? 
c_angle_d_prot          ?     ?    ? ? 'X-RAY DIFFRACTION' ? 
c_angle_deg             1.6   ?    ? ? 'X-RAY DIFFRACTION' ? 
c_angle_deg_na          ?     ?    ? ? 'X-RAY DIFFRACTION' ? 
c_angle_deg_prot        ?     ?    ? ? 'X-RAY DIFFRACTION' ? 
c_dihedral_angle_d      22.6  ?    ? ? 'X-RAY DIFFRACTION' ? 
c_dihedral_angle_d_na   ?     ?    ? ? 'X-RAY DIFFRACTION' ? 
c_dihedral_angle_d_prot ?     ?    ? ? 'X-RAY DIFFRACTION' ? 
c_improper_angle_d      0.80  ?    ? ? 'X-RAY DIFFRACTION' ? 
c_improper_angle_d_na   ?     ?    ? ? 'X-RAY DIFFRACTION' ? 
c_improper_angle_d_prot ?     ?    ? ? 'X-RAY DIFFRACTION' ? 
c_mcbond_it             1.45  1.50 ? ? 'X-RAY DIFFRACTION' ? 
c_mcangle_it            2.47  2.00 ? ? 'X-RAY DIFFRACTION' ? 
c_scbond_it             2.23  2.00 ? ? 'X-RAY DIFFRACTION' ? 
c_scangle_it            3.43  2.50 ? ? 'X-RAY DIFFRACTION' ? 
# 
_refine_ls_shell.pdbx_total_number_of_bins_used   6 
_refine_ls_shell.d_res_high                       2.80 
_refine_ls_shell.d_res_low                        2.97 
_refine_ls_shell.number_reflns_R_work             459 
_refine_ls_shell.R_factor_R_work                  0.25 
_refine_ls_shell.percent_reflns_obs               85.3 
_refine_ls_shell.R_factor_R_free                  0.307 
_refine_ls_shell.R_factor_R_free_error            0.056 
_refine_ls_shell.percent_reflns_R_free            6.1 
_refine_ls_shell.number_reflns_R_free             30 
_refine_ls_shell.number_reflns_all                ? 
_refine_ls_shell.R_factor_all                     ? 
_refine_ls_shell.number_reflns_obs                ? 
_refine_ls_shell.redundancy_reflns_obs            ? 
_refine_ls_shell.pdbx_refine_id                   'X-RAY DIFFRACTION' 
# 
loop_
_pdbx_xplor_file.serial_no 
_pdbx_xplor_file.param_file 
_pdbx_xplor_file.topol_file 
_pdbx_xplor_file.pdbx_refine_id 
1 protein_rep.param protein.top 'X-RAY DIFFRACTION' 
2 ion.param         ion.top     'X-RAY DIFFRACTION' 
3 water_rep.param   water.top   'X-RAY DIFFRACTION' 
4 sul.par           sul.top     'X-RAY DIFFRACTION' 
# 
_struct.entry_id                  2O1N 
_struct.title                     
'Crystal structure of a complex of phospholipase A2 with a peptide Ala-Ile-Ala-Ser at 2.8 A resolution' 
_struct.pdbx_model_details        ? 
_struct.pdbx_CASP_flag            ? 
_struct.pdbx_model_type_details   ? 
# 
_struct_keywords.entry_id        2O1N 
_struct_keywords.pdbx_keywords   HYDROLASE 
_struct_keywords.text            'peptide inhibitor, HYDROLASE' 
# 
loop_
_struct_asym.id 
_struct_asym.pdbx_blank_PDB_chainid_flag 
_struct_asym.pdbx_modified 
_struct_asym.entity_id 
_struct_asym.details 
A N N 1 ? 
B N N 2 ? 
C N N 3 ? 
# 
loop_
_struct_ref.id 
_struct_ref.db_name 
_struct_ref.db_code 
_struct_ref.pdbx_db_accession 
_struct_ref.entity_id 
_struct_ref.pdbx_seq_one_letter_code 
_struct_ref.pdbx_align_begin 
_struct_ref.pdbx_db_isoform 
1 UNP PA28_DABRP P59071 1 
;SLLEFGKMILEETGKLAIPSYSSYGCYCGWGGKGTPKDATDRCCFVHDCCYGNLPDCNPKSDRYKYKRVNGAIVCEKGTS
CENRICECDKAAAICFRQNLNTYSKKYMLYPDFLCKGELKC
;
1 ? 
2 PDB 2O1N       2O1N   2 ? ? ? 
# 
loop_
_struct_ref_seq.align_id 
_struct_ref_seq.ref_id 
_struct_ref_seq.pdbx_PDB_id_code 
_struct_ref_seq.pdbx_strand_id 
_struct_ref_seq.seq_align_beg 
_struct_ref_seq.pdbx_seq_align_beg_ins_code 
_struct_ref_seq.seq_align_end 
_struct_ref_seq.pdbx_seq_align_end_ins_code 
_struct_ref_seq.pdbx_db_accession 
_struct_ref_seq.db_align_beg 
_struct_ref_seq.pdbx_db_align_beg_ins_code 
_struct_ref_seq.db_align_end 
_struct_ref_seq.pdbx_db_align_end_ins_code 
_struct_ref_seq.pdbx_auth_seq_align_beg 
_struct_ref_seq.pdbx_auth_seq_align_end 
1 1 2O1N A 1 ? 121 ? P59071 1 ? 121 ? 1 133 
2 2 2O1N P 1 ? 4   ? 2O1N   1 ? 4   ? 1 4   
# 
_pdbx_struct_assembly.id                   1 
_pdbx_struct_assembly.details              author_and_software_defined_assembly 
_pdbx_struct_assembly.method_details       PISA 
_pdbx_struct_assembly.oligomeric_details   dimeric 
_pdbx_struct_assembly.oligomeric_count     2 
# 
loop_
_pdbx_struct_assembly_prop.biol_id 
_pdbx_struct_assembly_prop.type 
_pdbx_struct_assembly_prop.value 
_pdbx_struct_assembly_prop.details 
1 'ABSA (A^2)' 680  ? 
1 MORE         -5   ? 
1 'SSA (A^2)'  7210 ? 
# 
_pdbx_struct_assembly_gen.assembly_id       1 
_pdbx_struct_assembly_gen.oper_expression   1 
_pdbx_struct_assembly_gen.asym_id_list      A,B,C 
# 
_pdbx_struct_oper_list.id                   1 
_pdbx_struct_oper_list.type                 'identity operation' 
_pdbx_struct_oper_list.name                 1_555 
_pdbx_struct_oper_list.symmetry_operation   x,y,z 
_pdbx_struct_oper_list.matrix[1][1]         1.0000000000 
_pdbx_struct_oper_list.matrix[1][2]         0.0000000000 
_pdbx_struct_oper_list.matrix[1][3]         0.0000000000 
_pdbx_struct_oper_list.vector[1]            0.0000000000 
_pdbx_struct_oper_list.matrix[2][1]         0.0000000000 
_pdbx_struct_oper_list.matrix[2][2]         1.0000000000 
_pdbx_struct_oper_list.matrix[2][3]         0.0000000000 
_pdbx_struct_oper_list.vector[2]            0.0000000000 
_pdbx_struct_oper_list.matrix[3][1]         0.0000000000 
_pdbx_struct_oper_list.matrix[3][2]         0.0000000000 
_pdbx_struct_oper_list.matrix[3][3]         1.0000000000 
_pdbx_struct_oper_list.vector[3]            0.0000000000 
# 
loop_
_struct_conf.conf_type_id 
_struct_conf.id 
_struct_conf.pdbx_PDB_helix_id 
_struct_conf.beg_label_comp_id 
_struct_conf.beg_label_asym_id 
_struct_conf.beg_label_seq_id 
_struct_conf.pdbx_beg_PDB_ins_code 
_struct_conf.end_label_comp_id 
_struct_conf.end_label_asym_id 
_struct_conf.end_label_seq_id 
_struct_conf.pdbx_end_PDB_ins_code 
_struct_conf.beg_auth_comp_id 
_struct_conf.beg_auth_asym_id 
_struct_conf.beg_auth_seq_id 
_struct_conf.end_auth_comp_id 
_struct_conf.end_auth_asym_id 
_struct_conf.end_auth_seq_id 
_struct_conf.pdbx_PDB_helix_class 
_struct_conf.details 
_struct_conf.pdbx_PDB_helix_length 
HELX_P HELX_P1 1 SER A 1   ? GLY A 14  ? SER A 1   GLY A 14  1 ? 14 
HELX_P HELX_P2 2 LEU A 16  ? SER A 23  ? LEU A 17  SER A 24  1 ? 8  
HELX_P HELX_P3 3 ASP A 38  ? ASN A 53  ? ASP A 39  ASN A 54  1 ? 16 
HELX_P HELX_P4 4 THR A 79  ? ASN A 99  ? THR A 89  ASN A 109 1 ? 21 
HELX_P HELX_P5 5 LEU A 100 ? TYR A 103 ? LEU A 110 TYR A 113 5 ? 4  
HELX_P HELX_P6 6 SER A 104 ? MET A 108 ? SER A 114 MET A 118 5 ? 5  
HELX_P HELX_P7 7 PRO A 111 ? CYS A 115 ? PRO A 121 CYS A 126 5 ? 5  
# 
_struct_conf_type.id          HELX_P 
_struct_conf_type.criteria    ? 
_struct_conf_type.reference   ? 
# 
loop_
_struct_conn.id 
_struct_conn.conn_type_id 
_struct_conn.pdbx_leaving_atom_flag 
_struct_conn.pdbx_PDB_id 
_struct_conn.ptnr1_label_asym_id 
_struct_conn.ptnr1_label_comp_id 
_struct_conn.ptnr1_label_seq_id 
_struct_conn.ptnr1_label_atom_id 
_struct_conn.pdbx_ptnr1_label_alt_id 
_struct_conn.pdbx_ptnr1_PDB_ins_code 
_struct_conn.pdbx_ptnr1_standard_comp_id 
_struct_conn.ptnr1_symmetry 
_struct_conn.ptnr2_label_asym_id 
_struct_conn.ptnr2_label_comp_id 
_struct_conn.ptnr2_label_seq_id 
_struct_conn.ptnr2_label_atom_id 
_struct_conn.pdbx_ptnr2_label_alt_id 
_struct_conn.pdbx_ptnr2_PDB_ins_code 
_struct_conn.ptnr1_auth_asym_id 
_struct_conn.ptnr1_auth_comp_id 
_struct_conn.ptnr1_auth_seq_id 
_struct_conn.ptnr2_auth_asym_id 
_struct_conn.ptnr2_auth_comp_id 
_struct_conn.ptnr2_auth_seq_id 
_struct_conn.ptnr2_symmetry 
_struct_conn.pdbx_ptnr3_label_atom_id 
_struct_conn.pdbx_ptnr3_label_seq_id 
_struct_conn.pdbx_ptnr3_label_comp_id 
_struct_conn.pdbx_ptnr3_label_asym_id 
_struct_conn.pdbx_ptnr3_label_alt_id 
_struct_conn.pdbx_ptnr3_PDB_ins_code 
_struct_conn.details 
_struct_conn.pdbx_dist_value 
_struct_conn.pdbx_value_order 
_struct_conn.pdbx_role 
disulf1 disulf ? ? A CYS 26 SG ? ? ? 1_555 A CYS 115 SG ? ? A CYS 27 A CYS 126 1_555 ? ? ? ? ? ? ? 2.033 ? ? 
disulf2 disulf ? ? A CYS 28 SG ? ? ? 1_555 A CYS 44  SG ? ? A CYS 29 A CYS 45  1_555 ? ? ? ? ? ? ? 2.547 ? ? 
disulf3 disulf ? ? A CYS 43 SG ? ? ? 1_555 A CYS 95  SG ? ? A CYS 44 A CYS 105 1_555 ? ? ? ? ? ? ? 2.025 ? ? 
disulf4 disulf ? ? A CYS 49 SG ? ? ? 1_555 A CYS 121 SG ? ? A CYS 50 A CYS 133 1_555 ? ? ? ? ? ? ? 2.034 ? ? 
disulf5 disulf ? ? A CYS 50 SG ? ? ? 1_555 A CYS 88  SG ? ? A CYS 51 A CYS 98  1_555 ? ? ? ? ? ? ? 2.015 ? ? 
disulf6 disulf ? ? A CYS 57 SG ? ? ? 1_555 A CYS 81  SG ? ? A CYS 61 A CYS 91  1_555 ? ? ? ? ? ? ? 2.028 ? ? 
disulf7 disulf ? ? A CYS 75 SG ? ? ? 1_555 A CYS 86  SG ? ? A CYS 84 A CYS 96  1_555 ? ? ? ? ? ? ? 2.025 ? ? 
# 
_struct_conn_type.id          disulf 
_struct_conn_type.criteria    ? 
_struct_conn_type.reference   ? 
# 
loop_
_pdbx_modification_feature.ordinal 
_pdbx_modification_feature.label_comp_id 
_pdbx_modification_feature.label_asym_id 
_pdbx_modification_feature.label_seq_id 
_pdbx_modification_feature.label_alt_id 
_pdbx_modification_feature.modified_residue_label_comp_id 
_pdbx_modification_feature.modified_residue_label_asym_id 
_pdbx_modification_feature.modified_residue_label_seq_id 
_pdbx_modification_feature.modified_residue_label_alt_id 
_pdbx_modification_feature.auth_comp_id 
_pdbx_modification_feature.auth_asym_id 
_pdbx_modification_feature.auth_seq_id 
_pdbx_modification_feature.PDB_ins_code 
_pdbx_modification_feature.symmetry 
_pdbx_modification_feature.modified_residue_auth_comp_id 
_pdbx_modification_feature.modified_residue_auth_asym_id 
_pdbx_modification_feature.modified_residue_auth_seq_id 
_pdbx_modification_feature.modified_residue_PDB_ins_code 
_pdbx_modification_feature.modified_residue_symmetry 
_pdbx_modification_feature.comp_id_linking_atom 
_pdbx_modification_feature.modified_residue_id_linking_atom 
_pdbx_modification_feature.modified_residue_id 
_pdbx_modification_feature.ref_pcm_id 
_pdbx_modification_feature.ref_comp_id 
_pdbx_modification_feature.type 
_pdbx_modification_feature.category 
1 CYS A 26 ? CYS A 115 ? CYS A 27 ? 1_555 CYS A 126 ? 1_555 SG SG . . . None 'Disulfide bridge' 
2 CYS A 28 ? CYS A 44  ? CYS A 29 ? 1_555 CYS A 45  ? 1_555 SG SG . . . None 'Disulfide bridge' 
3 CYS A 43 ? CYS A 95  ? CYS A 44 ? 1_555 CYS A 105 ? 1_555 SG SG . . . None 'Disulfide bridge' 
4 CYS A 49 ? CYS A 121 ? CYS A 50 ? 1_555 CYS A 133 ? 1_555 SG SG . . . None 'Disulfide bridge' 
5 CYS A 50 ? CYS A 88  ? CYS A 51 ? 1_555 CYS A 98  ? 1_555 SG SG . . . None 'Disulfide bridge' 
6 CYS A 57 ? CYS A 81  ? CYS A 61 ? 1_555 CYS A 91  ? 1_555 SG SG . . . None 'Disulfide bridge' 
7 CYS A 75 ? CYS A 86  ? CYS A 84 ? 1_555 CYS A 96  ? 1_555 SG SG . . . None 'Disulfide bridge' 
# 
_struct_sheet.id               A 
_struct_sheet.type             ? 
_struct_sheet.number_strands   2 
_struct_sheet.details          ? 
# 
_struct_sheet_order.sheet_id     A 
_struct_sheet_order.range_id_1   1 
_struct_sheet_order.range_id_2   2 
_struct_sheet_order.offset       ? 
_struct_sheet_order.sense        anti-parallel 
# 
loop_
_struct_sheet_range.sheet_id 
_struct_sheet_range.id 
_struct_sheet_range.beg_label_comp_id 
_struct_sheet_range.beg_label_asym_id 
_struct_sheet_range.beg_label_seq_id 
_struct_sheet_range.pdbx_beg_PDB_ins_code 
_struct_sheet_range.end_label_comp_id 
_struct_sheet_range.end_label_asym_id 
_struct_sheet_range.end_label_seq_id 
_struct_sheet_range.pdbx_end_PDB_ins_code 
_struct_sheet_range.beg_auth_comp_id 
_struct_sheet_range.beg_auth_asym_id 
_struct_sheet_range.beg_auth_seq_id 
_struct_sheet_range.end_auth_comp_id 
_struct_sheet_range.end_auth_asym_id 
_struct_sheet_range.end_auth_seq_id 
A 1 TYR A 66 ? VAL A 69 ? TYR A 75 VAL A 78 
A 2 ALA A 72 ? CYS A 75 ? ALA A 81 CYS A 84 
# 
_pdbx_struct_sheet_hbond.sheet_id                A 
_pdbx_struct_sheet_hbond.range_id_1              1 
_pdbx_struct_sheet_hbond.range_id_2              2 
_pdbx_struct_sheet_hbond.range_1_label_atom_id   N 
_pdbx_struct_sheet_hbond.range_1_label_comp_id   LYS 
_pdbx_struct_sheet_hbond.range_1_label_asym_id   A 
_pdbx_struct_sheet_hbond.range_1_label_seq_id    67 
_pdbx_struct_sheet_hbond.range_1_PDB_ins_code    ? 
_pdbx_struct_sheet_hbond.range_1_auth_atom_id    N 
_pdbx_struct_sheet_hbond.range_1_auth_comp_id    LYS 
_pdbx_struct_sheet_hbond.range_1_auth_asym_id    A 
_pdbx_struct_sheet_hbond.range_1_auth_seq_id     76 
_pdbx_struct_sheet_hbond.range_2_label_atom_id   O 
_pdbx_struct_sheet_hbond.range_2_label_comp_id   VAL 
_pdbx_struct_sheet_hbond.range_2_label_asym_id   A 
_pdbx_struct_sheet_hbond.range_2_label_seq_id    74 
_pdbx_struct_sheet_hbond.range_2_PDB_ins_code    ? 
_pdbx_struct_sheet_hbond.range_2_auth_atom_id    O 
_pdbx_struct_sheet_hbond.range_2_auth_comp_id    VAL 
_pdbx_struct_sheet_hbond.range_2_auth_asym_id    A 
_pdbx_struct_sheet_hbond.range_2_auth_seq_id     83 
# 
_pdbx_entry_details.entry_id                   2O1N 
_pdbx_entry_details.compound_details           ? 
_pdbx_entry_details.source_details             ? 
_pdbx_entry_details.nonpolymer_details         ? 
_pdbx_entry_details.sequence_details           ? 
_pdbx_entry_details.has_ligand_of_interest     ? 
_pdbx_entry_details.has_protein_modification   Y 
# 
loop_
_pdbx_validate_rmsd_angle.id 
_pdbx_validate_rmsd_angle.PDB_model_num 
_pdbx_validate_rmsd_angle.auth_atom_id_1 
_pdbx_validate_rmsd_angle.auth_asym_id_1 
_pdbx_validate_rmsd_angle.auth_comp_id_1 
_pdbx_validate_rmsd_angle.auth_seq_id_1 
_pdbx_validate_rmsd_angle.PDB_ins_code_1 
_pdbx_validate_rmsd_angle.label_alt_id_1 
_pdbx_validate_rmsd_angle.auth_atom_id_2 
_pdbx_validate_rmsd_angle.auth_asym_id_2 
_pdbx_validate_rmsd_angle.auth_comp_id_2 
_pdbx_validate_rmsd_angle.auth_seq_id_2 
_pdbx_validate_rmsd_angle.PDB_ins_code_2 
_pdbx_validate_rmsd_angle.label_alt_id_2 
_pdbx_validate_rmsd_angle.auth_atom_id_3 
_pdbx_validate_rmsd_angle.auth_asym_id_3 
_pdbx_validate_rmsd_angle.auth_comp_id_3 
_pdbx_validate_rmsd_angle.auth_seq_id_3 
_pdbx_validate_rmsd_angle.PDB_ins_code_3 
_pdbx_validate_rmsd_angle.label_alt_id_3 
_pdbx_validate_rmsd_angle.angle_value 
_pdbx_validate_rmsd_angle.angle_target_value 
_pdbx_validate_rmsd_angle.angle_deviation 
_pdbx_validate_rmsd_angle.angle_standard_deviation 
_pdbx_validate_rmsd_angle.linker_flag 
1 1 CA A PRO 20 ? ? N  A PRO 20 ? ? CD A PRO 20 ? ? 99.85  111.70 -11.85 1.40 N 
2 1 CB A TRP 31 ? ? CA A TRP 31 ? ? C  A TRP 31 ? ? 95.20  110.40 -15.20 2.00 N 
3 1 CA A TRP 31 ? ? C  A TRP 31 ? ? O  A TRP 31 ? ? 133.62 120.10 13.52  2.10 N 
4 1 CA A TRP 31 ? ? C  A TRP 31 ? ? N  A GLY 32 ? ? 91.06  116.20 -25.14 2.00 Y 
5 1 O  A TRP 31 ? ? C  A TRP 31 ? ? N  A GLY 32 ? ? 135.32 123.20 12.12  1.70 Y 
6 1 C  A TRP 31 ? ? N  A GLY 32 ? ? CA A GLY 32 ? ? 143.00 122.30 20.70  2.10 Y 
# 
loop_
_pdbx_validate_torsion.id 
_pdbx_validate_torsion.PDB_model_num 
_pdbx_validate_torsion.auth_comp_id 
_pdbx_validate_torsion.auth_asym_id 
_pdbx_validate_torsion.auth_seq_id 
_pdbx_validate_torsion.PDB_ins_code 
_pdbx_validate_torsion.label_alt_id 
_pdbx_validate_torsion.phi 
_pdbx_validate_torsion.psi 
1 1 ILE A 19  ? ? -60.89  -77.85  
2 1 PRO A 20  ? ? -50.40  -76.93  
3 1 SER A 21  ? ? -27.74  -65.92  
4 1 SER A 24  ? ? -149.39 42.96   
5 1 TRP A 31  ? ? -140.16 -72.65  
6 1 LYS A 116 ? ? -59.69  -4.96   
7 1 ALA P 3   ? ? -120.77 -146.36 
# 
loop_
_chem_comp_atom.comp_id 
_chem_comp_atom.atom_id 
_chem_comp_atom.type_symbol 
_chem_comp_atom.pdbx_aromatic_flag 
_chem_comp_atom.pdbx_stereo_config 
_chem_comp_atom.pdbx_ordinal 
ALA N    N N N 1   
ALA CA   C N S 2   
ALA C    C N N 3   
ALA O    O N N 4   
ALA CB   C N N 5   
ALA OXT  O N N 6   
ALA H    H N N 7   
ALA H2   H N N 8   
ALA HA   H N N 9   
ALA HB1  H N N 10  
ALA HB2  H N N 11  
ALA HB3  H N N 12  
ALA HXT  H N N 13  
ARG N    N N N 14  
ARG CA   C N S 15  
ARG C    C N N 16  
ARG O    O N N 17  
ARG CB   C N N 18  
ARG CG   C N N 19  
ARG CD   C N N 20  
ARG NE   N N N 21  
ARG CZ   C N N 22  
ARG NH1  N N N 23  
ARG NH2  N N N 24  
ARG OXT  O N N 25  
ARG H    H N N 26  
ARG H2   H N N 27  
ARG HA   H N N 28  
ARG HB2  H N N 29  
ARG HB3  H N N 30  
ARG HG2  H N N 31  
ARG HG3  H N N 32  
ARG HD2  H N N 33  
ARG HD3  H N N 34  
ARG HE   H N N 35  
ARG HH11 H N N 36  
ARG HH12 H N N 37  
ARG HH21 H N N 38  
ARG HH22 H N N 39  
ARG HXT  H N N 40  
ASN N    N N N 41  
ASN CA   C N S 42  
ASN C    C N N 43  
ASN O    O N N 44  
ASN CB   C N N 45  
ASN CG   C N N 46  
ASN OD1  O N N 47  
ASN ND2  N N N 48  
ASN OXT  O N N 49  
ASN H    H N N 50  
ASN H2   H N N 51  
ASN HA   H N N 52  
ASN HB2  H N N 53  
ASN HB3  H N N 54  
ASN HD21 H N N 55  
ASN HD22 H N N 56  
ASN HXT  H N N 57  
ASP N    N N N 58  
ASP CA   C N S 59  
ASP C    C N N 60  
ASP O    O N N 61  
ASP CB   C N N 62  
ASP CG   C N N 63  
ASP OD1  O N N 64  
ASP OD2  O N N 65  
ASP OXT  O N N 66  
ASP H    H N N 67  
ASP H2   H N N 68  
ASP HA   H N N 69  
ASP HB2  H N N 70  
ASP HB3  H N N 71  
ASP HD2  H N N 72  
ASP HXT  H N N 73  
CYS N    N N N 74  
CYS CA   C N R 75  
CYS C    C N N 76  
CYS O    O N N 77  
CYS CB   C N N 78  
CYS SG   S N N 79  
CYS OXT  O N N 80  
CYS H    H N N 81  
CYS H2   H N N 82  
CYS HA   H N N 83  
CYS HB2  H N N 84  
CYS HB3  H N N 85  
CYS HG   H N N 86  
CYS HXT  H N N 87  
GLN N    N N N 88  
GLN CA   C N S 89  
GLN C    C N N 90  
GLN O    O N N 91  
GLN CB   C N N 92  
GLN CG   C N N 93  
GLN CD   C N N 94  
GLN OE1  O N N 95  
GLN NE2  N N N 96  
GLN OXT  O N N 97  
GLN H    H N N 98  
GLN H2   H N N 99  
GLN HA   H N N 100 
GLN HB2  H N N 101 
GLN HB3  H N N 102 
GLN HG2  H N N 103 
GLN HG3  H N N 104 
GLN HE21 H N N 105 
GLN HE22 H N N 106 
GLN HXT  H N N 107 
GLU N    N N N 108 
GLU CA   C N S 109 
GLU C    C N N 110 
GLU O    O N N 111 
GLU CB   C N N 112 
GLU CG   C N N 113 
GLU CD   C N N 114 
GLU OE1  O N N 115 
GLU OE2  O N N 116 
GLU OXT  O N N 117 
GLU H    H N N 118 
GLU H2   H N N 119 
GLU HA   H N N 120 
GLU HB2  H N N 121 
GLU HB3  H N N 122 
GLU HG2  H N N 123 
GLU HG3  H N N 124 
GLU HE2  H N N 125 
GLU HXT  H N N 126 
GLY N    N N N 127 
GLY CA   C N N 128 
GLY C    C N N 129 
GLY O    O N N 130 
GLY OXT  O N N 131 
GLY H    H N N 132 
GLY H2   H N N 133 
GLY HA2  H N N 134 
GLY HA3  H N N 135 
GLY HXT  H N N 136 
HIS N    N N N 137 
HIS CA   C N S 138 
HIS C    C N N 139 
HIS O    O N N 140 
HIS CB   C N N 141 
HIS CG   C Y N 142 
HIS ND1  N Y N 143 
HIS CD2  C Y N 144 
HIS CE1  C Y N 145 
HIS NE2  N Y N 146 
HIS OXT  O N N 147 
HIS H    H N N 148 
HIS H2   H N N 149 
HIS HA   H N N 150 
HIS HB2  H N N 151 
HIS HB3  H N N 152 
HIS HD1  H N N 153 
HIS HD2  H N N 154 
HIS HE1  H N N 155 
HIS HE2  H N N 156 
HIS HXT  H N N 157 
HOH O    O N N 158 
HOH H1   H N N 159 
HOH H2   H N N 160 
ILE N    N N N 161 
ILE CA   C N S 162 
ILE C    C N N 163 
ILE O    O N N 164 
ILE CB   C N S 165 
ILE CG1  C N N 166 
ILE CG2  C N N 167 
ILE CD1  C N N 168 
ILE OXT  O N N 169 
ILE H    H N N 170 
ILE H2   H N N 171 
ILE HA   H N N 172 
ILE HB   H N N 173 
ILE HG12 H N N 174 
ILE HG13 H N N 175 
ILE HG21 H N N 176 
ILE HG22 H N N 177 
ILE HG23 H N N 178 
ILE HD11 H N N 179 
ILE HD12 H N N 180 
ILE HD13 H N N 181 
ILE HXT  H N N 182 
LEU N    N N N 183 
LEU CA   C N S 184 
LEU C    C N N 185 
LEU O    O N N 186 
LEU CB   C N N 187 
LEU CG   C N N 188 
LEU CD1  C N N 189 
LEU CD2  C N N 190 
LEU OXT  O N N 191 
LEU H    H N N 192 
LEU H2   H N N 193 
LEU HA   H N N 194 
LEU HB2  H N N 195 
LEU HB3  H N N 196 
LEU HG   H N N 197 
LEU HD11 H N N 198 
LEU HD12 H N N 199 
LEU HD13 H N N 200 
LEU HD21 H N N 201 
LEU HD22 H N N 202 
LEU HD23 H N N 203 
LEU HXT  H N N 204 
LYS N    N N N 205 
LYS CA   C N S 206 
LYS C    C N N 207 
LYS O    O N N 208 
LYS CB   C N N 209 
LYS CG   C N N 210 
LYS CD   C N N 211 
LYS CE   C N N 212 
LYS NZ   N N N 213 
LYS OXT  O N N 214 
LYS H    H N N 215 
LYS H2   H N N 216 
LYS HA   H N N 217 
LYS HB2  H N N 218 
LYS HB3  H N N 219 
LYS HG2  H N N 220 
LYS HG3  H N N 221 
LYS HD2  H N N 222 
LYS HD3  H N N 223 
LYS HE2  H N N 224 
LYS HE3  H N N 225 
LYS HZ1  H N N 226 
LYS HZ2  H N N 227 
LYS HZ3  H N N 228 
LYS HXT  H N N 229 
MET N    N N N 230 
MET CA   C N S 231 
MET C    C N N 232 
MET O    O N N 233 
MET CB   C N N 234 
MET CG   C N N 235 
MET SD   S N N 236 
MET CE   C N N 237 
MET OXT  O N N 238 
MET H    H N N 239 
MET H2   H N N 240 
MET HA   H N N 241 
MET HB2  H N N 242 
MET HB3  H N N 243 
MET HG2  H N N 244 
MET HG3  H N N 245 
MET HE1  H N N 246 
MET HE2  H N N 247 
MET HE3  H N N 248 
MET HXT  H N N 249 
PHE N    N N N 250 
PHE CA   C N S 251 
PHE C    C N N 252 
PHE O    O N N 253 
PHE CB   C N N 254 
PHE CG   C Y N 255 
PHE CD1  C Y N 256 
PHE CD2  C Y N 257 
PHE CE1  C Y N 258 
PHE CE2  C Y N 259 
PHE CZ   C Y N 260 
PHE OXT  O N N 261 
PHE H    H N N 262 
PHE H2   H N N 263 
PHE HA   H N N 264 
PHE HB2  H N N 265 
PHE HB3  H N N 266 
PHE HD1  H N N 267 
PHE HD2  H N N 268 
PHE HE1  H N N 269 
PHE HE2  H N N 270 
PHE HZ   H N N 271 
PHE HXT  H N N 272 
PRO N    N N N 273 
PRO CA   C N S 274 
PRO C    C N N 275 
PRO O    O N N 276 
PRO CB   C N N 277 
PRO CG   C N N 278 
PRO CD   C N N 279 
PRO OXT  O N N 280 
PRO H    H N N 281 
PRO HA   H N N 282 
PRO HB2  H N N 283 
PRO HB3  H N N 284 
PRO HG2  H N N 285 
PRO HG3  H N N 286 
PRO HD2  H N N 287 
PRO HD3  H N N 288 
PRO HXT  H N N 289 
SER N    N N N 290 
SER CA   C N S 291 
SER C    C N N 292 
SER O    O N N 293 
SER CB   C N N 294 
SER OG   O N N 295 
SER OXT  O N N 296 
SER H    H N N 297 
SER H2   H N N 298 
SER HA   H N N 299 
SER HB2  H N N 300 
SER HB3  H N N 301 
SER HG   H N N 302 
SER HXT  H N N 303 
THR N    N N N 304 
THR CA   C N S 305 
THR C    C N N 306 
THR O    O N N 307 
THR CB   C N R 308 
THR OG1  O N N 309 
THR CG2  C N N 310 
THR OXT  O N N 311 
THR H    H N N 312 
THR H2   H N N 313 
THR HA   H N N 314 
THR HB   H N N 315 
THR HG1  H N N 316 
THR HG21 H N N 317 
THR HG22 H N N 318 
THR HG23 H N N 319 
THR HXT  H N N 320 
TRP N    N N N 321 
TRP CA   C N S 322 
TRP C    C N N 323 
TRP O    O N N 324 
TRP CB   C N N 325 
TRP CG   C Y N 326 
TRP CD1  C Y N 327 
TRP CD2  C Y N 328 
TRP NE1  N Y N 329 
TRP CE2  C Y N 330 
TRP CE3  C Y N 331 
TRP CZ2  C Y N 332 
TRP CZ3  C Y N 333 
TRP CH2  C Y N 334 
TRP OXT  O N N 335 
TRP H    H N N 336 
TRP H2   H N N 337 
TRP HA   H N N 338 
TRP HB2  H N N 339 
TRP HB3  H N N 340 
TRP HD1  H N N 341 
TRP HE1  H N N 342 
TRP HE3  H N N 343 
TRP HZ2  H N N 344 
TRP HZ3  H N N 345 
TRP HH2  H N N 346 
TRP HXT  H N N 347 
TYR N    N N N 348 
TYR CA   C N S 349 
TYR C    C N N 350 
TYR O    O N N 351 
TYR CB   C N N 352 
TYR CG   C Y N 353 
TYR CD1  C Y N 354 
TYR CD2  C Y N 355 
TYR CE1  C Y N 356 
TYR CE2  C Y N 357 
TYR CZ   C Y N 358 
TYR OH   O N N 359 
TYR OXT  O N N 360 
TYR H    H N N 361 
TYR H2   H N N 362 
TYR HA   H N N 363 
TYR HB2  H N N 364 
TYR HB3  H N N 365 
TYR HD1  H N N 366 
TYR HD2  H N N 367 
TYR HE1  H N N 368 
TYR HE2  H N N 369 
TYR HH   H N N 370 
TYR HXT  H N N 371 
VAL N    N N N 372 
VAL CA   C N S 373 
VAL C    C N N 374 
VAL O    O N N 375 
VAL CB   C N N 376 
VAL CG1  C N N 377 
VAL CG2  C N N 378 
VAL OXT  O N N 379 
VAL H    H N N 380 
VAL H2   H N N 381 
VAL HA   H N N 382 
VAL HB   H N N 383 
VAL HG11 H N N 384 
VAL HG12 H N N 385 
VAL HG13 H N N 386 
VAL HG21 H N N 387 
VAL HG22 H N N 388 
VAL HG23 H N N 389 
VAL HXT  H N N 390 
# 
loop_
_chem_comp_bond.comp_id 
_chem_comp_bond.atom_id_1 
_chem_comp_bond.atom_id_2 
_chem_comp_bond.value_order 
_chem_comp_bond.pdbx_aromatic_flag 
_chem_comp_bond.pdbx_stereo_config 
_chem_comp_bond.pdbx_ordinal 
ALA N   CA   sing N N 1   
ALA N   H    sing N N 2   
ALA N   H2   sing N N 3   
ALA CA  C    sing N N 4   
ALA CA  CB   sing N N 5   
ALA CA  HA   sing N N 6   
ALA C   O    doub N N 7   
ALA C   OXT  sing N N 8   
ALA CB  HB1  sing N N 9   
ALA CB  HB2  sing N N 10  
ALA CB  HB3  sing N N 11  
ALA OXT HXT  sing N N 12  
ARG N   CA   sing N N 13  
ARG N   H    sing N N 14  
ARG N   H2   sing N N 15  
ARG CA  C    sing N N 16  
ARG CA  CB   sing N N 17  
ARG CA  HA   sing N N 18  
ARG C   O    doub N N 19  
ARG C   OXT  sing N N 20  
ARG CB  CG   sing N N 21  
ARG CB  HB2  sing N N 22  
ARG CB  HB3  sing N N 23  
ARG CG  CD   sing N N 24  
ARG CG  HG2  sing N N 25  
ARG CG  HG3  sing N N 26  
ARG CD  NE   sing N N 27  
ARG CD  HD2  sing N N 28  
ARG CD  HD3  sing N N 29  
ARG NE  CZ   sing N N 30  
ARG NE  HE   sing N N 31  
ARG CZ  NH1  sing N N 32  
ARG CZ  NH2  doub N N 33  
ARG NH1 HH11 sing N N 34  
ARG NH1 HH12 sing N N 35  
ARG NH2 HH21 sing N N 36  
ARG NH2 HH22 sing N N 37  
ARG OXT HXT  sing N N 38  
ASN N   CA   sing N N 39  
ASN N   H    sing N N 40  
ASN N   H2   sing N N 41  
ASN CA  C    sing N N 42  
ASN CA  CB   sing N N 43  
ASN CA  HA   sing N N 44  
ASN C   O    doub N N 45  
ASN C   OXT  sing N N 46  
ASN CB  CG   sing N N 47  
ASN CB  HB2  sing N N 48  
ASN CB  HB3  sing N N 49  
ASN CG  OD1  doub N N 50  
ASN CG  ND2  sing N N 51  
ASN ND2 HD21 sing N N 52  
ASN ND2 HD22 sing N N 53  
ASN OXT HXT  sing N N 54  
ASP N   CA   sing N N 55  
ASP N   H    sing N N 56  
ASP N   H2   sing N N 57  
ASP CA  C    sing N N 58  
ASP CA  CB   sing N N 59  
ASP CA  HA   sing N N 60  
ASP C   O    doub N N 61  
ASP C   OXT  sing N N 62  
ASP CB  CG   sing N N 63  
ASP CB  HB2  sing N N 64  
ASP CB  HB3  sing N N 65  
ASP CG  OD1  doub N N 66  
ASP CG  OD2  sing N N 67  
ASP OD2 HD2  sing N N 68  
ASP OXT HXT  sing N N 69  
CYS N   CA   sing N N 70  
CYS N   H    sing N N 71  
CYS N   H2   sing N N 72  
CYS CA  C    sing N N 73  
CYS CA  CB   sing N N 74  
CYS CA  HA   sing N N 75  
CYS C   O    doub N N 76  
CYS C   OXT  sing N N 77  
CYS CB  SG   sing N N 78  
CYS CB  HB2  sing N N 79  
CYS CB  HB3  sing N N 80  
CYS SG  HG   sing N N 81  
CYS OXT HXT  sing N N 82  
GLN N   CA   sing N N 83  
GLN N   H    sing N N 84  
GLN N   H2   sing N N 85  
GLN CA  C    sing N N 86  
GLN CA  CB   sing N N 87  
GLN CA  HA   sing N N 88  
GLN C   O    doub N N 89  
GLN C   OXT  sing N N 90  
GLN CB  CG   sing N N 91  
GLN CB  HB2  sing N N 92  
GLN CB  HB3  sing N N 93  
GLN CG  CD   sing N N 94  
GLN CG  HG2  sing N N 95  
GLN CG  HG3  sing N N 96  
GLN CD  OE1  doub N N 97  
GLN CD  NE2  sing N N 98  
GLN NE2 HE21 sing N N 99  
GLN NE2 HE22 sing N N 100 
GLN OXT HXT  sing N N 101 
GLU N   CA   sing N N 102 
GLU N   H    sing N N 103 
GLU N   H2   sing N N 104 
GLU CA  C    sing N N 105 
GLU CA  CB   sing N N 106 
GLU CA  HA   sing N N 107 
GLU C   O    doub N N 108 
GLU C   OXT  sing N N 109 
GLU CB  CG   sing N N 110 
GLU CB  HB2  sing N N 111 
GLU CB  HB3  sing N N 112 
GLU CG  CD   sing N N 113 
GLU CG  HG2  sing N N 114 
GLU CG  HG3  sing N N 115 
GLU CD  OE1  doub N N 116 
GLU CD  OE2  sing N N 117 
GLU OE2 HE2  sing N N 118 
GLU OXT HXT  sing N N 119 
GLY N   CA   sing N N 120 
GLY N   H    sing N N 121 
GLY N   H2   sing N N 122 
GLY CA  C    sing N N 123 
GLY CA  HA2  sing N N 124 
GLY CA  HA3  sing N N 125 
GLY C   O    doub N N 126 
GLY C   OXT  sing N N 127 
GLY OXT HXT  sing N N 128 
HIS N   CA   sing N N 129 
HIS N   H    sing N N 130 
HIS N   H2   sing N N 131 
HIS CA  C    sing N N 132 
HIS CA  CB   sing N N 133 
HIS CA  HA   sing N N 134 
HIS C   O    doub N N 135 
HIS C   OXT  sing N N 136 
HIS CB  CG   sing N N 137 
HIS CB  HB2  sing N N 138 
HIS CB  HB3  sing N N 139 
HIS CG  ND1  sing Y N 140 
HIS CG  CD2  doub Y N 141 
HIS ND1 CE1  doub Y N 142 
HIS ND1 HD1  sing N N 143 
HIS CD2 NE2  sing Y N 144 
HIS CD2 HD2  sing N N 145 
HIS CE1 NE2  sing Y N 146 
HIS CE1 HE1  sing N N 147 
HIS NE2 HE2  sing N N 148 
HIS OXT HXT  sing N N 149 
HOH O   H1   sing N N 150 
HOH O   H2   sing N N 151 
ILE N   CA   sing N N 152 
ILE N   H    sing N N 153 
ILE N   H2   sing N N 154 
ILE CA  C    sing N N 155 
ILE CA  CB   sing N N 156 
ILE CA  HA   sing N N 157 
ILE C   O    doub N N 158 
ILE C   OXT  sing N N 159 
ILE CB  CG1  sing N N 160 
ILE CB  CG2  sing N N 161 
ILE CB  HB   sing N N 162 
ILE CG1 CD1  sing N N 163 
ILE CG1 HG12 sing N N 164 
ILE CG1 HG13 sing N N 165 
ILE CG2 HG21 sing N N 166 
ILE CG2 HG22 sing N N 167 
ILE CG2 HG23 sing N N 168 
ILE CD1 HD11 sing N N 169 
ILE CD1 HD12 sing N N 170 
ILE CD1 HD13 sing N N 171 
ILE OXT HXT  sing N N 172 
LEU N   CA   sing N N 173 
LEU N   H    sing N N 174 
LEU N   H2   sing N N 175 
LEU CA  C    sing N N 176 
LEU CA  CB   sing N N 177 
LEU CA  HA   sing N N 178 
LEU C   O    doub N N 179 
LEU C   OXT  sing N N 180 
LEU CB  CG   sing N N 181 
LEU CB  HB2  sing N N 182 
LEU CB  HB3  sing N N 183 
LEU CG  CD1  sing N N 184 
LEU CG  CD2  sing N N 185 
LEU CG  HG   sing N N 186 
LEU CD1 HD11 sing N N 187 
LEU CD1 HD12 sing N N 188 
LEU CD1 HD13 sing N N 189 
LEU CD2 HD21 sing N N 190 
LEU CD2 HD22 sing N N 191 
LEU CD2 HD23 sing N N 192 
LEU OXT HXT  sing N N 193 
LYS N   CA   sing N N 194 
LYS N   H    sing N N 195 
LYS N   H2   sing N N 196 
LYS CA  C    sing N N 197 
LYS CA  CB   sing N N 198 
LYS CA  HA   sing N N 199 
LYS C   O    doub N N 200 
LYS C   OXT  sing N N 201 
LYS CB  CG   sing N N 202 
LYS CB  HB2  sing N N 203 
LYS CB  HB3  sing N N 204 
LYS CG  CD   sing N N 205 
LYS CG  HG2  sing N N 206 
LYS CG  HG3  sing N N 207 
LYS CD  CE   sing N N 208 
LYS CD  HD2  sing N N 209 
LYS CD  HD3  sing N N 210 
LYS CE  NZ   sing N N 211 
LYS CE  HE2  sing N N 212 
LYS CE  HE3  sing N N 213 
LYS NZ  HZ1  sing N N 214 
LYS NZ  HZ2  sing N N 215 
LYS NZ  HZ3  sing N N 216 
LYS OXT HXT  sing N N 217 
MET N   CA   sing N N 218 
MET N   H    sing N N 219 
MET N   H2   sing N N 220 
MET CA  C    sing N N 221 
MET CA  CB   sing N N 222 
MET CA  HA   sing N N 223 
MET C   O    doub N N 224 
MET C   OXT  sing N N 225 
MET CB  CG   sing N N 226 
MET CB  HB2  sing N N 227 
MET CB  HB3  sing N N 228 
MET CG  SD   sing N N 229 
MET CG  HG2  sing N N 230 
MET CG  HG3  sing N N 231 
MET SD  CE   sing N N 232 
MET CE  HE1  sing N N 233 
MET CE  HE2  sing N N 234 
MET CE  HE3  sing N N 235 
MET OXT HXT  sing N N 236 
PHE N   CA   sing N N 237 
PHE N   H    sing N N 238 
PHE N   H2   sing N N 239 
PHE CA  C    sing N N 240 
PHE CA  CB   sing N N 241 
PHE CA  HA   sing N N 242 
PHE C   O    doub N N 243 
PHE C   OXT  sing N N 244 
PHE CB  CG   sing N N 245 
PHE CB  HB2  sing N N 246 
PHE CB  HB3  sing N N 247 
PHE CG  CD1  doub Y N 248 
PHE CG  CD2  sing Y N 249 
PHE CD1 CE1  sing Y N 250 
PHE CD1 HD1  sing N N 251 
PHE CD2 CE2  doub Y N 252 
PHE CD2 HD2  sing N N 253 
PHE CE1 CZ   doub Y N 254 
PHE CE1 HE1  sing N N 255 
PHE CE2 CZ   sing Y N 256 
PHE CE2 HE2  sing N N 257 
PHE CZ  HZ   sing N N 258 
PHE OXT HXT  sing N N 259 
PRO N   CA   sing N N 260 
PRO N   CD   sing N N 261 
PRO N   H    sing N N 262 
PRO CA  C    sing N N 263 
PRO CA  CB   sing N N 264 
PRO CA  HA   sing N N 265 
PRO C   O    doub N N 266 
PRO C   OXT  sing N N 267 
PRO CB  CG   sing N N 268 
PRO CB  HB2  sing N N 269 
PRO CB  HB3  sing N N 270 
PRO CG  CD   sing N N 271 
PRO CG  HG2  sing N N 272 
PRO CG  HG3  sing N N 273 
PRO CD  HD2  sing N N 274 
PRO CD  HD3  sing N N 275 
PRO OXT HXT  sing N N 276 
SER N   CA   sing N N 277 
SER N   H    sing N N 278 
SER N   H2   sing N N 279 
SER CA  C    sing N N 280 
SER CA  CB   sing N N 281 
SER CA  HA   sing N N 282 
SER C   O    doub N N 283 
SER C   OXT  sing N N 284 
SER CB  OG   sing N N 285 
SER CB  HB2  sing N N 286 
SER CB  HB3  sing N N 287 
SER OG  HG   sing N N 288 
SER OXT HXT  sing N N 289 
THR N   CA   sing N N 290 
THR N   H    sing N N 291 
THR N   H2   sing N N 292 
THR CA  C    sing N N 293 
THR CA  CB   sing N N 294 
THR CA  HA   sing N N 295 
THR C   O    doub N N 296 
THR C   OXT  sing N N 297 
THR CB  OG1  sing N N 298 
THR CB  CG2  sing N N 299 
THR CB  HB   sing N N 300 
THR OG1 HG1  sing N N 301 
THR CG2 HG21 sing N N 302 
THR CG2 HG22 sing N N 303 
THR CG2 HG23 sing N N 304 
THR OXT HXT  sing N N 305 
TRP N   CA   sing N N 306 
TRP N   H    sing N N 307 
TRP N   H2   sing N N 308 
TRP CA  C    sing N N 309 
TRP CA  CB   sing N N 310 
TRP CA  HA   sing N N 311 
TRP C   O    doub N N 312 
TRP C   OXT  sing N N 313 
TRP CB  CG   sing N N 314 
TRP CB  HB2  sing N N 315 
TRP CB  HB3  sing N N 316 
TRP CG  CD1  doub Y N 317 
TRP CG  CD2  sing Y N 318 
TRP CD1 NE1  sing Y N 319 
TRP CD1 HD1  sing N N 320 
TRP CD2 CE2  doub Y N 321 
TRP CD2 CE3  sing Y N 322 
TRP NE1 CE2  sing Y N 323 
TRP NE1 HE1  sing N N 324 
TRP CE2 CZ2  sing Y N 325 
TRP CE3 CZ3  doub Y N 326 
TRP CE3 HE3  sing N N 327 
TRP CZ2 CH2  doub Y N 328 
TRP CZ2 HZ2  sing N N 329 
TRP CZ3 CH2  sing Y N 330 
TRP CZ3 HZ3  sing N N 331 
TRP CH2 HH2  sing N N 332 
TRP OXT HXT  sing N N 333 
TYR N   CA   sing N N 334 
TYR N   H    sing N N 335 
TYR N   H2   sing N N 336 
TYR CA  C    sing N N 337 
TYR CA  CB   sing N N 338 
TYR CA  HA   sing N N 339 
TYR C   O    doub N N 340 
TYR C   OXT  sing N N 341 
TYR CB  CG   sing N N 342 
TYR CB  HB2  sing N N 343 
TYR CB  HB3  sing N N 344 
TYR CG  CD1  doub Y N 345 
TYR CG  CD2  sing Y N 346 
TYR CD1 CE1  sing Y N 347 
TYR CD1 HD1  sing N N 348 
TYR CD2 CE2  doub Y N 349 
TYR CD2 HD2  sing N N 350 
TYR CE1 CZ   doub Y N 351 
TYR CE1 HE1  sing N N 352 
TYR CE2 CZ   sing Y N 353 
TYR CE2 HE2  sing N N 354 
TYR CZ  OH   sing N N 355 
TYR OH  HH   sing N N 356 
TYR OXT HXT  sing N N 357 
VAL N   CA   sing N N 358 
VAL N   H    sing N N 359 
VAL N   H2   sing N N 360 
VAL CA  C    sing N N 361 
VAL CA  CB   sing N N 362 
VAL CA  HA   sing N N 363 
VAL C   O    doub N N 364 
VAL C   OXT  sing N N 365 
VAL CB  CG1  sing N N 366 
VAL CB  CG2  sing N N 367 
VAL CB  HB   sing N N 368 
VAL CG1 HG11 sing N N 369 
VAL CG1 HG12 sing N N 370 
VAL CG1 HG13 sing N N 371 
VAL CG2 HG21 sing N N 372 
VAL CG2 HG22 sing N N 373 
VAL CG2 HG23 sing N N 374 
VAL OXT HXT  sing N N 375 
# 
_pdbx_initial_refinement_model.id               1 
_pdbx_initial_refinement_model.entity_id_list   ? 
_pdbx_initial_refinement_model.type             'experimental model' 
_pdbx_initial_refinement_model.source_name      PDB 
_pdbx_initial_refinement_model.accession_code   1SV3 
_pdbx_initial_refinement_model.details          'pdb entry 1SV3' 
# 
_atom_sites.entry_id                    2O1N 
_atom_sites.fract_transf_matrix[1][1]   0.01651852 
_atom_sites.fract_transf_matrix[1][2]   0.00142463 
_atom_sites.fract_transf_matrix[1][3]   -0.00903542 
_atom_sites.fract_transf_matrix[2][1]   -0.00889810 
_atom_sites.fract_transf_matrix[2][2]   -0.00181907 
_atom_sites.fract_transf_matrix[2][3]   -0.01655430 
_atom_sites.fract_transf_matrix[3][1]   -0.00230816 
_atom_sites.fract_transf_matrix[3][2]   0.02040847 
_atom_sites.fract_transf_matrix[3][3]   -0.00100193 
_atom_sites.fract_transf_vector[1]      0.160995 
_atom_sites.fract_transf_vector[2]      0.466548 
_atom_sites.fract_transf_vector[3]      -0.014905 
# 
loop_
_atom_type.symbol 
C 
N 
O 
S 
# 
loop_
_atom_site.group_PDB 
_atom_site.id 
_atom_site.type_symbol 
_atom_site.label_atom_id 
_atom_site.label_alt_id 
_atom_site.label_comp_id 
_atom_site.label_asym_id 
_atom_site.label_entity_id 
_atom_site.label_seq_id 
_atom_site.pdbx_PDB_ins_code 
_atom_site.Cartn_x 
_atom_site.Cartn_y 
_atom_site.Cartn_z 
_atom_site.occupancy 
_atom_site.B_iso_or_equiv 
_atom_site.pdbx_formal_charge 
_atom_site.auth_seq_id 
_atom_site.auth_comp_id 
_atom_site.auth_asym_id 
_atom_site.auth_atom_id 
_atom_site.pdbx_PDB_model_num 
ATOM   1    N N   . SER A 1 1   ? 9.568   -1.724  6.110   1.00 23.42 ? 1   SER A N   1 
ATOM   2    C CA  . SER A 1 1   ? 8.972   -3.066  6.321   1.00 24.01 ? 1   SER A CA  1 
ATOM   3    C C   . SER A 1 1   ? 7.489   -2.927  6.623   1.00 26.01 ? 1   SER A C   1 
ATOM   4    O O   . SER A 1 1   ? 6.982   -1.825  6.852   1.00 23.65 ? 1   SER A O   1 
ATOM   5    C CB  . SER A 1 1   ? 9.647   -3.775  7.494   1.00 21.65 ? 1   SER A CB  1 
ATOM   6    O OG  . SER A 1 1   ? 9.326   -3.133  8.716   1.00 21.23 ? 1   SER A OG  1 
ATOM   7    N N   . LEU A 1 2   ? 6.803   -4.062  6.635   1.00 27.49 ? 2   LEU A N   1 
ATOM   8    C CA  . LEU A 1 2   ? 5.381   -4.089  6.911   1.00 28.55 ? 2   LEU A CA  1 
ATOM   9    C C   . LEU A 1 2   ? 5.014   -3.365  8.202   1.00 28.00 ? 2   LEU A C   1 
ATOM   10   O O   . LEU A 1 2   ? 3.900   -2.897  8.346   1.00 27.62 ? 2   LEU A O   1 
ATOM   11   C CB  . LEU A 1 2   ? 4.904   -5.539  6.962   1.00 31.82 ? 2   LEU A CB  1 
ATOM   12   C CG  . LEU A 1 2   ? 3.822   -5.886  5.934   1.00 36.87 ? 2   LEU A CG  1 
ATOM   13   C CD1 . LEU A 1 2   ? 4.138   -5.251  4.577   1.00 38.33 ? 2   LEU A CD1 1 
ATOM   14   C CD2 . LEU A 1 2   ? 3.729   -7.398  5.806   1.00 37.63 ? 2   LEU A CD2 1 
ATOM   15   N N   . LEU A 1 3   ? 5.944   -3.265  9.141   1.00 28.91 ? 3   LEU A N   1 
ATOM   16   C CA  . LEU A 1 3   ? 5.654   -2.586  10.399  1.00 30.56 ? 3   LEU A CA  1 
ATOM   17   C C   . LEU A 1 3   ? 5.512   -1.094  10.213  1.00 30.83 ? 3   LEU A C   1 
ATOM   18   O O   . LEU A 1 3   ? 4.731   -0.432  10.887  1.00 32.40 ? 3   LEU A O   1 
ATOM   19   C CB  . LEU A 1 3   ? 6.763   -2.837  11.426  1.00 34.23 ? 3   LEU A CB  1 
ATOM   20   C CG  . LEU A 1 3   ? 6.746   -4.216  12.085  1.00 37.84 ? 3   LEU A CG  1 
ATOM   21   C CD1 . LEU A 1 3   ? 5.387   -4.451  12.752  1.00 37.00 ? 3   LEU A CD1 1 
ATOM   22   C CD2 . LEU A 1 3   ? 7.011   -5.287  11.036  1.00 40.00 ? 3   LEU A CD2 1 
ATOM   23   N N   . GLU A 1 4   ? 6.290   -0.569  9.302   1.00 29.98 ? 4   GLU A N   1 
ATOM   24   C CA  . GLU A 1 4   ? 6.348   0.855   8.988   1.00 28.91 ? 4   GLU A CA  1 
ATOM   25   C C   . GLU A 1 4   ? 5.255   1.292   8.030   1.00 29.17 ? 4   GLU A C   1 
ATOM   26   O O   . GLU A 1 4   ? 4.609   2.338   8.222   1.00 30.94 ? 4   GLU A O   1 
ATOM   27   C CB  . GLU A 1 4   ? 7.749   1.115   8.424   1.00 29.08 ? 4   GLU A CB  1 
ATOM   28   C CG  . GLU A 1 4   ? 8.835   1.114   9.540   1.00 33.23 ? 4   GLU A CG  1 
ATOM   29   C CD  . GLU A 1 4   ? 10.021  0.130   9.415   1.00 35.16 ? 4   GLU A CD  1 
ATOM   30   O OE1 . GLU A 1 4   ? 10.436  -0.430  10.460  1.00 38.79 ? 4   GLU A OE1 1 
ATOM   31   O OE2 . GLU A 1 4   ? 10.515  -0.069  8.296   1.00 37.84 ? 4   GLU A OE2 1 
ATOM   32   N N   . PHE A 1 5   ? 5.039   0.496   6.993   1.00 27.15 ? 5   PHE A N   1 
ATOM   33   C CA  . PHE A 1 5   ? 4.011   0.835   6.035   1.00 24.90 ? 5   PHE A CA  1 
ATOM   34   C C   . PHE A 1 5   ? 2.726   0.930   6.852   1.00 25.34 ? 5   PHE A C   1 
ATOM   35   O O   . PHE A 1 5   ? 1.935   1.864   6.704   1.00 25.23 ? 5   PHE A O   1 
ATOM   36   C CB  . PHE A 1 5   ? 3.919   -0.257  4.969   1.00 22.51 ? 5   PHE A CB  1 
ATOM   37   C CG  . PHE A 1 5   ? 2.927   0.032   3.881   1.00 21.51 ? 5   PHE A CG  1 
ATOM   38   C CD1 . PHE A 1 5   ? 2.739   1.326   3.407   1.00 21.88 ? 5   PHE A CD1 1 
ATOM   39   C CD2 . PHE A 1 5   ? 2.199   -0.997  3.308   1.00 21.43 ? 5   PHE A CD2 1 
ATOM   40   C CE1 . PHE A 1 5   ? 1.838   1.591   2.377   1.00 22.50 ? 5   PHE A CE1 1 
ATOM   41   C CE2 . PHE A 1 5   ? 1.299   -0.746  2.279   1.00 22.87 ? 5   PHE A CE2 1 
ATOM   42   C CZ  . PHE A 1 5   ? 1.118   0.554   1.813   1.00 22.86 ? 5   PHE A CZ  1 
ATOM   43   N N   . GLY A 1 6   ? 2.553   -0.026  7.756   1.00 24.94 ? 6   GLY A N   1 
ATOM   44   C CA  . GLY A 1 6   ? 1.374   -0.042  8.596   1.00 25.65 ? 6   GLY A CA  1 
ATOM   45   C C   . GLY A 1 6   ? 1.214   1.233   9.402   1.00 25.96 ? 6   GLY A C   1 
ATOM   46   O O   . GLY A 1 6   ? 0.204   1.928   9.290   1.00 25.41 ? 6   GLY A O   1 
ATOM   47   N N   . LYS A 1 7   ? 2.209   1.540   10.225  1.00 24.19 ? 7   LYS A N   1 
ATOM   48   C CA  . LYS A 1 7   ? 2.161   2.737   11.043  1.00 25.92 ? 7   LYS A CA  1 
ATOM   49   C C   . LYS A 1 7   ? 1.948   3.995   10.202  1.00 26.30 ? 7   LYS A C   1 
ATOM   50   O O   . LYS A 1 7   ? 1.307   4.954   10.641  1.00 25.51 ? 7   LYS A O   1 
ATOM   51   C CB  . LYS A 1 7   ? 3.450   2.857   11.838  1.00 28.23 ? 7   LYS A CB  1 
ATOM   52   C CG  . LYS A 1 7   ? 3.664   4.218   12.451  1.00 31.84 ? 7   LYS A CG  1 
ATOM   53   C CD  . LYS A 1 7   ? 4.776   4.165   13.467  1.00 36.54 ? 7   LYS A CD  1 
ATOM   54   C CE  . LYS A 1 7   ? 5.243   5.556   13.839  1.00 40.96 ? 7   LYS A CE  1 
ATOM   55   N NZ  . LYS A 1 7   ? 6.193   5.505   14.987  1.00 46.50 ? 7   LYS A NZ  1 
ATOM   56   N N   . MET A 1 8   ? 2.494   3.982   8.992   1.00 26.61 ? 8   MET A N   1 
ATOM   57   C CA  . MET A 1 8   ? 2.375   5.107   8.069   1.00 25.60 ? 8   MET A CA  1 
ATOM   58   C C   . MET A 1 8   ? 0.896   5.284   7.701   1.00 24.84 ? 8   MET A C   1 
ATOM   59   O O   . MET A 1 8   ? 0.358   6.394   7.734   1.00 24.42 ? 8   MET A O   1 
ATOM   60   C CB  . MET A 1 8   ? 3.222   4.828   6.816   1.00 25.80 ? 8   MET A CB  1 
ATOM   61   C CG  . MET A 1 8   ? 3.641   6.064   6.015   1.00 23.90 ? 8   MET A CG  1 
ATOM   62   S SD  . MET A 1 8   ? 4.782   5.680   4.641   1.00 21.43 ? 8   MET A SD  1 
ATOM   63   C CE  . MET A 1 8   ? 6.372   6.062   5.355   1.00 19.31 ? 8   MET A CE  1 
ATOM   64   N N   . ILE A 1 9   ? 0.241   4.176   7.375   1.00 23.03 ? 9   ILE A N   1 
ATOM   65   C CA  . ILE A 1 9   ? -1.175  4.181   7.011   1.00 22.83 ? 9   ILE A CA  1 
ATOM   66   C C   . ILE A 1 9   ? -2.078  4.721   8.108   1.00 22.90 ? 9   ILE A C   1 
ATOM   67   O O   . ILE A 1 9   ? -3.010  5.472   7.845   1.00 23.08 ? 9   ILE A O   1 
ATOM   68   C CB  . ILE A 1 9   ? -1.643  2.766   6.659   1.00 21.63 ? 9   ILE A CB  1 
ATOM   69   C CG1 . ILE A 1 9   ? -1.004  2.349   5.331   1.00 23.36 ? 9   ILE A CG1 1 
ATOM   70   C CG2 . ILE A 1 9   ? -3.154  2.710   6.617   1.00 18.51 ? 9   ILE A CG2 1 
ATOM   71   C CD1 . ILE A 1 9   ? -1.300  0.941   4.903   1.00 23.48 ? 9   ILE A CD1 1 
ATOM   72   N N   . LEU A 1 10  ? -1.800  4.322   9.341   1.00 23.89 ? 10  LEU A N   1 
ATOM   73   C CA  . LEU A 1 10  ? -2.585  4.768   10.476  1.00 24.05 ? 10  LEU A CA  1 
ATOM   74   C C   . LEU A 1 10  ? -2.492  6.283   10.653  1.00 24.96 ? 10  LEU A C   1 
ATOM   75   O O   . LEU A 1 10  ? -3.508  6.975   10.670  1.00 26.64 ? 10  LEU A O   1 
ATOM   76   C CB  . LEU A 1 10  ? -2.105  4.064   11.744  1.00 23.96 ? 10  LEU A CB  1 
ATOM   77   C CG  . LEU A 1 10  ? -2.927  4.324   13.009  1.00 24.69 ? 10  LEU A CG  1 
ATOM   78   C CD1 . LEU A 1 10  ? -4.406  4.029   12.749  1.00 23.54 ? 10  LEU A CD1 1 
ATOM   79   C CD2 . LEU A 1 10  ? -2.388  3.464   14.141  1.00 22.00 ? 10  LEU A CD2 1 
ATOM   80   N N   . GLU A 1 11  ? -1.275  6.799   10.786  1.00 24.96 ? 11  GLU A N   1 
ATOM   81   C CA  . GLU A 1 11  ? -1.074  8.236   10.962  1.00 24.45 ? 11  GLU A CA  1 
ATOM   82   C C   . GLU A 1 11  ? -1.874  8.980   9.908   1.00 23.43 ? 11  GLU A C   1 
ATOM   83   O O   . GLU A 1 11  ? -2.587  9.938   10.192  1.00 21.83 ? 11  GLU A O   1 
ATOM   84   C CB  . GLU A 1 11  ? 0.403   8.587   10.794  1.00 24.44 ? 11  GLU A CB  1 
ATOM   85   C CG  . GLU A 1 11  ? 1.336   7.671   11.550  1.00 29.70 ? 11  GLU A CG  1 
ATOM   86   C CD  . GLU A 1 11  ? 2.794   8.074   11.422  1.00 34.08 ? 11  GLU A CD  1 
ATOM   87   O OE1 . GLU A 1 11  ? 3.250   8.297   10.283  1.00 36.77 ? 11  GLU A OE1 1 
ATOM   88   O OE2 . GLU A 1 11  ? 3.490   8.158   12.459  1.00 36.66 ? 11  GLU A OE2 1 
ATOM   89   N N   . GLU A 1 12  ? -1.749  8.503   8.680   1.00 24.70 ? 12  GLU A N   1 
ATOM   90   C CA  . GLU A 1 12  ? -2.420  9.097   7.535   1.00 24.61 ? 12  GLU A CA  1 
ATOM   91   C C   . GLU A 1 12  ? -3.930  8.971   7.497   1.00 24.17 ? 12  GLU A C   1 
ATOM   92   O O   . GLU A 1 12  ? -4.627  9.968   7.368   1.00 24.86 ? 12  GLU A O   1 
ATOM   93   C CB  . GLU A 1 12  ? -1.864  8.499   6.243   1.00 23.26 ? 12  GLU A CB  1 
ATOM   94   C CG  . GLU A 1 12  ? -0.521  9.049   5.820   1.00 22.74 ? 12  GLU A CG  1 
ATOM   95   C CD  . GLU A 1 12  ? -0.559  10.537  5.595   1.00 21.07 ? 12  GLU A CD  1 
ATOM   96   O OE1 . GLU A 1 12  ? -1.652  11.070  5.356   1.00 24.84 ? 12  GLU A OE1 1 
ATOM   97   O OE2 . GLU A 1 12  ? 0.499   11.178  5.641   1.00 20.99 ? 12  GLU A OE2 1 
ATOM   98   N N   . THR A 1 13  ? -4.429  7.746   7.604   1.00 24.24 ? 13  THR A N   1 
ATOM   99   C CA  . THR A 1 13  ? -5.861  7.497   7.517   1.00 25.25 ? 13  THR A CA  1 
ATOM   100  C C   . THR A 1 13  ? -6.598  7.193   8.817   1.00 25.81 ? 13  THR A C   1 
ATOM   101  O O   . THR A 1 13  ? -7.811  7.021   8.808   1.00 25.70 ? 13  THR A O   1 
ATOM   102  C CB  . THR A 1 13  ? -6.135  6.325   6.565   1.00 24.26 ? 13  THR A CB  1 
ATOM   103  O OG1 . THR A 1 13  ? -5.676  5.113   7.172   1.00 25.53 ? 13  THR A OG1 1 
ATOM   104  C CG2 . THR A 1 13  ? -5.394  6.515   5.262   1.00 23.82 ? 13  THR A CG2 1 
ATOM   105  N N   . GLY A 1 14  ? -5.888  7.118   9.932   1.00 26.93 ? 14  GLY A N   1 
ATOM   106  C CA  . GLY A 1 14  ? -6.562  6.798   11.173  1.00 26.19 ? 14  GLY A CA  1 
ATOM   107  C C   . GLY A 1 14  ? -7.227  5.435   11.063  1.00 27.49 ? 14  GLY A C   1 
ATOM   108  O O   . GLY A 1 14  ? -8.090  5.083   11.862  1.00 29.02 ? 14  GLY A O   1 
ATOM   109  N N   . LYS A 1 15  ? -6.847  4.666   10.052  1.00 28.63 ? 16  LYS A N   1 
ATOM   110  C CA  . LYS A 1 15  ? -7.406  3.329   9.888   1.00 30.10 ? 16  LYS A CA  1 
ATOM   111  C C   . LYS A 1 15  ? -6.308  2.304   10.103  1.00 30.55 ? 16  LYS A C   1 
ATOM   112  O O   . LYS A 1 15  ? -5.196  2.478   9.619   1.00 32.02 ? 16  LYS A O   1 
ATOM   113  C CB  . LYS A 1 15  ? -7.990  3.139   8.490   1.00 29.37 ? 16  LYS A CB  1 
ATOM   114  C CG  . LYS A 1 15  ? -9.364  3.725   8.293   1.00 30.64 ? 16  LYS A CG  1 
ATOM   115  C CD  . LYS A 1 15  ? -9.742  3.677   6.826   1.00 33.69 ? 16  LYS A CD  1 
ATOM   116  C CE  . LYS A 1 15  ? -11.222 3.377   6.618   1.00 36.31 ? 16  LYS A CE  1 
ATOM   117  N NZ  . LYS A 1 15  ? -12.121 4.367   7.283   1.00 39.00 ? 16  LYS A NZ  1 
ATOM   118  N N   . LEU A 1 16  ? -6.616  1.237   10.811  1.00 30.69 ? 17  LEU A N   1 
ATOM   119  C CA  . LEU A 1 16  ? -5.618  0.196   11.035  1.00 30.66 ? 17  LEU A CA  1 
ATOM   120  C C   . LEU A 1 16  ? -5.366  -0.519  9.750   1.00 28.57 ? 17  LEU A C   1 
ATOM   121  O O   . LEU A 1 16  ? -6.256  -1.178  9.220   1.00 27.95 ? 17  LEU A O   1 
ATOM   122  C CB  . LEU A 1 16  ? -6.071  -0.775  12.119  1.00 33.50 ? 17  LEU A CB  1 
ATOM   123  C CG  . LEU A 1 16  ? -6.139  -0.158  13.501  1.00 36.43 ? 17  LEU A CG  1 
ATOM   124  C CD1 . LEU A 1 16  ? -7.071  -0.972  14.390  1.00 37.02 ? 17  LEU A CD1 1 
ATOM   125  C CD2 . LEU A 1 16  ? -4.756  -0.045  14.122  1.00 37.03 ? 17  LEU A CD2 1 
ATOM   126  N N   . ALA A 1 17  ? -4.145  -0.369  9.260   1.00 28.61 ? 18  ALA A N   1 
ATOM   127  C CA  . ALA A 1 17  ? -3.768  -1.046  8.050   1.00 28.43 ? 18  ALA A CA  1 
ATOM   128  C C   . ALA A 1 17  ? -4.152  -2.517  8.089   1.00 29.05 ? 18  ALA A C   1 
ATOM   129  O O   . ALA A 1 17  ? -4.510  -3.085  7.057   1.00 26.90 ? 18  ALA A O   1 
ATOM   130  C CB  . ALA A 1 17  ? -2.274  -0.875  7.807   1.00 28.65 ? 18  ALA A CB  1 
ATOM   131  N N   . ILE A 1 18  ? -4.124  -3.179  9.240   1.00 31.33 ? 19  ILE A N   1 
ATOM   132  C CA  . ILE A 1 18  ? -4.496  -4.601  9.295   1.00 34.28 ? 19  ILE A CA  1 
ATOM   133  C C   . ILE A 1 18  ? -6.007  -4.759  8.816   1.00 35.86 ? 19  ILE A C   1 
ATOM   134  O O   . ILE A 1 18  ? -6.174  -5.152  7.650   1.00 38.81 ? 19  ILE A O   1 
ATOM   135  C CB  . ILE A 1 18  ? -4.216  -5.156  10.688  1.00 35.26 ? 19  ILE A CB  1 
ATOM   136  C CG1 . ILE A 1 18  ? -2.763  -5.684  10.796  1.00 34.16 ? 19  ILE A CG1 1 
ATOM   137  C CG2 . ILE A 1 18  ? -5.207  -6.249  11.038  1.00 35.77 ? 19  ILE A CG2 1 
ATOM   138  C CD1 . ILE A 1 18  ? -2.228  -6.301  9.523   1.00 32.72 ? 19  ILE A CD1 1 
ATOM   139  N N   . PRO A 1 19  ? -7.153  -4.481  9.561   1.00 34.29 ? 20  PRO A N   1 
ATOM   140  C CA  . PRO A 1 19  ? -8.398  -4.752  8.803   1.00 32.65 ? 20  PRO A CA  1 
ATOM   141  C C   . PRO A 1 19  ? -8.464  -4.145  7.449   1.00 31.32 ? 20  PRO A C   1 
ATOM   142  O O   . PRO A 1 19  ? -8.360  -4.766  6.380   1.00 30.98 ? 20  PRO A O   1 
ATOM   143  C CB  . PRO A 1 19  ? -9.562  -4.338  9.729   1.00 33.89 ? 20  PRO A CB  1 
ATOM   144  C CG  . PRO A 1 19  ? -9.063  -4.812  11.047  1.00 36.47 ? 20  PRO A CG  1 
ATOM   145  C CD  . PRO A 1 19  ? -7.567  -4.970  10.918  1.00 34.81 ? 20  PRO A CD  1 
ATOM   146  N N   . SER A 1 20  ? -8.730  -2.874  7.606   1.00 30.94 ? 21  SER A N   1 
ATOM   147  C CA  . SER A 1 20  ? -8.968  -1.917  6.596   1.00 31.91 ? 21  SER A CA  1 
ATOM   148  C C   . SER A 1 20  ? -8.308  -2.174  5.247   1.00 31.77 ? 21  SER A C   1 
ATOM   149  O O   . SER A 1 20  ? -9.010  -2.409  4.261   1.00 31.18 ? 21  SER A O   1 
ATOM   150  C CB  . SER A 1 20  ? -8.579  -0.543  7.117   1.00 32.60 ? 21  SER A CB  1 
ATOM   151  O OG  . SER A 1 20  ? -9.386  -0.158  8.215   1.00 35.04 ? 21  SER A OG  1 
ATOM   152  N N   . TYR A 1 21  ? -6.983  -2.145  5.130   1.00 31.81 ? 22  TYR A N   1 
ATOM   153  C CA  . TYR A 1 21  ? -6.394  -2.301  3.799   1.00 31.70 ? 22  TYR A CA  1 
ATOM   154  C C   . TYR A 1 21  ? -5.671  -3.680  3.541   1.00 32.43 ? 22  TYR A C   1 
ATOM   155  O O   . TYR A 1 21  ? -4.837  -3.756  2.643   1.00 34.72 ? 22  TYR A O   1 
ATOM   156  C CB  . TYR A 1 21  ? -5.402  -1.134  3.541   1.00 28.64 ? 22  TYR A CB  1 
ATOM   157  C CG  . TYR A 1 21  ? -6.001  0.251   3.580   1.00 27.30 ? 22  TYR A CG  1 
ATOM   158  C CD1 . TYR A 1 21  ? -5.936  1.028   4.737   1.00 27.60 ? 22  TYR A CD1 1 
ATOM   159  C CD2 . TYR A 1 21  ? -6.635  0.786   2.460   1.00 27.10 ? 22  TYR A CD2 1 
ATOM   160  C CE1 . TYR A 1 21  ? -6.490  2.311   4.778   1.00 29.65 ? 22  TYR A CE1 1 
ATOM   161  C CE2 . TYR A 1 21  ? -7.194  2.062   2.488   1.00 29.27 ? 22  TYR A CE2 1 
ATOM   162  C CZ  . TYR A 1 21  ? -7.117  2.821   3.652   1.00 29.63 ? 22  TYR A CZ  1 
ATOM   163  O OH  . TYR A 1 21  ? -7.676  4.079   3.693   1.00 28.55 ? 22  TYR A OH  1 
ATOM   164  N N   . SER A 1 22  ? -5.939  -4.768  4.326   1.00 29.89 ? 23  SER A N   1 
ATOM   165  C CA  . SER A 1 22  ? -5.259  -6.127  4.150   1.00 26.79 ? 23  SER A CA  1 
ATOM   166  C C   . SER A 1 22  ? -6.047  -7.107  3.267   1.00 25.75 ? 23  SER A C   1 
ATOM   167  O O   . SER A 1 22  ? -5.500  -8.095  2.797   1.00 23.53 ? 23  SER A O   1 
ATOM   168  C CB  . SER A 1 22  ? -4.937  -6.740  5.505   1.00 27.11 ? 23  SER A CB  1 
ATOM   169  O OG  . SER A 1 22  ? -6.121  -7.007  6.234   1.00 27.99 ? 23  SER A OG  1 
ATOM   170  N N   . SER A 1 23  ? -7.316  -6.829  3.060   1.00 26.17 ? 24  SER A N   1 
ATOM   171  C CA  . SER A 1 23  ? -8.167  -7.675  2.235   1.00 27.79 ? 24  SER A CA  1 
ATOM   172  C C   . SER A 1 23  ? -9.239  -6.840  1.560   1.00 26.82 ? 24  SER A C   1 
ATOM   173  O O   . SER A 1 23  ? -10.409 -7.229  1.502   1.00 27.47 ? 24  SER A O   1 
ATOM   174  C CB  . SER A 1 23  ? -8.816  -8.751  3.097   1.00 30.16 ? 24  SER A CB  1 
ATOM   175  O OG  . SER A 1 23  ? -9.467  -8.158  4.210   1.00 34.69 ? 24  SER A OG  1 
ATOM   176  N N   . TYR A 1 24  ? -8.827  -5.684  1.055   1.00 25.01 ? 25  TYR A N   1 
ATOM   177  C CA  . TYR A 1 24  ? -9.733  -4.781  0.372   1.00 23.90 ? 25  TYR A CA  1 
ATOM   178  C C   . TYR A 1 24  ? -9.581  -4.973  -1.134  1.00 24.07 ? 25  TYR A C   1 
ATOM   179  O O   . TYR A 1 24  ? -8.476  -5.189  -1.633  1.00 25.02 ? 25  TYR A O   1 
ATOM   180  C CB  . TYR A 1 24  ? -9.414  -3.334  0.763   1.00 21.30 ? 25  TYR A CB  1 
ATOM   181  C CG  . TYR A 1 24  ? -10.390 -2.288  0.251   1.00 20.24 ? 25  TYR A CG  1 
ATOM   182  C CD1 . TYR A 1 24  ? -10.372 -1.865  -1.078  1.00 21.29 ? 25  TYR A CD1 1 
ATOM   183  C CD2 . TYR A 1 24  ? -11.295 -1.683  1.114   1.00 21.26 ? 25  TYR A CD2 1 
ATOM   184  C CE1 . TYR A 1 24  ? -11.228 -0.851  -1.528  1.00 22.75 ? 25  TYR A CE1 1 
ATOM   185  C CE2 . TYR A 1 24  ? -12.151 -0.677  0.678   1.00 22.11 ? 25  TYR A CE2 1 
ATOM   186  C CZ  . TYR A 1 24  ? -12.112 -0.264  -0.639  1.00 22.34 ? 25  TYR A CZ  1 
ATOM   187  O OH  . TYR A 1 24  ? -12.938 0.756   -1.050  1.00 22.62 ? 25  TYR A OH  1 
ATOM   188  N N   . GLY A 1 25  ? -10.702 -4.915  -1.846  1.00 22.92 ? 26  GLY A N   1 
ATOM   189  C CA  . GLY A 1 25  ? -10.689 -5.062  -3.291  1.00 22.46 ? 26  GLY A CA  1 
ATOM   190  C C   . GLY A 1 25  ? -9.871  -6.215  -3.844  1.00 22.82 ? 26  GLY A C   1 
ATOM   191  O O   . GLY A 1 25  ? -9.729  -7.249  -3.200  1.00 23.21 ? 26  GLY A O   1 
ATOM   192  N N   . CYS A 1 26  ? -9.325  -6.034  -5.042  1.00 22.54 ? 27  CYS A N   1 
ATOM   193  C CA  . CYS A 1 26  ? -8.525  -7.061  -5.688  1.00 21.05 ? 27  CYS A CA  1 
ATOM   194  C C   . CYS A 1 26  ? -7.015  -6.971  -5.468  1.00 19.72 ? 27  CYS A C   1 
ATOM   195  O O   . CYS A 1 26  ? -6.317  -7.962  -5.641  1.00 18.88 ? 27  CYS A O   1 
ATOM   196  C CB  . CYS A 1 26  ? -8.812  -7.045  -7.178  1.00 22.50 ? 27  CYS A CB  1 
ATOM   197  S SG  . CYS A 1 26  ? -10.552 -7.434  -7.581  1.00 32.15 ? 27  CYS A SG  1 
ATOM   198  N N   . TYR A 1 27  ? -6.499  -5.810  -5.073  1.00 20.76 ? 28  TYR A N   1 
ATOM   199  C CA  . TYR A 1 27  ? -5.051  -5.683  -4.887  1.00 21.44 ? 28  TYR A CA  1 
ATOM   200  C C   . TYR A 1 27  ? -4.540  -5.360  -3.499  1.00 24.28 ? 28  TYR A C   1 
ATOM   201  O O   . TYR A 1 27  ? -3.332  -5.424  -3.243  1.00 26.65 ? 28  TYR A O   1 
ATOM   202  C CB  . TYR A 1 27  ? -4.466  -4.662  -5.867  1.00 19.00 ? 28  TYR A CB  1 
ATOM   203  C CG  . TYR A 1 27  ? -4.464  -5.162  -7.282  1.00 17.80 ? 28  TYR A CG  1 
ATOM   204  C CD1 . TYR A 1 27  ? -5.584  -5.000  -8.101  1.00 16.32 ? 28  TYR A CD1 1 
ATOM   205  C CD2 . TYR A 1 27  ? -3.374  -5.866  -7.779  1.00 16.78 ? 28  TYR A CD2 1 
ATOM   206  C CE1 . TYR A 1 27  ? -5.619  -5.532  -9.374  1.00 17.08 ? 28  TYR A CE1 1 
ATOM   207  C CE2 . TYR A 1 27  ? -3.394  -6.407  -9.047  1.00 19.22 ? 28  TYR A CE2 1 
ATOM   208  C CZ  . TYR A 1 27  ? -4.518  -6.238  -9.845  1.00 18.84 ? 28  TYR A CZ  1 
ATOM   209  O OH  . TYR A 1 27  ? -4.518  -6.774  -11.112 1.00 16.97 ? 28  TYR A OH  1 
ATOM   210  N N   . CYS A 1 28  ? -5.456  -4.976  -2.615  1.00 25.40 ? 29  CYS A N   1 
ATOM   211  C CA  . CYS A 1 28  ? -5.182  -4.689  -1.238  1.00 29.15 ? 29  CYS A CA  1 
ATOM   212  C C   . CYS A 1 28  ? -4.848  -5.995  -0.428  1.00 33.83 ? 29  CYS A C   1 
ATOM   213  O O   . CYS A 1 28  ? -5.743  -6.799  -0.173  1.00 34.00 ? 29  CYS A O   1 
ATOM   214  C CB  . CYS A 1 28  ? -6.386  -3.979  -0.609  1.00 25.89 ? 29  CYS A CB  1 
ATOM   215  S SG  . CYS A 1 28  ? -6.734  -2.332  -1.313  1.00 24.73 ? 29  CYS A SG  1 
ATOM   216  N N   . GLY A 1 29  ? -3.541  -6.194  -0.156  1.00 39.04 ? 30  GLY A N   1 
ATOM   217  C CA  . GLY A 1 29  ? -3.026  -7.294  0.615   1.00 46.17 ? 30  GLY A CA  1 
ATOM   218  C C   . GLY A 1 29  ? -2.519  -8.580  -0.049  1.00 50.82 ? 30  GLY A C   1 
ATOM   219  O O   . GLY A 1 29  ? -1.878  -9.367  0.634   1.00 52.49 ? 30  GLY A O   1 
ATOM   220  N N   . TRP A 1 30  ? -2.747  -8.879  -1.233  1.00 55.76 ? 31  TRP A N   1 
ATOM   221  C CA  . TRP A 1 30  ? -2.300  -10.234 -1.533  1.00 60.84 ? 31  TRP A CA  1 
ATOM   222  C C   . TRP A 1 30  ? -1.712  -10.221 -2.843  1.00 60.92 ? 31  TRP A C   1 
ATOM   223  O O   . TRP A 1 30  ? -0.553  -10.299 -3.257  1.00 59.65 ? 31  TRP A O   1 
ATOM   224  C CB  . TRP A 1 30  ? -3.501  -11.088 -1.928  1.00 67.38 ? 31  TRP A CB  1 
ATOM   225  C CG  . TRP A 1 30  ? -3.476  -12.433 -1.360  1.00 74.04 ? 31  TRP A CG  1 
ATOM   226  C CD1 . TRP A 1 30  ? -4.012  -12.663 -0.147  1.00 76.19 ? 31  TRP A CD1 1 
ATOM   227  C CD2 . TRP A 1 30  ? -2.959  -13.653 -1.904  1.00 77.00 ? 31  TRP A CD2 1 
ATOM   228  N NE1 . TRP A 1 30  ? -3.820  -13.985 0.146   1.00 78.34 ? 31  TRP A NE1 1 
ATOM   229  C CE2 . TRP A 1 30  ? -3.180  -14.583 -0.898  1.00 78.26 ? 31  TRP A CE2 1 
ATOM   230  C CE3 . TRP A 1 30  ? -2.311  -14.070 -3.080  1.00 77.81 ? 31  TRP A CE3 1 
ATOM   231  C CZ2 . TRP A 1 30  ? -2.761  -15.913 -1.037  1.00 78.81 ? 31  TRP A CZ2 1 
ATOM   232  C CZ3 . TRP A 1 30  ? -1.887  -15.388 -3.207  1.00 78.19 ? 31  TRP A CZ3 1 
ATOM   233  C CH2 . TRP A 1 30  ? -2.130  -16.289 -2.181  1.00 78.88 ? 31  TRP A CH2 1 
ATOM   234  N N   . GLY A 1 31  ? -2.900  -10.095 -3.401  1.00 60.22 ? 32  GLY A N   1 
ATOM   235  C CA  . GLY A 1 31  ? -3.566  -9.979  -4.668  1.00 58.88 ? 32  GLY A CA  1 
ATOM   236  C C   . GLY A 1 31  ? -2.689  -9.646  -5.800  1.00 57.64 ? 32  GLY A C   1 
ATOM   237  O O   . GLY A 1 31  ? -1.813  -8.792  -5.761  1.00 57.92 ? 32  GLY A O   1 
ATOM   238  N N   . GLY A 1 32  ? -3.018  -10.388 -6.834  1.00 56.63 ? 33  GLY A N   1 
ATOM   239  C CA  . GLY A 1 32  ? -2.273  -10.343 -8.027  1.00 54.78 ? 33  GLY A CA  1 
ATOM   240  C C   . GLY A 1 32  ? -3.090  -10.371 -9.317  1.00 53.55 ? 33  GLY A C   1 
ATOM   241  O O   . GLY A 1 32  ? -2.521  -10.764 -10.346 1.00 54.82 ? 33  GLY A O   1 
ATOM   242  N N   . LYS A 1 33  ? -4.354  -9.995  -9.364  1.00 51.71 ? 34  LYS A N   1 
ATOM   243  C CA  . LYS A 1 33  ? -5.001  -9.883  -10.671 1.00 50.58 ? 34  LYS A CA  1 
ATOM   244  C C   . LYS A 1 33  ? -6.345  -9.175  -10.724 1.00 47.15 ? 34  LYS A C   1 
ATOM   245  O O   . LYS A 1 33  ? -6.892  -8.744  -9.708  1.00 45.38 ? 34  LYS A O   1 
ATOM   246  C CB  . LYS A 1 33  ? -5.170  -11.270 -11.301 1.00 53.84 ? 34  LYS A CB  1 
ATOM   247  C CG  . LYS A 1 33  ? -6.351  -12.063 -10.773 1.00 57.56 ? 34  LYS A CG  1 
ATOM   248  C CD  . LYS A 1 33  ? -6.488  -13.379 -11.510 1.00 62.31 ? 34  LYS A CD  1 
ATOM   249  C CE  . LYS A 1 33  ? -7.737  -14.128 -11.072 1.00 66.11 ? 34  LYS A CE  1 
ATOM   250  N NZ  . LYS A 1 33  ? -7.871  -15.445 -11.768 1.00 69.27 ? 34  LYS A NZ  1 
ATOM   251  N N   . GLY A 1 34  ? -6.861  -9.073  -11.944 1.00 44.34 ? 35  GLY A N   1 
ATOM   252  C CA  . GLY A 1 34  ? -8.140  -8.439  -12.181 1.00 42.29 ? 35  GLY A CA  1 
ATOM   253  C C   . GLY A 1 34  ? -8.069  -6.944  -12.404 1.00 40.52 ? 35  GLY A C   1 
ATOM   254  O O   . GLY A 1 34  ? -7.014  -6.387  -12.693 1.00 41.29 ? 35  GLY A O   1 
ATOM   255  N N   . THR A 1 35  ? -9.221  -6.304  -12.261 1.00 38.85 ? 36  THR A N   1 
ATOM   256  C CA  . THR A 1 35  ? -9.362  -4.872  -12.428 1.00 36.35 ? 36  THR A CA  1 
ATOM   257  C C   . THR A 1 35  ? -9.573  -4.261  -11.065 1.00 35.40 ? 36  THR A C   1 
ATOM   258  O O   . THR A 1 35  ? -10.429 -4.714  -10.312 1.00 37.68 ? 36  THR A O   1 
ATOM   259  C CB  . THR A 1 35  ? -10.593 -4.549  -13.261 1.00 36.75 ? 36  THR A CB  1 
ATOM   260  O OG1 . THR A 1 35  ? -10.462 -5.158  -14.548 1.00 38.54 ? 36  THR A OG1 1 
ATOM   261  C CG2 . THR A 1 35  ? -10.760 -3.053  -13.406 1.00 35.22 ? 36  THR A CG2 1 
ATOM   262  N N   . PRO A 1 36  ? -8.788  -3.234  -10.715 1.00 34.63 ? 37  PRO A N   1 
ATOM   263  C CA  . PRO A 1 36  ? -8.980  -2.620  -9.402  1.00 32.68 ? 37  PRO A CA  1 
ATOM   264  C C   . PRO A 1 36  ? -10.435 -2.180  -9.281  1.00 30.80 ? 37  PRO A C   1 
ATOM   265  O O   . PRO A 1 36  ? -11.023 -1.678  -10.238 1.00 30.99 ? 37  PRO A O   1 
ATOM   266  C CB  . PRO A 1 36  ? -7.990  -1.461  -9.425  1.00 34.01 ? 37  PRO A CB  1 
ATOM   267  C CG  . PRO A 1 36  ? -6.840  -2.052  -10.240 1.00 33.39 ? 37  PRO A CG  1 
ATOM   268  C CD  . PRO A 1 36  ? -7.594  -2.689  -11.385 1.00 34.86 ? 37  PRO A CD  1 
ATOM   269  N N   . LYS A 1 37  ? -11.024 -2.399  -8.114  1.00 29.58 ? 38  LYS A N   1 
ATOM   270  C CA  . LYS A 1 37  ? -12.416 -2.036  -7.906  1.00 28.89 ? 38  LYS A CA  1 
ATOM   271  C C   . LYS A 1 37  ? -12.671 -0.550  -7.751  1.00 28.56 ? 38  LYS A C   1 
ATOM   272  O O   . LYS A 1 37  ? -13.715 -0.048  -8.150  1.00 29.42 ? 38  LYS A O   1 
ATOM   273  C CB  . LYS A 1 37  ? -12.964 -2.810  -6.712  1.00 31.50 ? 38  LYS A CB  1 
ATOM   274  C CG  . LYS A 1 37  ? -13.009 -4.303  -6.986  1.00 35.22 ? 38  LYS A CG  1 
ATOM   275  C CD  . LYS A 1 37  ? -13.873 -4.550  -8.212  1.00 37.95 ? 38  LYS A CD  1 
ATOM   276  C CE  . LYS A 1 37  ? -13.724 -5.952  -8.763  1.00 39.73 ? 38  LYS A CE  1 
ATOM   277  N NZ  . LYS A 1 37  ? -14.476 -6.111  -10.044 1.00 42.62 ? 38  LYS A NZ  1 
ATOM   278  N N   . ASP A 1 38  ? -11.715 0.160   -7.179  1.00 25.56 ? 39  ASP A N   1 
ATOM   279  C CA  . ASP A 1 38  ? -11.864 1.591   -7.014  1.00 22.82 ? 39  ASP A CA  1 
ATOM   280  C C   . ASP A 1 38  ? -10.524 2.222   -6.716  1.00 24.60 ? 39  ASP A C   1 
ATOM   281  O O   . ASP A 1 38  ? -9.483  1.557   -6.692  1.00 24.37 ? 39  ASP A O   1 
ATOM   282  C CB  . ASP A 1 38  ? -12.843 1.917   -5.888  1.00 20.34 ? 39  ASP A CB  1 
ATOM   283  C CG  . ASP A 1 38  ? -12.355 1.428   -4.545  1.00 19.84 ? 39  ASP A CG  1 
ATOM   284  O OD1 . ASP A 1 38  ? -11.273 0.811   -4.492  1.00 20.71 ? 39  ASP A OD1 1 
ATOM   285  O OD2 . ASP A 1 38  ? -13.044 1.644   -3.534  1.00 21.77 ? 39  ASP A OD2 1 
ATOM   286  N N   . ALA A 1 39  ? -10.574 3.527   -6.507  1.00 23.67 ? 40  ALA A N   1 
ATOM   287  C CA  . ALA A 1 39  ? -9.403  4.320   -6.206  1.00 23.83 ? 40  ALA A CA  1 
ATOM   288  C C   . ALA A 1 39  ? -8.472  3.629   -5.218  1.00 23.87 ? 40  ALA A C   1 
ATOM   289  O O   . ALA A 1 39  ? -7.316  3.358   -5.537  1.00 24.02 ? 40  ALA A O   1 
ATOM   290  C CB  . ALA A 1 39  ? -9.830  5.678   -5.661  1.00 25.11 ? 40  ALA A CB  1 
ATOM   291  N N   . THR A 1 40  ? -8.973  3.351   -4.017  1.00 22.97 ? 41  THR A N   1 
ATOM   292  C CA  . THR A 1 40  ? -8.178  2.689   -2.986  1.00 21.52 ? 41  THR A CA  1 
ATOM   293  C C   . THR A 1 40  ? -7.534  1.430   -3.546  1.00 22.16 ? 41  THR A C   1 
ATOM   294  O O   . THR A 1 40  ? -6.362  1.161   -3.302  1.00 23.00 ? 41  THR A O   1 
ATOM   295  C CB  . THR A 1 40  ? -9.039  2.297   -1.784  1.00 18.00 ? 41  THR A CB  1 
ATOM   296  O OG1 . THR A 1 40  ? -9.701  3.457   -1.283  1.00 18.19 ? 41  THR A OG1 1 
ATOM   297  C CG2 . THR A 1 40  ? -8.189  1.713   -0.688  1.00 16.72 ? 41  THR A CG2 1 
ATOM   298  N N   . ASP A 1 41  ? -8.300  0.666   -4.313  1.00 22.78 ? 42  ASP A N   1 
ATOM   299  C CA  . ASP A 1 41  ? -7.788  -0.556  -4.902  1.00 23.70 ? 42  ASP A CA  1 
ATOM   300  C C   . ASP A 1 41  ? -6.737  -0.195  -5.942  1.00 23.01 ? 42  ASP A C   1 
ATOM   301  O O   . ASP A 1 41  ? -5.751  -0.910  -6.116  1.00 22.08 ? 42  ASP A O   1 
ATOM   302  C CB  . ASP A 1 41  ? -8.934  -1.348  -5.535  1.00 27.35 ? 42  ASP A CB  1 
ATOM   303  C CG  . ASP A 1 41  ? -8.599  -2.818  -5.716  1.00 27.90 ? 42  ASP A CG  1 
ATOM   304  O OD1 . ASP A 1 41  ? -7.828  -3.360  -4.894  1.00 26.60 ? 42  ASP A OD1 1 
ATOM   305  O OD2 . ASP A 1 41  ? -9.124  -3.434  -6.666  1.00 29.23 ? 42  ASP A OD2 1 
ATOM   306  N N   . ARG A 1 42  ? -6.952  0.917   -6.638  1.00 23.93 ? 43  ARG A N   1 
ATOM   307  C CA  . ARG A 1 42  ? -5.985  1.367   -7.636  1.00 24.27 ? 43  ARG A CA  1 
ATOM   308  C C   . ARG A 1 42  ? -4.684  1.671   -6.912  1.00 22.68 ? 43  ARG A C   1 
ATOM   309  O O   . ARG A 1 42  ? -3.593  1.343   -7.377  1.00 22.30 ? 43  ARG A O   1 
ATOM   310  C CB  . ARG A 1 42  ? -6.466  2.629   -8.355  1.00 25.04 ? 43  ARG A CB  1 
ATOM   311  C CG  . ARG A 1 42  ? -7.467  2.359   -9.446  1.00 29.75 ? 43  ARG A CG  1 
ATOM   312  C CD  . ARG A 1 42  ? -7.554  3.539   -10.434 1.00 35.14 ? 43  ARG A CD  1 
ATOM   313  N NE  . ARG A 1 42  ? -8.459  4.604   -10.000 1.00 38.97 ? 43  ARG A NE  1 
ATOM   314  C CZ  . ARG A 1 42  ? -9.785  4.507   -10.028 1.00 40.59 ? 43  ARG A CZ  1 
ATOM   315  N NH1 . ARG A 1 42  ? -10.359 3.392   -10.472 1.00 39.39 ? 43  ARG A NH1 1 
ATOM   316  N NH2 . ARG A 1 42  ? -10.534 5.519   -9.600  1.00 42.05 ? 43  ARG A NH2 1 
ATOM   317  N N   . CYS A 1 43  ? -4.819  2.299   -5.754  1.00 21.08 ? 44  CYS A N   1 
ATOM   318  C CA  . CYS A 1 43  ? -3.671  2.647   -4.946  1.00 20.68 ? 44  CYS A CA  1 
ATOM   319  C C   . CYS A 1 43  ? -2.839  1.399   -4.696  1.00 20.34 ? 44  CYS A C   1 
ATOM   320  O O   . CYS A 1 43  ? -1.638  1.387   -4.954  1.00 19.55 ? 44  CYS A O   1 
ATOM   321  C CB  . CYS A 1 43  ? -4.128  3.224   -3.610  1.00 22.07 ? 44  CYS A CB  1 
ATOM   322  S SG  . CYS A 1 43  ? -5.032  4.806   -3.677  1.00 20.52 ? 44  CYS A SG  1 
ATOM   323  N N   . CYS A 1 44  ? -3.489  0.347   -4.195  1.00 20.59 ? 45  CYS A N   1 
ATOM   324  C CA  . CYS A 1 44  ? -2.800  -0.904  -3.908  1.00 18.77 ? 45  CYS A CA  1 
ATOM   325  C C   . CYS A 1 44  ? -2.149  -1.439  -5.169  1.00 18.66 ? 45  CYS A C   1 
ATOM   326  O O   . CYS A 1 44  ? -0.991  -1.858  -5.145  1.00 19.04 ? 45  CYS A O   1 
ATOM   327  C CB  . CYS A 1 44  ? -3.771  -1.934  -3.316  1.00 19.29 ? 45  CYS A CB  1 
ATOM   328  S SG  . CYS A 1 44  ? -4.368  -1.452  -1.661  1.00 21.04 ? 45  CYS A SG  1 
ATOM   329  N N   . PHE A 1 45  ? -2.893  -1.404  -6.272  1.00 18.95 ? 46  PHE A N   1 
ATOM   330  C CA  . PHE A 1 45  ? -2.384  -1.874  -7.556  1.00 17.57 ? 46  PHE A CA  1 
ATOM   331  C C   . PHE A 1 45  ? -1.077  -1.180  -7.892  1.00 15.48 ? 46  PHE A C   1 
ATOM   332  O O   . PHE A 1 45  ? -0.117  -1.814  -8.320  1.00 15.58 ? 46  PHE A O   1 
ATOM   333  C CB  . PHE A 1 45  ? -3.381  -1.590  -8.679  1.00 19.12 ? 46  PHE A CB  1 
ATOM   334  C CG  . PHE A 1 45  ? -2.865  -1.956  -10.043 1.00 20.22 ? 46  PHE A CG  1 
ATOM   335  C CD1 . PHE A 1 45  ? -2.708  -3.293  -10.407 1.00 19.96 ? 46  PHE A CD1 1 
ATOM   336  C CD2 . PHE A 1 45  ? -2.489  -0.966  -10.950 1.00 21.20 ? 46  PHE A CD2 1 
ATOM   337  C CE1 . PHE A 1 45  ? -2.180  -3.647  -11.656 1.00 18.82 ? 46  PHE A CE1 1 
ATOM   338  C CE2 . PHE A 1 45  ? -1.957  -1.311  -12.205 1.00 21.41 ? 46  PHE A CE2 1 
ATOM   339  C CZ  . PHE A 1 45  ? -1.802  -2.657  -12.555 1.00 18.80 ? 46  PHE A CZ  1 
ATOM   340  N N   . VAL A 1 46  ? -1.045  0.132   -7.717  1.00 14.25 ? 47  VAL A N   1 
ATOM   341  C CA  . VAL A 1 46  ? 0.162   0.874   -8.014  1.00 15.96 ? 47  VAL A CA  1 
ATOM   342  C C   . VAL A 1 46  ? 1.256   0.488   -7.043  1.00 16.81 ? 47  VAL A C   1 
ATOM   343  O O   . VAL A 1 46  ? 2.390   0.223   -7.441  1.00 17.83 ? 47  VAL A O   1 
ATOM   344  C CB  . VAL A 1 46  ? -0.064  2.380   -7.911  1.00 15.17 ? 47  VAL A CB  1 
ATOM   345  C CG1 . VAL A 1 46  ? 1.273   3.108   -7.969  1.00 12.57 ? 47  VAL A CG1 1 
ATOM   346  C CG2 . VAL A 1 46  ? -0.978  2.841   -9.042  1.00 15.11 ? 47  VAL A CG2 1 
ATOM   347  N N   . HIS A 1 47  ? 0.910   0.465   -5.764  1.00 18.37 ? 48  HIS A N   1 
ATOM   348  C CA  . HIS A 1 47  ? 1.875   0.107   -4.738  1.00 17.69 ? 48  HIS A CA  1 
ATOM   349  C C   . HIS A 1 47  ? 2.471   -1.255  -5.084  1.00 19.03 ? 48  HIS A C   1 
ATOM   350  O O   . HIS A 1 47  ? 3.689   -1.438  -5.013  1.00 20.19 ? 48  HIS A O   1 
ATOM   351  C CB  . HIS A 1 47  ? 1.200   0.069   -3.366  1.00 16.15 ? 48  HIS A CB  1 
ATOM   352  C CG  . HIS A 1 47  ? 2.148   -0.190  -2.234  1.00 15.37 ? 48  HIS A CG  1 
ATOM   353  N ND1 . HIS A 1 47  ? 2.090   -1.332  -1.464  1.00 13.75 ? 48  HIS A ND1 1 
ATOM   354  C CD2 . HIS A 1 47  ? 3.176   0.544   -1.749  1.00 13.63 ? 48  HIS A CD2 1 
ATOM   355  C CE1 . HIS A 1 47  ? 3.047   -1.291  -0.550  1.00 11.94 ? 48  HIS A CE1 1 
ATOM   356  N NE2 . HIS A 1 47  ? 3.719   -0.164  -0.703  1.00 13.26 ? 48  HIS A NE2 1 
ATOM   357  N N   . ASP A 1 48  ? 1.666   -2.203  -5.453  1.00 16.67 ? 49  ASP A N   1 
ATOM   358  C CA  . ASP A 1 48  ? 2.182   -3.484  -5.796  1.00 16.63 ? 49  ASP A CA  1 
ATOM   359  C C   . ASP A 1 48  ? 3.080   -3.371  -7.020  1.00 16.58 ? 49  ASP A C   1 
ATOM   360  O O   . ASP A 1 48  ? 4.096   -4.055  -7.131  1.00 14.65 ? 49  ASP A O   1 
ATOM   361  C CB  . ASP A 1 48  ? 1.094   -4.473  -6.113  1.00 17.32 ? 49  ASP A CB  1 
ATOM   362  C CG  . ASP A 1 48  ? 0.438   -5.084  -4.877  1.00 21.10 ? 49  ASP A CG  1 
ATOM   363  O OD1 . ASP A 1 48  ? 0.834   -4.709  -3.762  1.00 22.75 ? 49  ASP A OD1 1 
ATOM   364  O OD2 . ASP A 1 48  ? -0.461  -5.945  -5.045  1.00 18.95 ? 49  ASP A OD2 1 
ATOM   365  N N   . CYS A 1 49  ? 2.726   -2.499  -7.959  1.00 19.11 ? 50  CYS A N   1 
ATOM   366  C CA  . CYS A 1 49  ? 3.565   -2.267  -9.135  1.00 20.50 ? 50  CYS A CA  1 
ATOM   367  C C   . CYS A 1 49  ? 4.878   -1.635  -8.724  1.00 18.70 ? 50  CYS A C   1 
ATOM   368  O O   . CYS A 1 49  ? 5.925   -1.952  -9.275  1.00 19.58 ? 50  CYS A O   1 
ATOM   369  C CB  . CYS A 1 49  ? 2.872   -1.346  -10.138 1.00 21.22 ? 50  CYS A CB  1 
ATOM   370  S SG  . CYS A 1 49  ? 1.512   -2.082  -11.102 1.00 24.76 ? 50  CYS A SG  1 
ATOM   371  N N   . CYS A 1 50  ? 4.806   -0.733  -7.757  1.00 15.92 ? 51  CYS A N   1 
ATOM   372  C CA  . CYS A 1 50  ? 5.978   -0.047  -7.248  1.00 16.60 ? 51  CYS A CA  1 
ATOM   373  C C   . CYS A 1 50  ? 7.005   -1.035  -6.717  1.00 16.83 ? 51  CYS A C   1 
ATOM   374  O O   . CYS A 1 50  ? 8.198   -0.904  -6.961  1.00 18.20 ? 51  CYS A O   1 
ATOM   375  C CB  . CYS A 1 50  ? 5.574   0.887   -6.135  1.00 15.08 ? 51  CYS A CB  1 
ATOM   376  S SG  . CYS A 1 50  ? 6.730   2.262   -5.914  1.00 14.65 ? 51  CYS A SG  1 
ATOM   377  N N   . TYR A 1 51  ? 6.539   -2.023  -5.972  1.00 18.72 ? 52  TYR A N   1 
ATOM   378  C CA  . TYR A 1 51  ? 7.443   -3.023  -5.442  1.00 18.23 ? 52  TYR A CA  1 
ATOM   379  C C   . TYR A 1 51  ? 8.021   -3.825  -6.615  1.00 20.36 ? 52  TYR A C   1 
ATOM   380  O O   . TYR A 1 51  ? 9.180   -4.242  -6.590  1.00 20.97 ? 52  TYR A O   1 
ATOM   381  C CB  . TYR A 1 51  ? 6.699   -3.943  -4.467  1.00 17.88 ? 52  TYR A CB  1 
ATOM   382  C CG  . TYR A 1 51  ? 6.475   -3.378  -3.064  1.00 19.01 ? 52  TYR A CG  1 
ATOM   383  C CD1 . TYR A 1 51  ? 7.017   -2.144  -2.670  1.00 19.94 ? 52  TYR A CD1 1 
ATOM   384  C CD2 . TYR A 1 51  ? 5.743   -4.103  -2.114  1.00 19.15 ? 52  TYR A CD2 1 
ATOM   385  C CE1 . TYR A 1 51  ? 6.830   -1.651  -1.356  1.00 20.13 ? 52  TYR A CE1 1 
ATOM   386  C CE2 . TYR A 1 51  ? 5.552   -3.627  -0.810  1.00 19.61 ? 52  TYR A CE2 1 
ATOM   387  C CZ  . TYR A 1 51  ? 6.094   -2.405  -0.435  1.00 21.11 ? 52  TYR A CZ  1 
ATOM   388  O OH  . TYR A 1 51  ? 5.882   -1.954  0.853   1.00 19.17 ? 52  TYR A OH  1 
ATOM   389  N N   . GLY A 1 52  ? 7.213   -4.014  -7.653  1.00 19.91 ? 53  GLY A N   1 
ATOM   390  C CA  . GLY A 1 52  ? 7.658   -4.766  -8.812  1.00 19.36 ? 53  GLY A CA  1 
ATOM   391  C C   . GLY A 1 52  ? 8.932   -4.252  -9.448  1.00 20.63 ? 53  GLY A C   1 
ATOM   392  O O   . GLY A 1 52  ? 9.624   -4.987  -10.145 1.00 20.60 ? 53  GLY A O   1 
ATOM   393  N N   . ASN A 1 53  ? 9.253   -2.989  -9.206  1.00 23.45 ? 54  ASN A N   1 
ATOM   394  C CA  . ASN A 1 53  ? 10.446  -2.386  -9.782  1.00 26.16 ? 54  ASN A CA  1 
ATOM   395  C C   . ASN A 1 53  ? 11.693  -2.647  -8.958  1.00 25.23 ? 54  ASN A C   1 
ATOM   396  O O   . ASN A 1 53  ? 12.786  -2.244  -9.339  1.00 26.02 ? 54  ASN A O   1 
ATOM   397  C CB  . ASN A 1 53  ? 10.252  -0.876  -9.947  1.00 29.21 ? 54  ASN A CB  1 
ATOM   398  C CG  . ASN A 1 53  ? 9.179   -0.535  -10.974 1.00 34.30 ? 54  ASN A CG  1 
ATOM   399  O OD1 . ASN A 1 53  ? 9.196   -1.049  -12.096 1.00 35.68 ? 54  ASN A OD1 1 
ATOM   400  N ND2 . ASN A 1 53  ? 8.244   0.342   -10.598 1.00 35.46 ? 54  ASN A ND2 1 
ATOM   401  N N   . LEU A 1 54  ? 11.532  -3.327  -7.831  1.00 24.98 ? 55  LEU A N   1 
ATOM   402  C CA  . LEU A 1 54  ? 12.666  -3.629  -6.962  1.00 24.56 ? 55  LEU A CA  1 
ATOM   403  C C   . LEU A 1 54  ? 12.769  -5.137  -6.776  1.00 23.63 ? 55  LEU A C   1 
ATOM   404  O O   . LEU A 1 54  ? 12.568  -5.655  -5.678  1.00 23.14 ? 55  LEU A O   1 
ATOM   405  C CB  . LEU A 1 54  ? 12.464  -2.963  -5.606  1.00 22.94 ? 55  LEU A CB  1 
ATOM   406  C CG  . LEU A 1 54  ? 11.892  -1.553  -5.694  1.00 20.38 ? 55  LEU A CG  1 
ATOM   407  C CD1 . LEU A 1 54  ? 11.457  -1.095  -4.330  1.00 20.95 ? 55  LEU A CD1 1 
ATOM   408  C CD2 . LEU A 1 54  ? 12.935  -0.626  -6.272  1.00 23.40 ? 55  LEU A CD2 1 
ATOM   409  N N   . PRO A 1 55  ? 13.103  -5.858  -7.852  1.00 23.45 ? 56  PRO A N   1 
ATOM   410  C CA  . PRO A 1 55  ? 13.234  -7.315  -7.836  1.00 22.67 ? 56  PRO A CA  1 
ATOM   411  C C   . PRO A 1 55  ? 14.156  -7.846  -6.741  1.00 24.08 ? 56  PRO A C   1 
ATOM   412  O O   . PRO A 1 55  ? 13.863  -8.864  -6.119  1.00 24.23 ? 56  PRO A O   1 
ATOM   413  C CB  . PRO A 1 55  ? 13.769  -7.627  -9.231  1.00 22.68 ? 56  PRO A CB  1 
ATOM   414  C CG  . PRO A 1 55  ? 13.251  -6.483  -10.056 1.00 23.69 ? 56  PRO A CG  1 
ATOM   415  C CD  . PRO A 1 55  ? 13.493  -5.313  -9.162  1.00 22.37 ? 56  PRO A CD  1 
ATOM   416  N N   . ASP A 1 56  ? 15.262  -7.150  -6.496  1.00 23.12 ? 59  ASP A N   1 
ATOM   417  C CA  . ASP A 1 56  ? 16.208  -7.616  -5.493  1.00 23.84 ? 59  ASP A CA  1 
ATOM   418  C C   . ASP A 1 56  ? 16.143  -6.970  -4.105  1.00 24.17 ? 59  ASP A C   1 
ATOM   419  O O   . ASP A 1 56  ? 17.133  -6.956  -3.364  1.00 22.55 ? 59  ASP A O   1 
ATOM   420  C CB  . ASP A 1 56  ? 17.630  -7.528  -6.045  1.00 27.56 ? 59  ASP A CB  1 
ATOM   421  C CG  . ASP A 1 56  ? 17.863  -8.480  -7.226  1.00 29.24 ? 59  ASP A CG  1 
ATOM   422  O OD1 . ASP A 1 56  ? 18.945  -8.395  -7.842  1.00 29.25 ? 59  ASP A OD1 1 
ATOM   423  O OD2 . ASP A 1 56  ? 16.978  -9.315  -7.544  1.00 28.80 ? 59  ASP A OD2 1 
ATOM   424  N N   . CYS A 1 57  ? 14.978  -6.436  -3.751  1.00 24.23 ? 61  CYS A N   1 
ATOM   425  C CA  . CYS A 1 57  ? 14.778  -5.844  -2.435  1.00 23.27 ? 61  CYS A CA  1 
ATOM   426  C C   . CYS A 1 57  ? 13.785  -6.748  -1.716  1.00 24.38 ? 61  CYS A C   1 
ATOM   427  O O   . CYS A 1 57  ? 13.287  -7.713  -2.296  1.00 24.27 ? 61  CYS A O   1 
ATOM   428  C CB  . CYS A 1 57  ? 14.168  -4.455  -2.541  1.00 23.67 ? 61  CYS A CB  1 
ATOM   429  S SG  . CYS A 1 57  ? 15.139  -3.211  -3.453  1.00 25.86 ? 61  CYS A SG  1 
ATOM   430  N N   . ASN A 1 58  ? 13.457  -6.403  -0.474  1.00 25.89 ? 67  ASN A N   1 
ATOM   431  C CA  . ASN A 1 58  ? 12.547  -7.196  0.359   1.00 23.72 ? 67  ASN A CA  1 
ATOM   432  C C   . ASN A 1 58  ? 11.645  -6.300  1.201   1.00 24.25 ? 67  ASN A C   1 
ATOM   433  O O   . ASN A 1 58  ? 11.819  -6.122  2.413   1.00 22.15 ? 67  ASN A O   1 
ATOM   434  C CB  . ASN A 1 58  ? 13.329  -8.167  1.238   1.00 23.52 ? 67  ASN A CB  1 
ATOM   435  C CG  . ASN A 1 58  ? 14.088  -9.185  0.393   1.00 23.57 ? 67  ASN A CG  1 
ATOM   436  O OD1 . ASN A 1 58  ? 13.508  -10.110 -0.167  1.00 26.25 ? 67  ASN A OD1 1 
ATOM   437  N ND2 . ASN A 1 58  ? 15.401  -9.008  0.310   1.00 24.83 ? 67  ASN A ND2 1 
ATOM   438  N N   . PRO A 1 59  ? 10.630  -5.776  0.479   1.00 27.03 ? 68  PRO A N   1 
ATOM   439  C CA  . PRO A 1 59  ? 9.628   -4.813  1.074   1.00 25.31 ? 68  PRO A CA  1 
ATOM   440  C C   . PRO A 1 59  ? 8.958   -5.183  2.372   1.00 24.98 ? 68  PRO A C   1 
ATOM   441  O O   . PRO A 1 59  ? 9.082   -4.517  3.393   1.00 27.14 ? 68  PRO A O   1 
ATOM   442  C CB  . PRO A 1 59  ? 8.766   -4.492  -0.112  1.00 25.31 ? 68  PRO A CB  1 
ATOM   443  C CG  . PRO A 1 59  ? 9.751   -4.476  -1.235  1.00 25.15 ? 68  PRO A CG  1 
ATOM   444  C CD  . PRO A 1 59  ? 10.927  -5.336  -0.887  1.00 25.97 ? 68  PRO A CD  1 
ATOM   445  N N   . LYS A 1 60  ? 8.250   -6.301  2.324   1.00 26.14 ? 69  LYS A N   1 
ATOM   446  C CA  . LYS A 1 60  ? 7.616   -6.844  3.500   1.00 26.27 ? 69  LYS A CA  1 
ATOM   447  C C   . LYS A 1 60  ? 8.585   -6.900  4.795   1.00 24.31 ? 69  LYS A C   1 
ATOM   448  O O   . LYS A 1 60  ? 8.061   -6.737  5.890   1.00 25.39 ? 69  LYS A O   1 
ATOM   449  C CB  . LYS A 1 60  ? 6.982   -8.198  3.088   1.00 27.63 ? 69  LYS A CB  1 
ATOM   450  C CG  . LYS A 1 60  ? 6.275   -8.192  1.734   1.00 31.61 ? 69  LYS A CG  1 
ATOM   451  C CD  . LYS A 1 60  ? 5.084   -7.247  1.724   1.00 35.87 ? 69  LYS A CD  1 
ATOM   452  C CE  . LYS A 1 60  ? 3.785   -7.948  1.337   1.00 38.69 ? 69  LYS A CE  1 
ATOM   453  N NZ  . LYS A 1 60  ? 2.896   -7.077  0.520   1.00 39.13 ? 69  LYS A NZ  1 
ATOM   454  N N   . SER A 1 61  ? 9.979   -7.111  4.695   1.00 22.82 ? 70  SER A N   1 
ATOM   455  C CA  . SER A 1 61  ? 10.924  -7.247  5.888   1.00 23.04 ? 70  SER A CA  1 
ATOM   456  C C   . SER A 1 61  ? 12.086  -6.229  6.062   1.00 22.19 ? 70  SER A C   1 
ATOM   457  O O   . SER A 1 61  ? 12.584  -6.063  7.172   1.00 22.59 ? 70  SER A O   1 
ATOM   458  C CB  . SER A 1 61  ? 11.507  -8.680  5.871   1.00 25.88 ? 70  SER A CB  1 
ATOM   459  O OG  . SER A 1 61  ? 12.286  -8.906  4.706   1.00 25.43 ? 70  SER A OG  1 
ATOM   460  N N   . ASP A 1 62  ? 12.530  -5.541  5.008   1.00 21.12 ? 71  ASP A N   1 
ATOM   461  C CA  . ASP A 1 62  ? 13.579  -4.538  5.150   1.00 21.49 ? 71  ASP A CA  1 
ATOM   462  C C   . ASP A 1 62  ? 12.985  -3.308  5.810   1.00 22.78 ? 71  ASP A C   1 
ATOM   463  O O   . ASP A 1 62  ? 11.976  -2.778  5.353   1.00 23.64 ? 71  ASP A O   1 
ATOM   464  C CB  . ASP A 1 62  ? 14.166  -4.148  3.792   1.00 23.64 ? 71  ASP A CB  1 
ATOM   465  C CG  . ASP A 1 62  ? 15.462  -3.355  3.921   1.00 24.17 ? 71  ASP A CG  1 
ATOM   466  O OD1 . ASP A 1 62  ? 15.655  -2.688  4.959   1.00 28.48 ? 71  ASP A OD1 1 
ATOM   467  O OD2 . ASP A 1 62  ? 16.285  -3.382  2.983   1.00 22.35 ? 71  ASP A OD2 1 
ATOM   468  N N   . ARG A 1 63  ? 13.611  -2.849  6.883   1.00 23.92 ? 72  ARG A N   1 
ATOM   469  C CA  . ARG A 1 63  ? 13.114  -1.684  7.590   1.00 25.34 ? 72  ARG A CA  1 
ATOM   470  C C   . ARG A 1 63  ? 13.796  -0.422  7.108   1.00 26.20 ? 72  ARG A C   1 
ATOM   471  O O   . ARG A 1 63  ? 14.938  -0.459  6.662   1.00 28.63 ? 72  ARG A O   1 
ATOM   472  C CB  . ARG A 1 63  ? 13.349  -1.846  9.091   1.00 25.38 ? 72  ARG A CB  1 
ATOM   473  C CG  . ARG A 1 63  ? 12.978  -3.226  9.615   1.00 29.64 ? 72  ARG A CG  1 
ATOM   474  C CD  . ARG A 1 63  ? 11.992  -3.170  10.764  1.00 29.98 ? 72  ARG A CD  1 
ATOM   475  N NE  . ARG A 1 63  ? 12.465  -2.293  11.824  1.00 36.60 ? 72  ARG A NE  1 
ATOM   476  C CZ  . ARG A 1 63  ? 12.206  -2.479  13.112  1.00 39.35 ? 72  ARG A CZ  1 
ATOM   477  N NH1 . ARG A 1 63  ? 11.481  -3.519  13.499  1.00 42.87 ? 72  ARG A NH1 1 
ATOM   478  N NH2 . ARG A 1 63  ? 12.661  -1.617  14.010  1.00 41.44 ? 72  ARG A NH2 1 
ATOM   479  N N   . TYR A 1 64  ? 13.083  0.695   7.183   1.00 25.49 ? 73  TYR A N   1 
ATOM   480  C CA  . TYR A 1 64  ? 13.645  1.975   6.790   1.00 25.22 ? 73  TYR A CA  1 
ATOM   481  C C   . TYR A 1 64  ? 13.213  3.026   7.789   1.00 25.68 ? 73  TYR A C   1 
ATOM   482  O O   . TYR A 1 64  ? 12.448  2.746   8.711   1.00 24.81 ? 73  TYR A O   1 
ATOM   483  C CB  . TYR A 1 64  ? 13.205  2.367   5.380   1.00 24.32 ? 73  TYR A CB  1 
ATOM   484  C CG  . TYR A 1 64  ? 11.711  2.431   5.168   1.00 23.87 ? 73  TYR A CG  1 
ATOM   485  C CD1 . TYR A 1 64  ? 10.951  3.487   5.678   1.00 22.40 ? 73  TYR A CD1 1 
ATOM   486  C CD2 . TYR A 1 64  ? 11.046  1.421   4.473   1.00 22.05 ? 73  TYR A CD2 1 
ATOM   487  C CE1 . TYR A 1 64  ? 9.577   3.528   5.502   1.00 19.29 ? 73  TYR A CE1 1 
ATOM   488  C CE2 . TYR A 1 64  ? 9.670   1.459   4.293   1.00 19.29 ? 73  TYR A CE2 1 
ATOM   489  C CZ  . TYR A 1 64  ? 8.948   2.514   4.815   1.00 18.04 ? 73  TYR A CZ  1 
ATOM   490  O OH  . TYR A 1 64  ? 7.588   2.551   4.678   1.00 19.88 ? 73  TYR A OH  1 
ATOM   491  N N   . LYS A 1 65  ? 13.709  4.240   7.604   1.00 26.37 ? 74  LYS A N   1 
ATOM   492  C CA  . LYS A 1 65  ? 13.388  5.324   8.514   1.00 26.23 ? 74  LYS A CA  1 
ATOM   493  C C   . LYS A 1 65  ? 12.703  6.446   7.779   1.00 24.72 ? 74  LYS A C   1 
ATOM   494  O O   . LYS A 1 65  ? 12.959  6.672   6.599   1.00 24.84 ? 74  LYS A O   1 
ATOM   495  C CB  . LYS A 1 65  ? 14.663  5.899   9.122   1.00 28.86 ? 74  LYS A CB  1 
ATOM   496  C CG  . LYS A 1 65  ? 15.647  4.890   9.646   1.00 31.02 ? 74  LYS A CG  1 
ATOM   497  C CD  . LYS A 1 65  ? 15.257  4.434   11.021  1.00 33.27 ? 74  LYS A CD  1 
ATOM   498  C CE  . LYS A 1 65  ? 16.431  3.788   11.726  1.00 35.83 ? 74  LYS A CE  1 
ATOM   499  N NZ  . LYS A 1 65  ? 16.052  3.410   13.118  1.00 40.68 ? 74  LYS A NZ  1 
ATOM   500  N N   . TYR A 1 66  ? 11.848  7.164   8.489   1.00 24.21 ? 75  TYR A N   1 
ATOM   501  C CA  . TYR A 1 66  ? 11.174  8.305   7.906   1.00 25.48 ? 75  TYR A CA  1 
ATOM   502  C C   . TYR A 1 66  ? 10.722  9.182   9.041   1.00 25.26 ? 75  TYR A C   1 
ATOM   503  O O   . TYR A 1 66  ? 10.434  8.695   10.128  1.00 25.75 ? 75  TYR A O   1 
ATOM   504  C CB  . TYR A 1 66  ? 9.982   7.874   7.047   1.00 25.52 ? 75  TYR A CB  1 
ATOM   505  C CG  . TYR A 1 66  ? 8.737   7.465   7.802   1.00 25.93 ? 75  TYR A CG  1 
ATOM   506  C CD1 . TYR A 1 66  ? 7.835   8.424   8.278   1.00 24.27 ? 75  TYR A CD1 1 
ATOM   507  C CD2 . TYR A 1 66  ? 8.438   6.114   8.004   1.00 24.02 ? 75  TYR A CD2 1 
ATOM   508  C CE1 . TYR A 1 66  ? 6.662   8.045   8.926   1.00 24.02 ? 75  TYR A CE1 1 
ATOM   509  C CE2 . TYR A 1 66  ? 7.270   5.724   8.654   1.00 24.65 ? 75  TYR A CE2 1 
ATOM   510  C CZ  . TYR A 1 66  ? 6.386   6.691   9.109   1.00 25.44 ? 75  TYR A CZ  1 
ATOM   511  O OH  . TYR A 1 66  ? 5.218   6.298   9.714   1.00 27.86 ? 75  TYR A OH  1 
ATOM   512  N N   . LYS A 1 67  ? 10.696  10.481  8.781   1.00 26.21 ? 76  LYS A N   1 
ATOM   513  C CA  . LYS A 1 67  ? 10.282  11.469  9.759   1.00 25.25 ? 76  LYS A CA  1 
ATOM   514  C C   . LYS A 1 67  ? 9.147   12.242  9.137   1.00 25.97 ? 76  LYS A C   1 
ATOM   515  O O   . LYS A 1 67  ? 8.804   12.036  7.973   1.00 26.64 ? 76  LYS A O   1 
ATOM   516  C CB  . LYS A 1 67  ? 11.432  12.430  10.054  1.00 25.38 ? 76  LYS A CB  1 
ATOM   517  C CG  . LYS A 1 67  ? 11.942  13.177  8.823   1.00 25.16 ? 76  LYS A CG  1 
ATOM   518  C CD  . LYS A 1 67  ? 13.052  14.153  9.187   1.00 24.20 ? 76  LYS A CD  1 
ATOM   519  C CE  . LYS A 1 67  ? 13.684  14.796  7.959   1.00 22.43 ? 76  LYS A CE  1 
ATOM   520  N NZ  . LYS A 1 67  ? 14.790  15.729  8.340   1.00 22.87 ? 76  LYS A NZ  1 
ATOM   521  N N   . ARG A 1 68  ? 8.554   13.125  9.921   1.00 26.31 ? 77  ARG A N   1 
ATOM   522  C CA  . ARG A 1 68  ? 7.495   13.951  9.406   1.00 26.84 ? 77  ARG A CA  1 
ATOM   523  C C   . ARG A 1 68  ? 7.921   15.366  9.708   1.00 28.36 ? 77  ARG A C   1 
ATOM   524  O O   . ARG A 1 68  ? 8.356   15.680  10.816  1.00 29.16 ? 77  ARG A O   1 
ATOM   525  C CB  . ARG A 1 68  ? 6.157   13.662  10.089  1.00 26.20 ? 77  ARG A CB  1 
ATOM   526  C CG  . ARG A 1 68  ? 5.743   12.203  10.067  1.00 24.19 ? 77  ARG A CG  1 
ATOM   527  C CD  . ARG A 1 68  ? 4.236   12.061  10.178  1.00 21.13 ? 77  ARG A CD  1 
ATOM   528  N NE  . ARG A 1 68  ? 3.593   12.242  8.880   1.00 19.89 ? 77  ARG A NE  1 
ATOM   529  C CZ  . ARG A 1 68  ? 2.847   11.315  8.293   1.00 17.45 ? 77  ARG A CZ  1 
ATOM   530  N NH1 . ARG A 1 68  ? 2.649   10.155  8.891   1.00 17.83 ? 77  ARG A NH1 1 
ATOM   531  N NH2 . ARG A 1 68  ? 2.314   11.534  7.109   1.00 16.71 ? 77  ARG A NH2 1 
ATOM   532  N N   . VAL A 1 69  ? 7.817   16.209  8.697   1.00 29.92 ? 78  VAL A N   1 
ATOM   533  C CA  . VAL A 1 69  ? 8.138   17.606  8.827   1.00 32.67 ? 78  VAL A CA  1 
ATOM   534  C C   . VAL A 1 69  ? 6.786   18.244  8.606   1.00 34.67 ? 78  VAL A C   1 
ATOM   535  O O   . VAL A 1 69  ? 6.374   18.471  7.470   1.00 34.29 ? 78  VAL A O   1 
ATOM   536  C CB  . VAL A 1 69  ? 9.111   18.024  7.750   1.00 33.07 ? 78  VAL A CB  1 
ATOM   537  C CG1 . VAL A 1 69  ? 9.483   19.475  7.928   1.00 34.49 ? 78  VAL A CG1 1 
ATOM   538  C CG2 . VAL A 1 69  ? 10.342  17.129  7.830   1.00 33.89 ? 78  VAL A CG2 1 
ATOM   539  N N   . ASN A 1 70  ? 6.074   18.481  9.700   1.00 37.40 ? 79  ASN A N   1 
ATOM   540  C CA  . ASN A 1 70  ? 4.752   19.074  9.615   1.00 38.64 ? 79  ASN A CA  1 
ATOM   541  C C   . ASN A 1 70  ? 3.808   18.148  8.856   1.00 38.60 ? 79  ASN A C   1 
ATOM   542  O O   . ASN A 1 70  ? 3.037   18.585  8.003   1.00 40.83 ? 79  ASN A O   1 
ATOM   543  C CB  . ASN A 1 70  ? 4.831   20.437  8.919   1.00 41.93 ? 79  ASN A CB  1 
ATOM   544  C CG  . ASN A 1 70  ? 5.387   21.522  9.827   1.00 45.28 ? 79  ASN A CG  1 
ATOM   545  O OD1 . ASN A 1 70  ? 5.914   21.228  10.902  1.00 46.39 ? 79  ASN A OD1 1 
ATOM   546  N ND2 . ASN A 1 70  ? 5.275   22.782  9.398   1.00 45.40 ? 79  ASN A ND2 1 
ATOM   547  N N   . GLY A 1 71  ? 3.868   16.860  9.167   1.00 37.81 ? 80  GLY A N   1 
ATOM   548  C CA  . GLY A 1 71  ? 2.994   15.913  8.501   1.00 35.55 ? 80  GLY A CA  1 
ATOM   549  C C   . GLY A 1 71  ? 3.532   15.409  7.179   1.00 33.30 ? 80  GLY A C   1 
ATOM   550  O O   . GLY A 1 71  ? 3.056   14.406  6.640   1.00 33.42 ? 80  GLY A O   1 
ATOM   551  N N   . ALA A 1 72  ? 4.525   16.107  6.641   1.00 29.76 ? 81  ALA A N   1 
ATOM   552  C CA  . ALA A 1 72  ? 5.108   15.687  5.383   1.00 27.96 ? 81  ALA A CA  1 
ATOM   553  C C   . ALA A 1 72  ? 5.987   14.477  5.645   1.00 26.19 ? 81  ALA A C   1 
ATOM   554  O O   . ALA A 1 72  ? 6.939   14.552  6.412   1.00 29.29 ? 81  ALA A O   1 
ATOM   555  C CB  . ALA A 1 72  ? 5.928   16.802  4.793   1.00 25.38 ? 81  ALA A CB  1 
ATOM   556  N N   . ILE A 1 73  ? 5.653   13.352  5.028   1.00 23.25 ? 82  ILE A N   1 
ATOM   557  C CA  . ILE A 1 73  ? 6.454   12.151  5.196   1.00 22.69 ? 82  ILE A CA  1 
ATOM   558  C C   . ILE A 1 73  ? 7.812   12.368  4.536   1.00 22.89 ? 82  ILE A C   1 
ATOM   559  O O   . ILE A 1 73  ? 7.906   12.832  3.396   1.00 22.81 ? 82  ILE A O   1 
ATOM   560  C CB  . ILE A 1 73  ? 5.793   10.921  4.544   1.00 20.82 ? 82  ILE A CB  1 
ATOM   561  C CG1 . ILE A 1 73  ? 4.458   10.630  5.225   1.00 18.46 ? 82  ILE A CG1 1 
ATOM   562  C CG2 . ILE A 1 73  ? 6.720   9.716   4.644   1.00 18.31 ? 82  ILE A CG2 1 
ATOM   563  C CD1 . ILE A 1 73  ? 3.762   9.403   4.712   1.00 18.29 ? 82  ILE A CD1 1 
ATOM   564  N N   . VAL A 1 74  ? 8.868   12.030  5.259   1.00 23.41 ? 83  VAL A N   1 
ATOM   565  C CA  . VAL A 1 74  ? 10.201  12.201  4.723   1.00 23.57 ? 83  VAL A CA  1 
ATOM   566  C C   . VAL A 1 74  ? 11.008  10.940  4.916   1.00 25.22 ? 83  VAL A C   1 
ATOM   567  O O   . VAL A 1 74  ? 11.260  10.519  6.042   1.00 25.05 ? 83  VAL A O   1 
ATOM   568  C CB  . VAL A 1 74  ? 10.934  13.370  5.404   1.00 23.79 ? 83  VAL A CB  1 
ATOM   569  C CG1 . VAL A 1 74  ? 12.267  13.601  4.721   1.00 22.08 ? 83  VAL A CG1 1 
ATOM   570  C CG2 . VAL A 1 74  ? 10.075  14.634  5.339   1.00 22.84 ? 83  VAL A CG2 1 
ATOM   571  N N   . CYS A 1 75  ? 11.389  10.331  3.801   1.00 26.44 ? 84  CYS A N   1 
ATOM   572  C CA  . CYS A 1 75  ? 12.188  9.120   3.815   1.00 26.42 ? 84  CYS A CA  1 
ATOM   573  C C   . CYS A 1 75  ? 13.617  9.526   4.088   1.00 28.16 ? 84  CYS A C   1 
ATOM   574  O O   . CYS A 1 75  ? 14.153  10.401  3.415   1.00 28.60 ? 84  CYS A O   1 
ATOM   575  C CB  . CYS A 1 75  ? 12.101  8.425   2.467   1.00 24.66 ? 84  CYS A CB  1 
ATOM   576  S SG  . CYS A 1 75  ? 10.453  7.751   2.126   1.00 23.89 ? 84  CYS A SG  1 
ATOM   577  N N   . GLU A 1 76  ? 14.233  8.898   5.080   1.00 30.22 ? 85  GLU A N   1 
ATOM   578  C CA  . GLU A 1 76  ? 15.608  9.220   5.423   1.00 31.19 ? 85  GLU A CA  1 
ATOM   579  C C   . GLU A 1 76  ? 16.594  8.315   4.720   1.00 30.34 ? 85  GLU A C   1 
ATOM   580  O O   . GLU A 1 76  ? 16.234  7.255   4.215   1.00 30.20 ? 85  GLU A O   1 
ATOM   581  C CB  . GLU A 1 76  ? 15.798  9.163   6.935   1.00 32.57 ? 85  GLU A CB  1 
ATOM   582  C CG  . GLU A 1 76  ? 15.094  10.308  7.638   1.00 39.30 ? 85  GLU A CG  1 
ATOM   583  C CD  . GLU A 1 76  ? 15.001  10.110  9.130   1.00 43.65 ? 85  GLU A CD  1 
ATOM   584  O OE1 . GLU A 1 76  ? 14.526  9.037   9.553   1.00 47.60 ? 85  GLU A OE1 1 
ATOM   585  O OE2 . GLU A 1 76  ? 15.395  11.027  9.879   1.00 47.72 ? 85  GLU A OE2 1 
ATOM   586  N N   . LYS A 1 77  ? 17.843  8.754   4.674   1.00 31.06 ? 86  LYS A N   1 
ATOM   587  C CA  . LYS A 1 77  ? 18.887  7.990   4.019   1.00 31.44 ? 86  LYS A CA  1 
ATOM   588  C C   . LYS A 1 77  ? 19.055  6.627   4.655   1.00 29.53 ? 86  LYS A C   1 
ATOM   589  O O   . LYS A 1 77  ? 19.112  6.488   5.874   1.00 29.73 ? 86  LYS A O   1 
ATOM   590  C CB  . LYS A 1 77  ? 20.220  8.746   4.063   1.00 34.29 ? 86  LYS A CB  1 
ATOM   591  C CG  . LYS A 1 77  ? 21.344  8.063   3.300   1.00 38.10 ? 86  LYS A CG  1 
ATOM   592  C CD  . LYS A 1 77  ? 22.505  9.014   3.031   1.00 42.14 ? 86  LYS A CD  1 
ATOM   593  C CE  . LYS A 1 77  ? 23.517  8.392   2.064   1.00 45.23 ? 86  LYS A CE  1 
ATOM   594  N NZ  . LYS A 1 77  ? 22.908  8.037   0.738   1.00 46.94 ? 86  LYS A NZ  1 
ATOM   595  N N   . GLY A 1 78  ? 19.121  5.621   3.801   1.00 28.88 ? 88  GLY A N   1 
ATOM   596  C CA  . GLY A 1 78  ? 19.304  4.260   4.248   1.00 27.81 ? 88  GLY A CA  1 
ATOM   597  C C   . GLY A 1 78  ? 19.919  3.581   3.053   1.00 26.87 ? 88  GLY A C   1 
ATOM   598  O O   . GLY A 1 78  ? 20.622  4.222   2.281   1.00 27.08 ? 88  GLY A O   1 
ATOM   599  N N   . THR A 1 79  ? 19.659  2.292   2.887   1.00 28.15 ? 89  THR A N   1 
ATOM   600  C CA  . THR A 1 79  ? 20.192  1.581   1.738   1.00 27.24 ? 89  THR A CA  1 
ATOM   601  C C   . THR A 1 79  ? 19.384  2.013   0.519   1.00 27.16 ? 89  THR A C   1 
ATOM   602  O O   . THR A 1 79  ? 18.313  2.620   0.633   1.00 27.01 ? 89  THR A O   1 
ATOM   603  C CB  . THR A 1 79  ? 20.094  0.022   1.904   1.00 27.23 ? 89  THR A CB  1 
ATOM   604  O OG1 . THR A 1 79  ? 18.731  -0.374  2.074   1.00 29.10 ? 89  THR A OG1 1 
ATOM   605  C CG2 . THR A 1 79  ? 20.886  -0.443  3.107   1.00 25.90 ? 89  THR A CG2 1 
ATOM   606  N N   . SER A 1 80  ? 19.921  1.712   -0.652  1.00 26.27 ? 90  SER A N   1 
ATOM   607  C CA  . SER A 1 80  ? 19.264  2.030   -1.903  1.00 24.00 ? 90  SER A CA  1 
ATOM   608  C C   . SER A 1 80  ? 17.854  1.433   -1.862  1.00 23.61 ? 90  SER A C   1 
ATOM   609  O O   . SER A 1 80  ? 16.869  2.119   -2.135  1.00 23.00 ? 90  SER A O   1 
ATOM   610  C CB  . SER A 1 80  ? 20.075  1.424   -3.051  1.00 25.21 ? 90  SER A CB  1 
ATOM   611  O OG  . SER A 1 80  ? 19.462  1.647   -4.303  1.00 29.21 ? 90  SER A OG  1 
ATOM   612  N N   . CYS A 1 81  ? 17.760  0.158   -1.496  1.00 21.71 ? 91  CYS A N   1 
ATOM   613  C CA  . CYS A 1 81  ? 16.458  -0.500  -1.438  1.00 21.10 ? 91  CYS A CA  1 
ATOM   614  C C   . CYS A 1 81  ? 15.543  0.184   -0.443  1.00 19.26 ? 91  CYS A C   1 
ATOM   615  O O   . CYS A 1 81  ? 14.413  0.529   -0.761  1.00 17.03 ? 91  CYS A O   1 
ATOM   616  C CB  . CYS A 1 81  ? 16.599  -1.981  -1.070  1.00 20.70 ? 91  CYS A CB  1 
ATOM   617  S SG  . CYS A 1 81  ? 16.899  -3.144  -2.449  1.00 20.89 ? 91  CYS A SG  1 
ATOM   618  N N   . GLU A 1 82  ? 16.040  0.381   0.764   1.00 18.64 ? 92  GLU A N   1 
ATOM   619  C CA  . GLU A 1 82  ? 15.253  1.032   1.790   1.00 18.76 ? 92  GLU A CA  1 
ATOM   620  C C   . GLU A 1 82  ? 14.682  2.380   1.341   1.00 19.41 ? 92  GLU A C   1 
ATOM   621  O O   . GLU A 1 82  ? 13.497  2.652   1.549   1.00 18.20 ? 92  GLU A O   1 
ATOM   622  C CB  . GLU A 1 82  ? 16.103  1.184   3.043   1.00 18.00 ? 92  GLU A CB  1 
ATOM   623  C CG  . GLU A 1 82  ? 16.478  -0.162  3.626   1.00 16.81 ? 92  GLU A CG  1 
ATOM   624  C CD  . GLU A 1 82  ? 17.497  -0.061  4.734   1.00 15.85 ? 92  GLU A CD  1 
ATOM   625  O OE1 . GLU A 1 82  ? 17.999  1.052   4.970   1.00 13.81 ? 92  GLU A OE1 1 
ATOM   626  O OE2 . GLU A 1 82  ? 17.796  -1.097  5.364   1.00 15.41 ? 92  GLU A OE2 1 
ATOM   627  N N   . ASN A 1 83  ? 15.503  3.220   0.716   1.00 20.70 ? 93  ASN A N   1 
ATOM   628  C CA  . ASN A 1 83  ? 15.003  4.515   0.265   1.00 23.56 ? 93  ASN A CA  1 
ATOM   629  C C   . ASN A 1 83  ? 13.877  4.329   -0.734  1.00 23.75 ? 93  ASN A C   1 
ATOM   630  O O   . ASN A 1 83  ? 12.791  4.885   -0.579  1.00 22.60 ? 93  ASN A O   1 
ATOM   631  C CB  . ASN A 1 83  ? 16.116  5.341   -0.374  1.00 25.82 ? 93  ASN A CB  1 
ATOM   632  C CG  . ASN A 1 83  ? 17.237  5.641   0.591   1.00 28.57 ? 93  ASN A CG  1 
ATOM   633  O OD1 . ASN A 1 83  ? 17.007  5.818   1.790   1.00 29.92 ? 93  ASN A OD1 1 
ATOM   634  N ND2 . ASN A 1 83  ? 18.458  5.719   0.074   1.00 29.66 ? 93  ASN A ND2 1 
ATOM   635  N N   . ARG A 1 84  ? 14.144  3.529   -1.757  1.00 25.27 ? 94  ARG A N   1 
ATOM   636  C CA  . ARG A 1 84  ? 13.157  3.263   -2.792  1.00 25.43 ? 94  ARG A CA  1 
ATOM   637  C C   . ARG A 1 84  ? 11.880  2.651   -2.228  1.00 24.09 ? 94  ARG A C   1 
ATOM   638  O O   . ARG A 1 84  ? 10.782  3.001   -2.647  1.00 24.69 ? 94  ARG A O   1 
ATOM   639  C CB  . ARG A 1 84  ? 13.764  2.359   -3.869  1.00 27.33 ? 94  ARG A CB  1 
ATOM   640  C CG  . ARG A 1 84  ? 14.825  3.059   -4.707  1.00 28.50 ? 94  ARG A CG  1 
ATOM   641  C CD  . ARG A 1 84  ? 15.185  2.248   -5.932  1.00 32.69 ? 94  ARG A CD  1 
ATOM   642  N NE  . ARG A 1 84  ? 15.945  1.058   -5.584  1.00 39.43 ? 94  ARG A NE  1 
ATOM   643  C CZ  . ARG A 1 84  ? 16.367  0.162   -6.470  1.00 43.06 ? 94  ARG A CZ  1 
ATOM   644  N NH1 . ARG A 1 84  ? 16.095  0.328   -7.759  1.00 42.29 ? 94  ARG A NH1 1 
ATOM   645  N NH2 . ARG A 1 84  ? 17.073  -0.889  -6.063  1.00 46.11 ? 94  ARG A NH2 1 
ATOM   646  N N   . ILE A 1 85  ? 12.022  1.740   -1.275  1.00 23.38 ? 95  ILE A N   1 
ATOM   647  C CA  . ILE A 1 85  ? 10.862  1.117   -0.661  1.00 21.48 ? 95  ILE A CA  1 
ATOM   648  C C   . ILE A 1 85  ? 10.084  2.165   0.115   1.00 20.87 ? 95  ILE A C   1 
ATOM   649  O O   . ILE A 1 85  ? 8.864   2.235   0.031   1.00 20.89 ? 95  ILE A O   1 
ATOM   650  C CB  . ILE A 1 85  ? 11.271  0.004   0.315   1.00 21.68 ? 95  ILE A CB  1 
ATOM   651  C CG1 . ILE A 1 85  ? 11.887  -1.160  -0.469  1.00 24.27 ? 95  ILE A CG1 1 
ATOM   652  C CG2 . ILE A 1 85  ? 10.063  -0.431  1.141   1.00 18.69 ? 95  ILE A CG2 1 
ATOM   653  C CD1 . ILE A 1 85  ? 12.389  -2.309  0.387   1.00 25.96 ? 95  ILE A CD1 1 
ATOM   654  N N   . CYS A 1 86  ? 10.792  2.980   0.878   1.00 20.33 ? 96  CYS A N   1 
ATOM   655  C CA  . CYS A 1 86  ? 10.126  4.004   1.657   1.00 21.12 ? 96  CYS A CA  1 
ATOM   656  C C   . CYS A 1 86  ? 9.298   4.929   0.777   1.00 21.76 ? 96  CYS A C   1 
ATOM   657  O O   . CYS A 1 86  ? 8.226   5.375   1.171   1.00 23.96 ? 96  CYS A O   1 
ATOM   658  C CB  . CYS A 1 86  ? 11.145  4.821   2.424   1.00 21.60 ? 96  CYS A CB  1 
ATOM   659  S SG  . CYS A 1 86  ? 10.368  6.157   3.372   1.00 24.46 ? 96  CYS A SG  1 
ATOM   660  N N   . GLU A 1 87  ? 9.799   5.219   -0.419  1.00 22.10 ? 97  GLU A N   1 
ATOM   661  C CA  . GLU A 1 87  ? 9.094   6.087   -1.354  1.00 19.57 ? 97  GLU A CA  1 
ATOM   662  C C   . GLU A 1 87  ? 7.807   5.439   -1.820  1.00 19.81 ? 97  GLU A C   1 
ATOM   663  O O   . GLU A 1 87  ? 6.761   6.080   -1.868  1.00 21.56 ? 97  GLU A O   1 
ATOM   664  C CB  . GLU A 1 87  ? 9.966   6.379   -2.563  1.00 18.04 ? 97  GLU A CB  1 
ATOM   665  C CG  . GLU A 1 87  ? 11.109  7.319   -2.277  1.00 19.13 ? 97  GLU A CG  1 
ATOM   666  C CD  . GLU A 1 87  ? 10.630  8.656   -1.770  1.00 19.52 ? 97  GLU A CD  1 
ATOM   667  O OE1 . GLU A 1 87  ? 9.458   8.999   -2.041  1.00 17.75 ? 97  GLU A OE1 1 
ATOM   668  O OE2 . GLU A 1 87  ? 11.430  9.360   -1.117  1.00 17.68 ? 97  GLU A OE2 1 
ATOM   669  N N   . CYS A 1 88  ? 7.892   4.166   -2.180  1.00 18.11 ? 98  CYS A N   1 
ATOM   670  C CA  . CYS A 1 88  ? 6.729   3.426   -2.635  1.00 16.62 ? 98  CYS A CA  1 
ATOM   671  C C   . CYS A 1 88  ? 5.626   3.435   -1.578  1.00 16.94 ? 98  CYS A C   1 
ATOM   672  O O   . CYS A 1 88  ? 4.453   3.616   -1.902  1.00 17.80 ? 98  CYS A O   1 
ATOM   673  C CB  . CYS A 1 88  ? 7.098   1.971   -2.939  1.00 18.00 ? 98  CYS A CB  1 
ATOM   674  S SG  . CYS A 1 88  ? 7.991   1.612   -4.483  1.00 17.78 ? 98  CYS A SG  1 
ATOM   675  N N   . ASP A 1 89  ? 5.990   3.227   -0.316  1.00 16.36 ? 99  ASP A N   1 
ATOM   676  C CA  . ASP A 1 89  ? 4.984   3.211   0.737   1.00 15.55 ? 99  ASP A CA  1 
ATOM   677  C C   . ASP A 1 89  ? 4.392   4.597   0.856   1.00 16.55 ? 99  ASP A C   1 
ATOM   678  O O   . ASP A 1 89  ? 3.171   4.779   0.817   1.00 15.32 ? 99  ASP A O   1 
ATOM   679  C CB  . ASP A 1 89  ? 5.593   2.794   2.078   1.00 16.17 ? 99  ASP A CB  1 
ATOM   680  C CG  . ASP A 1 89  ? 5.981   1.322   2.116   1.00 17.82 ? 99  ASP A CG  1 
ATOM   681  O OD1 . ASP A 1 89  ? 5.362   0.525   1.381   1.00 17.71 ? 99  ASP A OD1 1 
ATOM   682  O OD2 . ASP A 1 89  ? 6.892   0.957   2.893   1.00 18.10 ? 99  ASP A OD2 1 
ATOM   683  N N   . LYS A 1 90  ? 5.280   5.576   0.986   1.00 16.78 ? 100 LYS A N   1 
ATOM   684  C CA  . LYS A 1 90  ? 4.876   6.966   1.114   1.00 17.00 ? 100 LYS A CA  1 
ATOM   685  C C   . LYS A 1 90  ? 3.730   7.290   0.159   1.00 16.42 ? 100 LYS A C   1 
ATOM   686  O O   . LYS A 1 90  ? 2.712   7.858   0.565   1.00 16.27 ? 100 LYS A O   1 
ATOM   687  C CB  . LYS A 1 90  ? 6.064   7.888   0.822   1.00 17.36 ? 100 LYS A CB  1 
ATOM   688  C CG  . LYS A 1 90  ? 5.753   9.353   1.069   1.00 18.94 ? 100 LYS A CG  1 
ATOM   689  C CD  . LYS A 1 90  ? 6.855   10.255  0.569   1.00 20.71 ? 100 LYS A CD  1 
ATOM   690  C CE  . LYS A 1 90  ? 6.534   11.711  0.856   1.00 23.44 ? 100 LYS A CE  1 
ATOM   691  N NZ  . LYS A 1 90  ? 7.443   12.622  0.112   1.00 26.12 ? 100 LYS A NZ  1 
ATOM   692  N N   . ALA A 1 91  ? 3.900   6.918   -1.105  1.00 15.18 ? 101 ALA A N   1 
ATOM   693  C CA  . ALA A 1 91  ? 2.894   7.175   -2.128  1.00 15.93 ? 101 ALA A CA  1 
ATOM   694  C C   . ALA A 1 91  ? 1.570   6.511   -1.797  1.00 16.76 ? 101 ALA A C   1 
ATOM   695  O O   . ALA A 1 91  ? 0.514   7.138   -1.846  1.00 16.34 ? 101 ALA A O   1 
ATOM   696  C CB  . ALA A 1 91  ? 3.394   6.687   -3.471  1.00 18.22 ? 101 ALA A CB  1 
ATOM   697  N N   . ALA A 1 92  ? 1.633   5.233   -1.458  1.00 17.02 ? 102 ALA A N   1 
ATOM   698  C CA  . ALA A 1 92  ? 0.437   4.482   -1.122  1.00 19.24 ? 102 ALA A CA  1 
ATOM   699  C C   . ALA A 1 92  ? -0.363  5.185   -0.034  1.00 18.89 ? 102 ALA A C   1 
ATOM   700  O O   . ALA A 1 92  ? -1.584  5.337   -0.139  1.00 17.14 ? 102 ALA A O   1 
ATOM   701  C CB  . ALA A 1 92  ? 0.821   3.077   -0.658  1.00 21.20 ? 102 ALA A CB  1 
ATOM   702  N N   . ALA A 1 93  ? 0.341   5.614   1.008   1.00 18.93 ? 103 ALA A N   1 
ATOM   703  C CA  . ALA A 1 93  ? -0.288  6.274   2.142   1.00 19.68 ? 103 ALA A CA  1 
ATOM   704  C C   . ALA A 1 93  ? -1.024  7.536   1.728   1.00 20.50 ? 103 ALA A C   1 
ATOM   705  O O   . ALA A 1 93  ? -2.149  7.784   2.166   1.00 21.11 ? 103 ALA A O   1 
ATOM   706  C CB  . ALA A 1 93  ? 0.753   6.595   3.200   1.00 18.03 ? 103 ALA A CB  1 
ATOM   707  N N   . ILE A 1 94  ? -0.383  8.336   0.887   1.00 20.86 ? 104 ILE A N   1 
ATOM   708  C CA  . ILE A 1 94  ? -0.988  9.567   0.416   1.00 21.70 ? 104 ILE A CA  1 
ATOM   709  C C   . ILE A 1 94  ? -2.202  9.201   -0.426  1.00 21.41 ? 104 ILE A C   1 
ATOM   710  O O   . ILE A 1 94  ? -3.278  9.777   -0.283  1.00 21.54 ? 104 ILE A O   1 
ATOM   711  C CB  . ILE A 1 94  ? 0.020   10.359  -0.425  1.00 23.21 ? 104 ILE A CB  1 
ATOM   712  C CG1 . ILE A 1 94  ? 1.117   10.904  0.488   1.00 23.45 ? 104 ILE A CG1 1 
ATOM   713  C CG2 . ILE A 1 94  ? -0.675  11.474  -1.179  1.00 23.57 ? 104 ILE A CG2 1 
ATOM   714  C CD1 . ILE A 1 94  ? 2.271   11.539  -0.253  1.00 23.81 ? 104 ILE A CD1 1 
ATOM   715  N N   . CYS A 1 95  ? -2.020  8.226   -1.302  1.00 21.86 ? 105 CYS A N   1 
ATOM   716  C CA  . CYS A 1 95  ? -3.101  7.772   -2.158  1.00 22.13 ? 105 CYS A CA  1 
ATOM   717  C C   . CYS A 1 95  ? -4.285  7.439   -1.264  1.00 23.75 ? 105 CYS A C   1 
ATOM   718  O O   . CYS A 1 95  ? -5.380  7.973   -1.450  1.00 24.24 ? 105 CYS A O   1 
ATOM   719  C CB  . CYS A 1 95  ? -2.654  6.537   -2.918  1.00 20.41 ? 105 CYS A CB  1 
ATOM   720  S SG  . CYS A 1 95  ? -3.630  6.083   -4.385  1.00 18.22 ? 105 CYS A SG  1 
ATOM   721  N N   . PHE A 1 96  ? -4.050  6.564   -0.287  1.00 22.78 ? 106 PHE A N   1 
ATOM   722  C CA  . PHE A 1 96  ? -5.090  6.166   0.663   1.00 22.96 ? 106 PHE A CA  1 
ATOM   723  C C   . PHE A 1 96  ? -5.801  7.376   1.268   1.00 23.36 ? 106 PHE A C   1 
ATOM   724  O O   . PHE A 1 96  ? -7.030  7.436   1.306   1.00 22.89 ? 106 PHE A O   1 
ATOM   725  C CB  . PHE A 1 96  ? -4.508  5.330   1.810   1.00 20.92 ? 106 PHE A CB  1 
ATOM   726  C CG  . PHE A 1 96  ? -4.144  3.929   1.424   1.00 20.36 ? 106 PHE A CG  1 
ATOM   727  C CD1 . PHE A 1 96  ? -4.892  3.234   0.482   1.00 20.85 ? 106 PHE A CD1 1 
ATOM   728  C CD2 . PHE A 1 96  ? -3.073  3.287   2.031   1.00 20.62 ? 106 PHE A CD2 1 
ATOM   729  C CE1 . PHE A 1 96  ? -4.581  1.927   0.150   1.00 18.23 ? 106 PHE A CE1 1 
ATOM   730  C CE2 . PHE A 1 96  ? -2.755  1.976   1.707   1.00 19.01 ? 106 PHE A CE2 1 
ATOM   731  C CZ  . PHE A 1 96  ? -3.510  1.298   0.766   1.00 18.15 ? 106 PHE A CZ  1 
ATOM   732  N N   . ARG A 1 97  ? -5.015  8.328   1.756   1.00 24.17 ? 107 ARG A N   1 
ATOM   733  C CA  . ARG A 1 97  ? -5.549  9.543   2.352   1.00 24.22 ? 107 ARG A CA  1 
ATOM   734  C C   . ARG A 1 97  ? -6.492  10.173  1.346   1.00 23.75 ? 107 ARG A C   1 
ATOM   735  O O   . ARG A 1 97  ? -7.672  10.365  1.617   1.00 24.70 ? 107 ARG A O   1 
ATOM   736  C CB  . ARG A 1 97  ? -4.396  10.507  2.659   1.00 22.90 ? 107 ARG A CB  1 
ATOM   737  C CG  . ARG A 1 97  ? -4.802  11.872  3.157   1.00 24.89 ? 107 ARG A CG  1 
ATOM   738  C CD  . ARG A 1 97  ? -5.550  11.780  4.475   1.00 28.91 ? 107 ARG A CD  1 
ATOM   739  N NE  . ARG A 1 97  ? -6.976  12.045  4.296   1.00 31.55 ? 107 ARG A NE  1 
ATOM   740  C CZ  . ARG A 1 97  ? -7.557  13.220  4.525   1.00 30.18 ? 107 ARG A CZ  1 
ATOM   741  N NH1 . ARG A 1 97  ? -6.841  14.247  4.955   1.00 28.73 ? 107 ARG A NH1 1 
ATOM   742  N NH2 . ARG A 1 97  ? -8.854  13.376  4.301   1.00 30.93 ? 107 ARG A NH2 1 
ATOM   743  N N   . GLN A 1 98  ? -5.953  10.452  0.169   1.00 23.70 ? 108 GLN A N   1 
ATOM   744  C CA  . GLN A 1 98  ? -6.689  11.100  -0.898  1.00 26.04 ? 108 GLN A CA  1 
ATOM   745  C C   . GLN A 1 98  ? -7.977  10.442  -1.368  1.00 26.92 ? 108 GLN A C   1 
ATOM   746  O O   . GLN A 1 98  ? -8.743  11.052  -2.110  1.00 27.31 ? 108 GLN A O   1 
ATOM   747  C CB  . GLN A 1 98  ? -5.772  11.283  -2.087  1.00 27.61 ? 108 GLN A CB  1 
ATOM   748  C CG  . GLN A 1 98  ? -6.414  12.002  -3.203  1.00 31.81 ? 108 GLN A CG  1 
ATOM   749  C CD  . GLN A 1 98  ? -5.393  12.836  -3.972  1.00 36.01 ? 108 GLN A CD  1 
ATOM   750  O OE1 . GLN A 1 98  ? -4.880  13.835  -3.488  1.00 38.13 ? 108 GLN A OE1 1 
ATOM   751  N NE2 . GLN A 1 98  ? -5.078  12.407  -5.156  1.00 37.86 ? 108 GLN A NE2 1 
ATOM   752  N N   . ASN A 1 99  ? -8.229  9.208   -0.957  1.00 26.19 ? 109 ASN A N   1 
ATOM   753  C CA  . ASN A 1 99  ? -9.445  8.551   -1.408  1.00 25.19 ? 109 ASN A CA  1 
ATOM   754  C C   . ASN A 1 99  ? -10.280 8.017   -0.273  1.00 25.46 ? 109 ASN A C   1 
ATOM   755  O O   . ASN A 1 99  ? -11.182 7.210   -0.487  1.00 22.28 ? 109 ASN A O   1 
ATOM   756  C CB  . ASN A 1 99  ? -9.097  7.437   -2.378  1.00 24.06 ? 109 ASN A CB  1 
ATOM   757  C CG  . ASN A 1 99  ? -8.484  7.964   -3.638  1.00 23.48 ? 109 ASN A CG  1 
ATOM   758  O OD1 . ASN A 1 99  ? -9.186  8.441   -4.529  1.00 23.15 ? 109 ASN A OD1 1 
ATOM   759  N ND2 . ASN A 1 99  ? -7.161  7.904   -3.720  1.00 20.73 ? 109 ASN A ND2 1 
ATOM   760  N N   . LEU A 1 100 ? -9.988  8.483   0.934   1.00 26.86 ? 110 LEU A N   1 
ATOM   761  C CA  . LEU A 1 100 ? -10.744 8.049   2.090   1.00 28.97 ? 110 LEU A CA  1 
ATOM   762  C C   . LEU A 1 100 ? -12.227 8.218   1.804   1.00 30.78 ? 110 LEU A C   1 
ATOM   763  O O   . LEU A 1 100 ? -13.034 7.330   2.085   1.00 31.47 ? 110 LEU A O   1 
ATOM   764  C CB  . LEU A 1 100 ? -10.363 8.874   3.306   1.00 29.01 ? 110 LEU A CB  1 
ATOM   765  C CG  . LEU A 1 100 ? -9.263  8.261   4.154   1.00 30.56 ? 110 LEU A CG  1 
ATOM   766  C CD1 . LEU A 1 100 ? -8.876  9.218   5.271   1.00 30.39 ? 110 LEU A CD1 1 
ATOM   767  C CD2 . LEU A 1 100 ? -9.770  6.944   4.721   1.00 30.30 ? 110 LEU A CD2 1 
ATOM   768  N N   . ASN A 1 101 ? -12.582 9.356   1.225   1.00 31.66 ? 111 ASN A N   1 
ATOM   769  C CA  . ASN A 1 101 ? -13.977 9.621   0.923   1.00 33.43 ? 111 ASN A CA  1 
ATOM   770  C C   . ASN A 1 101 ? -14.684 8.566   0.091   1.00 33.07 ? 111 ASN A C   1 
ATOM   771  O O   . ASN A 1 101 ? -15.909 8.534   0.057   1.00 33.21 ? 111 ASN A O   1 
ATOM   772  C CB  . ASN A 1 101 ? -14.127 10.976  0.244   1.00 36.77 ? 111 ASN A CB  1 
ATOM   773  C CG  . ASN A 1 101 ? -13.871 12.116  1.183   1.00 40.13 ? 111 ASN A CG  1 
ATOM   774  O OD1 . ASN A 1 101 ? -14.337 12.113  2.328   1.00 42.82 ? 111 ASN A OD1 1 
ATOM   775  N ND2 . ASN A 1 101 ? -13.133 13.108  0.711   1.00 41.74 ? 111 ASN A ND2 1 
ATOM   776  N N   . THR A 1 102 ? -13.946 7.725   -0.618  1.00 31.51 ? 112 THR A N   1 
ATOM   777  C CA  . THR A 1 102 ? -14.625 6.695   -1.394  1.00 31.66 ? 112 THR A CA  1 
ATOM   778  C C   . THR A 1 102 ? -14.395 5.301   -0.836  1.00 32.61 ? 112 THR A C   1 
ATOM   779  O O   . THR A 1 102 ? -14.843 4.305   -1.409  1.00 32.42 ? 112 THR A O   1 
ATOM   780  C CB  . THR A 1 102 ? -14.198 6.677   -2.850  1.00 30.24 ? 112 THR A CB  1 
ATOM   781  O OG1 . THR A 1 102 ? -12.779 6.529   -2.922  1.00 33.38 ? 112 THR A OG1 1 
ATOM   782  C CG2 . THR A 1 102 ? -14.632 7.944   -3.537  1.00 30.00 ? 112 THR A CG2 1 
ATOM   783  N N   . TYR A 1 103 ? -13.685 5.208   0.276   1.00 32.89 ? 113 TYR A N   1 
ATOM   784  C CA  . TYR A 1 103 ? -13.465 3.893   0.844   1.00 33.82 ? 113 TYR A CA  1 
ATOM   785  C C   . TYR A 1 103 ? -14.844 3.274   1.043   1.00 33.90 ? 113 TYR A C   1 
ATOM   786  O O   . TYR A 1 103 ? -15.733 3.896   1.612   1.00 34.69 ? 113 TYR A O   1 
ATOM   787  C CB  . TYR A 1 103 ? -12.723 4.000   2.180   1.00 33.53 ? 113 TYR A CB  1 
ATOM   788  C CG  . TYR A 1 103 ? -12.361 2.669   2.807   1.00 34.77 ? 113 TYR A CG  1 
ATOM   789  C CD1 . TYR A 1 103 ? -13.342 1.836   3.354   1.00 35.56 ? 113 TYR A CD1 1 
ATOM   790  C CD2 . TYR A 1 103 ? -11.033 2.254   2.878   1.00 35.53 ? 113 TYR A CD2 1 
ATOM   791  C CE1 . TYR A 1 103 ? -13.008 0.625   3.961   1.00 36.91 ? 113 TYR A CE1 1 
ATOM   792  C CE2 . TYR A 1 103 ? -10.685 1.049   3.481   1.00 36.65 ? 113 TYR A CE2 1 
ATOM   793  C CZ  . TYR A 1 103 ? -11.677 0.240   4.022   1.00 38.01 ? 113 TYR A CZ  1 
ATOM   794  O OH  . TYR A 1 103 ? -11.335 -0.942  4.640   1.00 37.89 ? 113 TYR A OH  1 
ATOM   795  N N   . SER A 1 104 ? -15.027 2.062   0.538   1.00 33.81 ? 114 SER A N   1 
ATOM   796  C CA  . SER A 1 104 ? -16.289 1.352   0.683   1.00 34.34 ? 114 SER A CA  1 
ATOM   797  C C   . SER A 1 104 ? -16.038 0.055   1.441   1.00 34.39 ? 114 SER A C   1 
ATOM   798  O O   . SER A 1 104 ? -15.111 -0.691  1.122   1.00 33.95 ? 114 SER A O   1 
ATOM   799  C CB  . SER A 1 104 ? -16.899 1.044   -0.681  1.00 34.52 ? 114 SER A CB  1 
ATOM   800  O OG  . SER A 1 104 ? -17.919 0.068   -0.551  1.00 34.50 ? 114 SER A OG  1 
ATOM   801  N N   . LYS A 1 105 ? -16.870 -0.204  2.445   1.00 34.29 ? 115 LYS A N   1 
ATOM   802  C CA  . LYS A 1 105 ? -16.717 -1.405  3.246   1.00 35.23 ? 115 LYS A CA  1 
ATOM   803  C C   . LYS A 1 105 ? -17.040 -2.674  2.475   1.00 35.98 ? 115 LYS A C   1 
ATOM   804  O O   . LYS A 1 105 ? -16.498 -3.737  2.759   1.00 35.61 ? 115 LYS A O   1 
ATOM   805  N N   . LYS A 1 106 ? -17.933 -2.566  1.499   1.00 35.29 ? 116 LYS A N   1 
ATOM   806  C CA  . LYS A 1 106 ? -18.325 -3.710  0.693   1.00 34.87 ? 116 LYS A CA  1 
ATOM   807  C C   . LYS A 1 106 ? -17.147 -4.335  -0.048  1.00 34.94 ? 116 LYS A C   1 
ATOM   808  O O   . LYS A 1 106 ? -17.293 -5.370  -0.702  1.00 34.49 ? 116 LYS A O   1 
ATOM   809  C CB  . LYS A 1 106 ? -19.413 -3.302  -0.313  1.00 36.27 ? 116 LYS A CB  1 
ATOM   810  C CG  . LYS A 1 106 ? -18.912 -2.602  -1.584  1.00 35.22 ? 116 LYS A CG  1 
ATOM   811  C CD  . LYS A 1 106 ? -19.951 -2.740  -2.720  1.00 36.82 ? 116 LYS A CD  1 
ATOM   812  C CE  . LYS A 1 106 ? -19.567 -1.985  -4.009  1.00 38.02 ? 116 LYS A CE  1 
ATOM   813  N NZ  . LYS A 1 106 ? -20.418 -0.763  -4.231  1.00 38.48 ? 116 LYS A NZ  1 
ATOM   814  N N   . TYR A 1 107 ? -15.979 -3.706  0.056   1.00 33.66 ? 117 TYR A N   1 
ATOM   815  C CA  . TYR A 1 107 ? -14.792 -4.208  -0.618  1.00 31.55 ? 117 TYR A CA  1 
ATOM   816  C C   . TYR A 1 107 ? -13.820 -4.922  0.304   1.00 30.94 ? 117 TYR A C   1 
ATOM   817  O O   . TYR A 1 107 ? -12.753 -5.342  -0.132  1.00 31.01 ? 117 TYR A O   1 
ATOM   818  C CB  . TYR A 1 107 ? -14.087 -3.081  -1.383  1.00 32.36 ? 117 TYR A CB  1 
ATOM   819  C CG  . TYR A 1 107 ? -14.811 -2.690  -2.655  1.00 33.48 ? 117 TYR A CG  1 
ATOM   820  C CD1 . TYR A 1 107 ? -15.258 -3.665  -3.547  1.00 34.17 ? 117 TYR A CD1 1 
ATOM   821  C CD2 . TYR A 1 107 ? -15.076 -1.354  -2.956  1.00 34.10 ? 117 TYR A CD2 1 
ATOM   822  C CE1 . TYR A 1 107 ? -15.959 -3.325  -4.703  1.00 34.59 ? 117 TYR A CE1 1 
ATOM   823  C CE2 . TYR A 1 107 ? -15.776 -0.998  -4.115  1.00 33.42 ? 117 TYR A CE2 1 
ATOM   824  C CZ  . TYR A 1 107 ? -16.219 -1.990  -4.982  1.00 35.20 ? 117 TYR A CZ  1 
ATOM   825  O OH  . TYR A 1 107 ? -16.954 -1.664  -6.102  1.00 34.78 ? 117 TYR A OH  1 
ATOM   826  N N   . MET A 1 108 ? -14.201 -5.060  1.572   1.00 30.74 ? 118 MET A N   1 
ATOM   827  C CA  . MET A 1 108 ? -13.387 -5.761  2.561   1.00 30.35 ? 118 MET A CA  1 
ATOM   828  C C   . MET A 1 108 ? -13.688 -7.239  2.381   1.00 30.30 ? 118 MET A C   1 
ATOM   829  O O   . MET A 1 108 ? -14.835 -7.605  2.124   1.00 30.00 ? 118 MET A O   1 
ATOM   830  C CB  . MET A 1 108 ? -13.780 -5.352  3.975   1.00 30.63 ? 118 MET A CB  1 
ATOM   831  C CG  . MET A 1 108 ? -13.463 -3.920  4.341   1.00 32.44 ? 118 MET A CG  1 
ATOM   832  S SD  . MET A 1 108 ? -13.935 -3.578  6.053   1.00 31.65 ? 118 MET A SD  1 
ATOM   833  C CE  . MET A 1 108 ? -12.636 -4.421  6.891   1.00 30.47 ? 118 MET A CE  1 
ATOM   834  N N   . LEU A 1 109 ? -12.676 -8.089  2.509   1.00 30.11 ? 119 LEU A N   1 
ATOM   835  C CA  . LEU A 1 109 ? -12.884 -9.529  2.352   1.00 31.20 ? 119 LEU A CA  1 
ATOM   836  C C   . LEU A 1 109 ? -13.529 -9.887  1.015   1.00 29.64 ? 119 LEU A C   1 
ATOM   837  O O   . LEU A 1 109 ? -14.352 -10.792 0.943   1.00 29.14 ? 119 LEU A O   1 
ATOM   838  C CB  . LEU A 1 109 ? -13.770 -10.057 3.480   1.00 32.18 ? 119 LEU A CB  1 
ATOM   839  C CG  . LEU A 1 109 ? -13.265 -9.901  4.914   1.00 34.83 ? 119 LEU A CG  1 
ATOM   840  C CD1 . LEU A 1 109 ? -14.335 -10.411 5.868   1.00 36.51 ? 119 LEU A CD1 1 
ATOM   841  C CD2 . LEU A 1 109 ? -11.966 -10.677 5.105   1.00 35.91 ? 119 LEU A CD2 1 
ATOM   842  N N   . TYR A 1 110 ? -13.141 -9.180  -0.038  1.00 29.08 ? 120 TYR A N   1 
ATOM   843  C CA  . TYR A 1 110 ? -13.684 -9.401  -1.377  1.00 28.08 ? 120 TYR A CA  1 
ATOM   844  C C   . TYR A 1 110 ? -13.283 -10.776 -1.929  1.00 27.71 ? 120 TYR A C   1 
ATOM   845  O O   . TYR A 1 110 ? -12.118 -11.153 -1.887  1.00 28.67 ? 120 TYR A O   1 
ATOM   846  C CB  . TYR A 1 110 ? -13.171 -8.289  -2.294  1.00 26.24 ? 120 TYR A CB  1 
ATOM   847  C CG  . TYR A 1 110 ? -14.005 -8.015  -3.525  1.00 26.84 ? 120 TYR A CG  1 
ATOM   848  C CD1 . TYR A 1 110 ? -15.248 -7.385  -3.432  1.00 24.17 ? 120 TYR A CD1 1 
ATOM   849  C CD2 . TYR A 1 110 ? -13.535 -8.361  -4.794  1.00 28.04 ? 120 TYR A CD2 1 
ATOM   850  C CE1 . TYR A 1 110 ? -15.997 -7.102  -4.578  1.00 25.13 ? 120 TYR A CE1 1 
ATOM   851  C CE2 . TYR A 1 110 ? -14.275 -8.084  -5.941  1.00 26.95 ? 120 TYR A CE2 1 
ATOM   852  C CZ  . TYR A 1 110 ? -15.500 -7.460  -5.827  1.00 25.66 ? 120 TYR A CZ  1 
ATOM   853  O OH  . TYR A 1 110 ? -16.211 -7.207  -6.971  1.00 26.51 ? 120 TYR A OH  1 
ATOM   854  N N   . PRO A 1 111 ? -14.251 -11.547 -2.451  1.00 27.47 ? 121 PRO A N   1 
ATOM   855  C CA  . PRO A 1 111 ? -13.965 -12.876 -3.002  1.00 28.67 ? 121 PRO A CA  1 
ATOM   856  C C   . PRO A 1 111 ? -13.082 -12.853 -4.249  1.00 28.17 ? 121 PRO A C   1 
ATOM   857  O O   . PRO A 1 111 ? -13.218 -12.007 -5.130  1.00 28.71 ? 121 PRO A O   1 
ATOM   858  C CB  . PRO A 1 111 ? -15.356 -13.442 -3.278  1.00 28.02 ? 121 PRO A CB  1 
ATOM   859  C CG  . PRO A 1 111 ? -16.132 -12.234 -3.641  1.00 27.87 ? 121 PRO A CG  1 
ATOM   860  C CD  . PRO A 1 111 ? -15.681 -11.235 -2.584  1.00 29.55 ? 121 PRO A CD  1 
ATOM   861  N N   . ASP A 1 112 ? -12.179 -13.816 -4.310  1.00 27.52 ? 122 ASP A N   1 
ATOM   862  C CA  . ASP A 1 112 ? -11.247 -13.922 -5.410  1.00 27.02 ? 122 ASP A CA  1 
ATOM   863  C C   . ASP A 1 112 ? -11.864 -13.965 -6.796  1.00 26.24 ? 122 ASP A C   1 
ATOM   864  O O   . ASP A 1 112 ? -11.468 -13.204 -7.665  1.00 26.04 ? 122 ASP A O   1 
ATOM   865  C CB  . ASP A 1 112 ? -10.362 -15.147 -5.207  1.00 28.48 ? 122 ASP A CB  1 
ATOM   866  C CG  . ASP A 1 112 ? -9.364  -15.327 -6.326  1.00 29.92 ? 122 ASP A CG  1 
ATOM   867  O OD1 . ASP A 1 112 ? -9.803  -15.704 -7.433  1.00 30.88 ? 122 ASP A OD1 1 
ATOM   868  O OD2 . ASP A 1 112 ? -8.151  -15.083 -6.108  1.00 29.60 ? 122 ASP A OD2 1 
ATOM   869  N N   . PHE A 1 113 ? -12.833 -14.845 -7.001  1.00 26.60 ? 124 PHE A N   1 
ATOM   870  C CA  . PHE A 1 113 ? -13.451 -14.995 -8.313  1.00 27.65 ? 124 PHE A CA  1 
ATOM   871  C C   . PHE A 1 113 ? -14.030 -13.700 -8.899  1.00 28.76 ? 124 PHE A C   1 
ATOM   872  O O   . PHE A 1 113 ? -14.250 -13.615 -10.105 1.00 28.06 ? 124 PHE A O   1 
ATOM   873  C CB  . PHE A 1 113 ? -14.551 -16.058 -8.262  1.00 24.95 ? 124 PHE A CB  1 
ATOM   874  C CG  . PHE A 1 113 ? -15.846 -15.548 -7.714  1.00 25.05 ? 124 PHE A CG  1 
ATOM   875  C CD1 . PHE A 1 113 ? -15.935 -15.103 -6.399  1.00 23.97 ? 124 PHE A CD1 1 
ATOM   876  C CD2 . PHE A 1 113 ? -16.971 -15.469 -8.523  1.00 23.26 ? 124 PHE A CD2 1 
ATOM   877  C CE1 . PHE A 1 113 ? -17.130 -14.595 -5.900  1.00 23.55 ? 124 PHE A CE1 1 
ATOM   878  C CE2 . PHE A 1 113 ? -18.166 -14.963 -8.033  1.00 23.18 ? 124 PHE A CE2 1 
ATOM   879  C CZ  . PHE A 1 113 ? -18.245 -14.522 -6.721  1.00 23.56 ? 124 PHE A CZ  1 
ATOM   880  N N   . LEU A 1 114 ? -14.280 -12.691 -8.072  1.00 30.51 ? 125 LEU A N   1 
ATOM   881  C CA  . LEU A 1 114 ? -14.838 -11.444 -8.595  1.00 32.81 ? 125 LEU A CA  1 
ATOM   882  C C   . LEU A 1 114 ? -13.778 -10.583 -9.239  1.00 34.16 ? 125 LEU A C   1 
ATOM   883  O O   . LEU A 1 114 ? -14.081 -9.549  -9.842  1.00 33.92 ? 125 LEU A O   1 
ATOM   884  C CB  . LEU A 1 114 ? -15.529 -10.651 -7.484  1.00 33.11 ? 125 LEU A CB  1 
ATOM   885  C CG  . LEU A 1 114 ? -16.868 -11.215 -7.045  1.00 34.55 ? 125 LEU A CG  1 
ATOM   886  C CD1 . LEU A 1 114 ? -17.521 -10.221 -6.110  1.00 35.68 ? 125 LEU A CD1 1 
ATOM   887  C CD2 . LEU A 1 114 ? -17.726 -11.458 -8.280  1.00 33.74 ? 125 LEU A CD2 1 
ATOM   888  N N   . CYS A 1 115 ? -12.531 -11.010 -9.092  1.00 35.26 ? 126 CYS A N   1 
ATOM   889  C CA  . CYS A 1 115 ? -11.422 -10.274 -9.657  1.00 36.24 ? 126 CYS A CA  1 
ATOM   890  C C   . CYS A 1 115 ? -11.027 -10.853 -10.993 1.00 40.27 ? 126 CYS A C   1 
ATOM   891  O O   . CYS A 1 115 ? -10.125 -11.681 -11.113 1.00 39.54 ? 126 CYS A O   1 
ATOM   892  C CB  . CYS A 1 115 ? -10.245 -10.267 -8.686  1.00 32.51 ? 126 CYS A CB  1 
ATOM   893  S SG  . CYS A 1 115 ? -10.714 -9.411  -7.136  1.00 24.10 ? 126 CYS A SG  1 
ATOM   894  N N   . LYS A 1 116 ? -11.739 -10.375 -12.002 1.00 44.68 ? 127 LYS A N   1 
ATOM   895  C CA  . LYS A 1 116 ? -11.542 -10.764 -13.387 1.00 50.57 ? 127 LYS A CA  1 
ATOM   896  C C   . LYS A 1 116 ? -11.006 -9.586  -14.198 1.00 52.30 ? 127 LYS A C   1 
ATOM   897  O O   . LYS A 1 116 ? -11.251 -8.418  -13.879 1.00 51.98 ? 127 LYS A O   1 
ATOM   898  C CB  . LYS A 1 116 ? -12.858 -11.260 -13.996 1.00 52.84 ? 127 LYS A CB  1 
ATOM   899  C CG  . LYS A 1 116 ? -13.446 -12.485 -13.320 1.00 55.85 ? 127 LYS A CG  1 
ATOM   900  C CD  . LYS A 1 116 ? -14.743 -12.883 -14.014 1.00 57.59 ? 127 LYS A CD  1 
ATOM   901  C CE  . LYS A 1 116 ? -15.368 -14.134 -13.414 1.00 59.15 ? 127 LYS A CE  1 
ATOM   902  N NZ  . LYS A 1 116 ? -15.875 -13.930 -12.022 1.00 58.61 ? 127 LYS A NZ  1 
ATOM   903  N N   . GLY A 1 117 ? -10.272 -9.917  -15.253 1.00 53.68 ? 128 GLY A N   1 
ATOM   904  C CA  . GLY A 1 117 ? -9.692  -8.895  -16.094 1.00 56.08 ? 128 GLY A CA  1 
ATOM   905  C C   . GLY A 1 117 ? -8.190  -9.020  -16.094 1.00 58.07 ? 128 GLY A C   1 
ATOM   906  O O   . GLY A 1 117 ? -7.630  -9.873  -15.397 1.00 57.43 ? 128 GLY A O   1 
ATOM   907  N N   . GLU A 1 118 ? -7.545  -8.180  -16.894 1.00 58.95 ? 129 GLU A N   1 
ATOM   908  C CA  . GLU A 1 118 ? -6.092  -8.175  -16.988 1.00 59.40 ? 129 GLU A CA  1 
ATOM   909  C C   . GLU A 1 118 ? -5.648  -6.722  -16.872 1.00 57.87 ? 129 GLU A C   1 
ATOM   910  O O   . GLU A 1 118 ? -6.362  -5.810  -17.286 1.00 57.44 ? 129 GLU A O   1 
ATOM   911  C CB  . GLU A 1 118 ? -5.631  -8.743  -18.338 1.00 61.77 ? 129 GLU A CB  1 
ATOM   912  C CG  . GLU A 1 118 ? -5.131  -7.693  -19.316 1.00 66.07 ? 129 GLU A CG  1 
ATOM   913  C CD  . GLU A 1 118 ? -5.944  -7.634  -20.598 1.00 69.05 ? 129 GLU A CD  1 
ATOM   914  O OE1 . GLU A 1 118 ? -6.926  -8.397  -20.715 1.00 71.35 ? 129 GLU A OE1 1 
ATOM   915  O OE2 . GLU A 1 118 ? -5.596  -6.825  -21.490 1.00 70.37 ? 129 GLU A OE2 1 
ATOM   916  N N   . LEU A 1 119 ? -4.463  -6.510  -16.314 1.00 55.62 ? 130 LEU A N   1 
ATOM   917  C CA  . LEU A 1 119 ? -3.930  -5.170  -16.160 1.00 53.70 ? 130 LEU A CA  1 
ATOM   918  C C   . LEU A 1 119 ? -2.420  -5.185  -15.984 1.00 52.27 ? 130 LEU A C   1 
ATOM   919  O O   . LEU A 1 119 ? -1.882  -5.884  -15.119 1.00 51.13 ? 130 LEU A O   1 
ATOM   920  C CB  . LEU A 1 119 ? -4.576  -4.479  -14.970 1.00 54.38 ? 130 LEU A CB  1 
ATOM   921  C CG  . LEU A 1 119 ? -4.621  -2.961  -15.112 1.00 55.12 ? 130 LEU A CG  1 
ATOM   922  C CD1 . LEU A 1 119 ? -5.201  -2.617  -16.472 1.00 54.90 ? 130 LEU A CD1 1 
ATOM   923  C CD2 . LEU A 1 119 ? -5.455  -2.366  -13.985 1.00 55.47 ? 130 LEU A CD2 1 
ATOM   924  N N   . LYS A 1 120 ? -1.746  -4.404  -16.822 1.00 50.47 ? 131 LYS A N   1 
ATOM   925  C CA  . LYS A 1 120 ? -0.295  -4.309  -16.813 1.00 46.95 ? 131 LYS A CA  1 
ATOM   926  C C   . LYS A 1 120 ? 0.164   -3.046  -16.084 1.00 44.58 ? 131 LYS A C   1 
ATOM   927  O O   . LYS A 1 120 ? -0.524  -2.024  -16.108 1.00 44.83 ? 131 LYS A O   1 
ATOM   928  C CB  . LYS A 1 120 ? 0.201   -4.287  -18.257 1.00 47.26 ? 131 LYS A CB  1 
ATOM   929  C CG  . LYS A 1 120 ? 1.548   -4.932  -18.469 1.00 49.74 ? 131 LYS A CG  1 
ATOM   930  C CD  . LYS A 1 120 ? 1.872   -5.051  -19.953 1.00 51.46 ? 131 LYS A CD  1 
ATOM   931  C CE  . LYS A 1 120 ? 2.186   -3.694  -20.581 1.00 53.69 ? 131 LYS A CE  1 
ATOM   932  N NZ  . LYS A 1 120 ? 2.690   -3.830  -21.982 1.00 55.56 ? 131 LYS A NZ  1 
ATOM   933  N N   . CYS A 1 121 ? 1.336   -3.110  -15.461 1.00 40.87 ? 133 CYS A N   1 
ATOM   934  C CA  . CYS A 1 121 ? 1.872   -1.969  -14.728 1.00 38.48 ? 133 CYS A CA  1 
ATOM   935  C C   . CYS A 1 121 ? 2.439   -0.896  -15.655 1.00 39.45 ? 133 CYS A C   1 
ATOM   936  O O   . CYS A 1 121 ? 2.623   -1.190  -16.858 1.00 40.35 ? 133 CYS A O   1 
ATOM   937  C CB  . CYS A 1 121 ? 2.961   -2.433  -13.763 1.00 34.89 ? 133 CYS A CB  1 
ATOM   938  S SG  . CYS A 1 121 ? 2.408   -3.428  -12.336 1.00 26.37 ? 133 CYS A SG  1 
ATOM   939  O OXT . CYS A 1 121 ? 2.696   0.224   -15.157 1.00 39.63 ? 133 CYS A OXT 1 
ATOM   940  N N   . ALA B 2 1   ? 1.086   -9.302  11.039  1.00 62.41 ? 1   ALA P N   1 
ATOM   941  C CA  . ALA B 2 1   ? 0.746   -9.701  9.679   1.00 63.52 ? 1   ALA P CA  1 
ATOM   942  C C   . ALA B 2 1   ? 1.330   -8.762  8.641   1.00 64.27 ? 1   ALA P C   1 
ATOM   943  O O   . ALA B 2 1   ? 2.547   -8.584  8.576   1.00 63.81 ? 1   ALA P O   1 
ATOM   944  C CB  . ALA B 2 1   ? -0.756  -9.876  9.511   1.00 62.95 ? 1   ALA P CB  1 
ATOM   945  N N   . ILE B 2 2   ? 0.449   -8.133  7.813   1.00 64.82 ? 2   ILE P N   1 
ATOM   946  C CA  . ILE B 2 2   ? 0.824   -7.295  6.617   1.00 65.53 ? 2   ILE P CA  1 
ATOM   947  C C   . ILE B 2 2   ? -0.089  -6.005  6.347   1.00 67.14 ? 2   ILE P C   1 
ATOM   948  O O   . ILE B 2 2   ? -1.134  -5.881  7.003   1.00 67.26 ? 2   ILE P O   1 
ATOM   949  C CB  . ILE B 2 2   ? 0.638   -8.208  5.348   1.00 63.97 ? 2   ILE P CB  1 
ATOM   950  C CG1 . ILE B 2 2   ? 1.691   -9.283  5.121   1.00 63.17 ? 2   ILE P CG1 1 
ATOM   951  C CG2 . ILE B 2 2   ? 0.579   -7.333  4.106   1.00 61.57 ? 2   ILE P CG2 1 
ATOM   952  C CD1 . ILE B 2 2   ? 1.539   -10.049 3.828   1.00 61.30 ? 2   ILE P CD1 1 
ATOM   953  N N   . ALA B 2 3   ? 0.248   -5.024  5.353   1.00 69.37 ? 3   ALA P N   1 
ATOM   954  C CA  . ALA B 2 3   ? -0.551  -3.776  4.826   1.00 70.17 ? 3   ALA P CA  1 
ATOM   955  C C   . ALA B 2 3   ? -0.704  -4.074  3.275   1.00 71.08 ? 3   ALA P C   1 
ATOM   956  O O   . ALA B 2 3   ? -0.754  -5.268  2.976   1.00 72.41 ? 3   ALA P O   1 
ATOM   957  C CB  . ALA B 2 3   ? 0.184   -2.480  5.073   1.00 68.47 ? 3   ALA P CB  1 
ATOM   958  N N   . SER B 2 4   ? -0.717  -3.176  2.274   1.00 71.53 ? 4   SER P N   1 
ATOM   959  C CA  . SER B 2 4   ? -0.740  -3.661  0.857   1.00 72.58 ? 4   SER P CA  1 
ATOM   960  C C   . SER B 2 4   ? 0.577   -4.383  0.550   1.00 73.68 ? 4   SER P C   1 
ATOM   961  O O   . SER B 2 4   ? 1.571   -4.184  1.245   1.00 72.94 ? 4   SER P O   1 
ATOM   962  C CB  . SER B 2 4   ? -0.983  -2.533  -0.175  1.00 70.75 ? 4   SER P CB  1 
ATOM   963  O OG  . SER B 2 4   ? -0.510  -2.910  -1.456  1.00 72.26 ? 4   SER P OG  1 
HETATM 964  O O   . HOH C 3 .   ? 0.163   3.856   -4.286  1.00 26.60 ? 134 HOH A O   1 
HETATM 965  O O   . HOH C 3 .   ? 7.696   -1.916  3.677   1.00 24.11 ? 135 HOH A O   1 
HETATM 966  O O   . HOH C 3 .   ? 15.576  -4.572  -7.294  1.00 16.79 ? 136 HOH A O   1 
HETATM 967  O O   . HOH C 3 .   ? -0.104  -4.930  -10.219 1.00 30.67 ? 137 HOH A O   1 
HETATM 968  O O   . HOH C 3 .   ? 1.132   -4.754  12.348  1.00 30.73 ? 138 HOH A O   1 
HETATM 969  O O   . HOH C 3 .   ? 15.882  16.878  10.631  1.00 42.40 ? 139 HOH A O   1 
HETATM 970  O O   . HOH C 3 .   ? 14.724  5.216   3.797   1.00 32.41 ? 140 HOH A O   1 
HETATM 971  O O   . HOH C 3 .   ? -19.629 1.440   2.070   1.00 35.61 ? 141 HOH A O   1 
HETATM 972  O O   . HOH C 3 .   ? -3.709  8.841   12.684  1.00 24.64 ? 142 HOH A O   1 
HETATM 973  O O   . HOH C 3 .   ? -7.231  -8.179  -1.959  1.00 45.36 ? 143 HOH A O   1 
HETATM 974  O O   . HOH C 3 .   ? -6.136  -10.378 1.002   1.00 47.77 ? 144 HOH A O   1 
HETATM 975  O O   . HOH C 3 .   ? 22.370  0.658   -0.876  1.00 19.39 ? 145 HOH A O   1 
HETATM 976  O O   . HOH C 3 .   ? 6.175   -2.634  -11.653 1.00 26.83 ? 146 HOH A O   1 
HETATM 977  O O   . HOH C 3 .   ? -11.714 9.252   -3.829  1.00 22.46 ? 147 HOH A O   1 
HETATM 978  O O   . HOH C 3 .   ? 6.265   8.864   -3.458  1.00 25.18 ? 148 HOH A O   1 
HETATM 979  O O   . HOH C 3 .   ? 13.722  12.266  1.380   1.00 36.58 ? 149 HOH A O   1 
HETATM 980  O O   . HOH C 3 .   ? 3.911   13.521  2.831   1.00 35.91 ? 150 HOH A O   1 
HETATM 981  O O   . HOH C 3 .   ? -11.603 4.091   -2.724  1.00 19.10 ? 151 HOH A O   1 
HETATM 982  O O   . HOH C 3 .   ? -1.177  -6.998  -2.894  1.00 12.49 ? 152 HOH A O   1 
HETATM 983  O O   . HOH C 3 .   ? -1.874  -1.481  -18.359 1.00 49.32 ? 153 HOH A O   1 
HETATM 984  O O   . HOH C 3 .   ? 7.656   4.507   16.926  1.00 53.13 ? 154 HOH A O   1 
HETATM 985  O O   . HOH C 3 .   ? -8.689  -11.248 -13.129 1.00 53.45 ? 155 HOH A O   1 
HETATM 986  O O   . HOH C 3 .   ? 4.031   2.185   -16.556 1.00 16.23 ? 156 HOH A O   1 
HETATM 987  O O   . HOH C 3 .   ? 4.076   7.265   15.834  1.00 39.34 ? 157 HOH A O   1 
HETATM 988  O O   . HOH C 3 .   ? 10.619  4.260   -5.244  1.00 23.93 ? 158 HOH A O   1 
HETATM 989  O O   . HOH C 3 .   ? 2.731   3.269   -4.400  1.00 17.63 ? 159 HOH A O   1 
HETATM 990  O O   . HOH C 3 .   ? 16.641  -3.727  8.091   1.00 58.87 ? 160 HOH A O   1 
HETATM 991  O O   . HOH C 3 .   ? 19.541  -5.452  -4.052  1.00 15.73 ? 161 HOH A O   1 
HETATM 992  O O   . HOH C 3 .   ? 10.748  11.397  1.530   1.00 40.57 ? 162 HOH A O   1 
HETATM 993  O O   . HOH C 3 .   ? -12.866 10.733  -2.090  1.00 50.61 ? 163 HOH A O   1 
HETATM 994  O O   . HOH C 3 .   ? 15.720  8.215   12.612  1.00 32.19 ? 164 HOH A O   1 
HETATM 995  O O   . HOH C 3 .   ? -19.528 -2.727  -7.643  1.00 25.62 ? 165 HOH A O   1 
HETATM 996  O O   . HOH C 3 .   ? -13.665 5.022   -6.567  1.00 38.94 ? 166 HOH A O   1 
HETATM 997  O O   . HOH C 3 .   ? -15.327 -9.315  -12.395 1.00 41.81 ? 167 HOH A O   1 
HETATM 998  O O   . HOH C 3 .   ? -1.405  -4.973  13.673  1.00 54.50 ? 168 HOH A O   1 
HETATM 999  O O   . HOH C 3 .   ? 5.543   9.352   16.243  1.00 55.86 ? 169 HOH A O   1 
HETATM 1000 O O   . HOH C 3 .   ? -7.481  6.411   -8.690  1.00 60.83 ? 170 HOH A O   1 
HETATM 1001 O O   . HOH C 3 .   ? 11.924  -10.398 -5.353  1.00 45.02 ? 171 HOH A O   1 
HETATM 1002 O O   . HOH C 3 .   ? 8.100   12.629  12.908  1.00 30.44 ? 172 HOH A O   1 
HETATM 1003 O O   . HOH C 3 .   ? 7.710   22.819  12.986  1.00 44.36 ? 173 HOH A O   1 
HETATM 1004 O O   . HOH C 3 .   ? -6.093  5.647   -6.814  1.00 21.56 ? 174 HOH A O   1 
HETATM 1005 O O   . HOH C 3 .   ? 17.012  -7.106  -0.795  1.00 35.23 ? 175 HOH A O   1 
HETATM 1006 O O   . HOH C 3 .   ? 16.123  2.253   15.390  1.00 35.09 ? 176 HOH A O   1 
HETATM 1007 O O   . HOH C 3 .   ? 2.341   -1.785  12.710  1.00 46.79 ? 177 HOH A O   1 
HETATM 1008 O O   . HOH C 3 .   ? 15.834  4.095   5.861   1.00 52.09 ? 178 HOH A O   1 
HETATM 1009 O O   . HOH C 3 .   ? 17.670  -4.457  -5.919  1.00 44.91 ? 179 HOH A O   1 
HETATM 1010 O O   . HOH C 3 .   ? 2.178   8.405   6.743   1.00 57.10 ? 180 HOH A O   1 
HETATM 1011 O O   . HOH C 3 .   ? -1.633  -2.994  11.355  1.00 45.86 ? 181 HOH A O   1 
HETATM 1012 O O   . HOH C 3 .   ? -1.175  5.749   -6.274  1.00 15.48 ? 182 HOH A O   1 
HETATM 1013 O O   . HOH C 3 .   ? -12.981 -5.891  -14.938 1.00 49.84 ? 183 HOH A O   1 
# 
